data_8TH5
#
_entry.id   8TH5
#
_cell.length_a   61.600
_cell.length_b   69.450
_cell.length_c   101.040
_cell.angle_alpha   70.66
_cell.angle_beta   76.86
_cell.angle_gamma   88.31
#
_symmetry.space_group_name_H-M   'P 1'
#
loop_
_entity.id
_entity.type
_entity.pdbx_description
1 polymer 'Ras GTPase-activating protein-binding protein 1'
2 polymer Nucleoprotein
3 water water
#
loop_
_entity_poly.entity_id
_entity_poly.type
_entity_poly.pdbx_seq_one_letter_code
_entity_poly.pdbx_strand_id
1 'polypeptide(L)'
;MVMEKPSPLLVGREFVRQYYTLLNQAPDMLHRFYGKNSSYVHGGLDSNGKPADAVYGQKEIHRKVMSQNFTNCHTKIRHV
DAHATLNDGVVVQVMGLLSNNNQALRRFMQTFVLAPEGSVANKFYVHNDIFRYQDEVFG
;
A,B,C,D,E,F,G,H,I,J
2 'polypeptide(L)' MSDNGPQNQRNALRITFGGPSDSTG K,P,L,M,O,Q,N
#
# COMPACT_ATOMS: atom_id res chain seq x y z
N LYS A 5 -12.37 7.51 19.83
CA LYS A 5 -13.00 7.11 18.54
C LYS A 5 -14.20 8.02 18.27
N PRO A 6 -14.62 8.20 17.00
CA PRO A 6 -15.85 8.93 16.69
C PRO A 6 -17.07 8.00 16.76
N SER A 7 -18.22 8.54 17.16
CA SER A 7 -19.45 7.76 17.24
C SER A 7 -19.56 6.76 16.09
N PRO A 8 -19.85 5.47 16.36
CA PRO A 8 -20.03 4.51 15.28
C PRO A 8 -21.08 5.05 14.32
N LEU A 9 -22.23 5.45 14.87
CA LEU A 9 -23.35 5.86 14.03
C LEU A 9 -22.92 6.99 13.10
N LEU A 10 -21.88 7.74 13.49
CA LEU A 10 -21.40 8.83 12.67
C LEU A 10 -20.59 8.31 11.48
N VAL A 11 -19.66 7.38 11.74
CA VAL A 11 -18.92 6.69 10.68
C VAL A 11 -19.94 6.06 9.75
N GLY A 12 -21.00 5.48 10.36
CA GLY A 12 -22.07 4.81 9.65
C GLY A 12 -22.80 5.75 8.69
N ARG A 13 -23.24 6.88 9.22
CA ARG A 13 -23.95 7.86 8.43
C ARG A 13 -23.07 8.29 7.24
N GLU A 14 -21.83 8.70 7.55
CA GLU A 14 -20.98 9.39 6.59
C GLU A 14 -20.54 8.43 5.47
N PHE A 15 -20.14 7.21 5.84
CA PHE A 15 -19.81 6.20 4.85
C PHE A 15 -21.01 5.98 3.92
N VAL A 16 -22.17 5.67 4.52
CA VAL A 16 -23.43 5.44 3.82
C VAL A 16 -23.72 6.60 2.85
N ARG A 17 -23.84 7.82 3.38
CA ARG A 17 -23.97 9.03 2.57
C ARG A 17 -23.00 9.01 1.39
N GLN A 18 -21.75 8.59 1.67
CA GLN A 18 -20.67 8.71 0.71
C GLN A 18 -20.77 7.60 -0.34
N TYR A 19 -20.96 6.36 0.13
CA TYR A 19 -21.07 5.20 -0.76
C TYR A 19 -22.10 5.52 -1.84
N TYR A 20 -23.40 5.27 -1.69
N TYR A 20 -23.32 5.69 -1.32
CA TYR A 20 -24.20 5.23 -2.91
CA TYR A 20 -24.59 5.70 -2.02
C TYR A 20 -24.36 6.60 -3.56
C TYR A 20 -24.67 6.80 -3.08
N THR A 21 -23.61 7.62 -3.14
CA THR A 21 -23.57 8.83 -3.93
C THR A 21 -22.58 8.57 -5.06
N LEU A 22 -21.52 7.80 -4.73
CA LEU A 22 -20.62 7.22 -5.72
C LEU A 22 -21.38 6.34 -6.70
N LEU A 23 -22.33 5.54 -6.23
CA LEU A 23 -23.07 4.62 -7.10
C LEU A 23 -23.88 5.38 -8.15
N ASN A 24 -24.13 6.67 -7.90
CA ASN A 24 -24.92 7.50 -8.78
C ASN A 24 -24.04 8.47 -9.56
N GLN A 25 -22.90 8.91 -9.00
CA GLN A 25 -22.10 9.98 -9.59
C GLN A 25 -20.82 9.47 -10.25
N ALA A 26 -20.24 8.41 -9.67
CA ALA A 26 -19.04 7.77 -10.20
C ALA A 26 -18.88 6.40 -9.56
N PRO A 27 -19.54 5.34 -10.09
CA PRO A 27 -19.20 3.97 -9.73
C PRO A 27 -17.73 3.64 -9.97
N ASP A 28 -17.14 4.32 -10.96
CA ASP A 28 -15.80 4.03 -11.44
C ASP A 28 -14.75 4.45 -10.42
N MET A 29 -15.22 5.00 -9.29
CA MET A 29 -14.38 5.51 -8.22
C MET A 29 -14.67 4.78 -6.91
N LEU A 30 -15.53 3.75 -6.96
CA LEU A 30 -16.00 3.04 -5.77
C LEU A 30 -14.89 2.17 -5.22
N HIS A 31 -14.07 1.61 -6.11
CA HIS A 31 -12.98 0.71 -5.74
C HIS A 31 -12.07 1.28 -4.67
N ARG A 32 -11.83 2.61 -4.74
CA ARG A 32 -10.90 3.30 -3.85
C ARG A 32 -11.14 2.93 -2.38
N PHE A 33 -12.38 2.52 -2.07
CA PHE A 33 -12.79 2.31 -0.70
C PHE A 33 -12.32 0.97 -0.13
N TYR A 34 -11.73 0.09 -0.95
CA TYR A 34 -11.59 -1.31 -0.58
C TYR A 34 -10.12 -1.69 -0.43
N GLY A 35 -9.87 -2.61 0.51
CA GLY A 35 -8.54 -3.14 0.76
C GLY A 35 -8.21 -4.30 -0.18
N LYS A 36 -7.13 -5.04 0.14
CA LYS A 36 -6.68 -6.17 -0.68
C LYS A 36 -7.47 -7.43 -0.29
N ASN A 37 -7.86 -7.51 0.99
CA ASN A 37 -8.59 -8.65 1.53
C ASN A 37 -10.10 -8.39 1.48
N SER A 38 -10.45 -7.14 1.16
CA SER A 38 -11.84 -6.72 1.07
C SER A 38 -12.62 -7.66 0.16
N SER A 39 -13.71 -8.26 0.68
CA SER A 39 -14.67 -8.99 -0.13
C SER A 39 -15.80 -8.05 -0.56
N TYR A 40 -16.35 -8.28 -1.76
CA TYR A 40 -17.55 -7.60 -2.24
C TYR A 40 -18.47 -8.63 -2.90
N VAL A 41 -19.67 -8.77 -2.32
CA VAL A 41 -20.66 -9.75 -2.74
C VAL A 41 -21.92 -9.05 -3.24
N HIS A 42 -22.15 -9.09 -4.57
CA HIS A 42 -23.45 -8.80 -5.15
C HIS A 42 -23.86 -10.01 -6.00
N PRO A 51 -25.01 -17.93 -3.58
CA PRO A 51 -25.46 -16.84 -4.45
C PRO A 51 -24.38 -16.45 -5.45
N ALA A 52 -24.34 -15.18 -5.85
CA ALA A 52 -23.19 -14.62 -6.54
C ALA A 52 -21.98 -14.66 -5.60
N ASP A 53 -20.79 -14.94 -6.18
CA ASP A 53 -19.58 -15.18 -5.40
C ASP A 53 -18.87 -13.86 -5.14
N ALA A 54 -17.96 -13.87 -4.16
CA ALA A 54 -17.12 -12.73 -3.83
C ALA A 54 -15.97 -12.57 -4.81
N VAL A 55 -15.89 -11.40 -5.43
CA VAL A 55 -14.62 -10.88 -5.90
C VAL A 55 -13.88 -10.29 -4.69
N TYR A 56 -12.55 -10.19 -4.80
CA TYR A 56 -11.69 -9.72 -3.73
C TYR A 56 -10.70 -8.69 -4.27
N GLY A 57 -10.32 -7.73 -3.43
CA GLY A 57 -9.32 -6.73 -3.79
C GLY A 57 -9.87 -5.64 -4.70
N GLN A 58 -9.18 -4.48 -4.66
CA GLN A 58 -9.55 -3.27 -5.36
C GLN A 58 -9.72 -3.50 -6.87
N LYS A 59 -8.87 -4.33 -7.49
CA LYS A 59 -8.81 -4.49 -8.94
C LYS A 59 -10.02 -5.26 -9.49
N GLU A 60 -10.38 -6.40 -8.89
CA GLU A 60 -11.54 -7.17 -9.33
C GLU A 60 -12.84 -6.48 -8.91
N ILE A 61 -12.85 -5.84 -7.72
CA ILE A 61 -14.05 -5.20 -7.19
C ILE A 61 -14.47 -4.09 -8.16
N HIS A 62 -13.50 -3.43 -8.78
CA HIS A 62 -13.78 -2.40 -9.77
C HIS A 62 -14.46 -3.01 -10.99
N ARG A 63 -13.93 -4.16 -11.40
CA ARG A 63 -14.32 -4.88 -12.60
C ARG A 63 -15.79 -5.31 -12.47
N LYS A 64 -16.15 -5.74 -11.27
CA LYS A 64 -17.51 -6.16 -10.96
C LYS A 64 -18.45 -4.96 -10.93
N VAL A 65 -18.00 -3.84 -10.33
CA VAL A 65 -18.82 -2.65 -10.18
C VAL A 65 -19.17 -2.09 -11.56
N MET A 66 -18.17 -2.02 -12.46
CA MET A 66 -18.39 -1.53 -13.81
C MET A 66 -19.27 -2.48 -14.61
N SER A 67 -19.34 -3.76 -14.19
CA SER A 67 -20.13 -4.78 -14.86
C SER A 67 -21.63 -4.59 -14.56
N GLN A 68 -21.95 -3.94 -13.45
CA GLN A 68 -23.33 -3.78 -13.01
C GLN A 68 -23.97 -2.59 -13.74
N ASN A 69 -23.14 -1.79 -14.41
CA ASN A 69 -23.59 -0.72 -15.29
C ASN A 69 -24.61 0.15 -14.53
N PHE A 70 -24.24 0.52 -13.29
CA PHE A 70 -24.96 1.47 -12.47
C PHE A 70 -25.22 2.75 -13.27
N THR A 71 -26.48 3.03 -13.59
CA THR A 71 -26.86 4.19 -14.41
C THR A 71 -28.04 4.90 -13.73
N ASN A 72 -27.93 6.23 -13.59
CA ASN A 72 -28.95 7.07 -12.99
C ASN A 72 -29.51 6.35 -11.77
N CYS A 73 -28.62 6.05 -10.82
CA CYS A 73 -28.92 5.16 -9.70
C CYS A 73 -29.36 5.95 -8.48
N HIS A 74 -30.67 6.26 -8.36
CA HIS A 74 -31.23 6.94 -7.19
C HIS A 74 -31.38 5.92 -6.06
N THR A 75 -31.25 6.37 -4.80
CA THR A 75 -31.22 5.46 -3.67
C THR A 75 -31.96 6.06 -2.47
N LYS A 76 -32.88 5.28 -1.87
CA LYS A 76 -33.67 5.72 -0.73
C LYS A 76 -33.27 4.89 0.51
N ILE A 77 -32.74 5.57 1.55
CA ILE A 77 -32.33 4.95 2.80
C ILE A 77 -33.45 5.05 3.84
N ARG A 78 -33.95 3.90 4.29
CA ARG A 78 -35.11 3.84 5.14
C ARG A 78 -34.65 3.52 6.56
N HIS A 79 -33.48 2.91 6.70
CA HIS A 79 -32.85 2.86 8.02
C HIS A 79 -31.38 2.52 7.91
N VAL A 80 -30.65 2.82 8.99
CA VAL A 80 -29.23 2.51 9.10
C VAL A 80 -28.96 2.17 10.55
N ASP A 81 -28.51 0.92 10.79
CA ASP A 81 -27.91 0.53 12.05
C ASP A 81 -26.40 0.47 11.82
N ALA A 82 -25.65 0.93 12.83
CA ALA A 82 -24.19 0.96 12.79
C ALA A 82 -23.65 0.82 14.20
N HIS A 83 -22.89 -0.25 14.44
CA HIS A 83 -22.41 -0.62 15.76
C HIS A 83 -20.90 -0.84 15.76
N ALA A 84 -20.26 -0.43 16.85
CA ALA A 84 -18.88 -0.76 17.11
C ALA A 84 -18.73 -2.27 17.04
N THR A 85 -17.67 -2.71 16.36
CA THR A 85 -17.35 -4.13 16.21
C THR A 85 -15.85 -4.28 16.52
N LEU A 86 -15.39 -5.53 16.61
CA LEU A 86 -14.00 -5.84 16.94
C LEU A 86 -13.01 -5.02 16.09
N ASN A 87 -11.83 -4.74 16.68
CA ASN A 87 -10.74 -3.98 16.07
C ASN A 87 -11.13 -2.53 15.88
N ASP A 88 -11.99 -2.00 16.75
CA ASP A 88 -12.44 -0.63 16.63
C ASP A 88 -12.96 -0.42 15.21
N GLY A 89 -13.61 -1.46 14.68
CA GLY A 89 -14.33 -1.39 13.42
C GLY A 89 -15.80 -1.00 13.66
N VAL A 90 -16.55 -0.92 12.56
CA VAL A 90 -17.98 -0.66 12.61
C VAL A 90 -18.66 -1.58 11.60
N VAL A 91 -19.62 -2.38 12.08
CA VAL A 91 -20.55 -3.09 11.22
C VAL A 91 -21.74 -2.15 10.95
N VAL A 92 -22.38 -2.33 9.78
CA VAL A 92 -23.42 -1.47 9.28
C VAL A 92 -24.44 -2.31 8.52
N GLN A 93 -25.72 -2.15 8.87
CA GLN A 93 -26.80 -2.62 8.03
C GLN A 93 -27.53 -1.41 7.46
N VAL A 94 -27.74 -1.41 6.15
CA VAL A 94 -28.65 -0.47 5.52
C VAL A 94 -29.85 -1.24 4.96
N MET A 95 -31.05 -0.77 5.30
CA MET A 95 -32.26 -1.25 4.67
C MET A 95 -32.71 -0.14 3.73
N GLY A 96 -33.03 -0.46 2.48
CA GLY A 96 -33.34 0.62 1.55
C GLY A 96 -34.00 0.17 0.24
N LEU A 97 -34.37 1.17 -0.56
CA LEU A 97 -34.92 0.96 -1.89
C LEU A 97 -33.94 1.51 -2.91
N LEU A 98 -33.62 0.69 -3.92
CA LEU A 98 -32.69 1.05 -4.98
C LEU A 98 -33.32 0.73 -6.34
N SER A 99 -33.47 1.77 -7.19
CA SER A 99 -33.73 1.60 -8.60
C SER A 99 -32.38 1.67 -9.33
N ASN A 100 -32.30 1.15 -10.57
CA ASN A 100 -31.12 1.37 -11.40
C ASN A 100 -31.50 1.56 -12.86
N ASN A 101 -30.69 2.31 -13.60
CA ASN A 101 -30.85 2.50 -15.05
C ASN A 101 -32.33 2.63 -15.39
N ASN A 102 -33.10 3.25 -14.49
CA ASN A 102 -34.54 3.38 -14.62
C ASN A 102 -35.17 1.99 -14.62
N GLN A 103 -35.14 1.36 -13.44
CA GLN A 103 -36.01 0.24 -13.09
C GLN A 103 -36.86 0.69 -11.90
N ALA A 104 -37.84 -0.14 -11.50
CA ALA A 104 -38.68 0.16 -10.35
C ALA A 104 -37.85 0.04 -9.07
N LEU A 105 -38.09 0.94 -8.09
CA LEU A 105 -37.43 0.86 -6.78
C LEU A 105 -37.65 -0.53 -6.20
N ARG A 106 -36.54 -1.25 -5.96
CA ARG A 106 -36.55 -2.59 -5.37
C ARG A 106 -35.96 -2.51 -3.96
N ARG A 107 -36.59 -3.21 -3.01
CA ARG A 107 -36.11 -3.23 -1.63
C ARG A 107 -34.83 -4.06 -1.54
N PHE A 108 -34.02 -3.79 -0.50
CA PHE A 108 -32.74 -4.47 -0.31
C PHE A 108 -32.18 -4.19 1.07
N MET A 109 -31.21 -5.04 1.48
CA MET A 109 -30.34 -4.80 2.63
C MET A 109 -28.88 -4.82 2.17
N GLN A 110 -28.01 -4.08 2.89
CA GLN A 110 -26.58 -4.14 2.61
C GLN A 110 -25.83 -4.14 3.92
N THR A 111 -24.98 -5.15 4.12
CA THR A 111 -24.18 -5.25 5.34
C THR A 111 -22.74 -4.84 5.01
N PHE A 112 -22.15 -3.97 5.83
CA PHE A 112 -20.74 -3.58 5.68
C PHE A 112 -19.97 -3.76 7.00
N VAL A 113 -18.81 -4.41 6.96
CA VAL A 113 -17.79 -4.20 7.98
C VAL A 113 -16.81 -3.17 7.43
N LEU A 114 -16.82 -1.99 8.07
CA LEU A 114 -15.83 -0.93 7.91
C LEU A 114 -14.74 -1.17 8.95
N ALA A 115 -13.48 -0.99 8.56
CA ALA A 115 -12.37 -1.28 9.45
C ALA A 115 -11.36 -0.13 9.35
N PRO A 116 -10.63 0.18 10.46
CA PRO A 116 -9.64 1.25 10.47
C PRO A 116 -8.51 1.00 9.50
N GLU A 117 -8.08 2.05 8.75
CA GLU A 117 -7.07 1.92 7.71
C GLU A 117 -5.69 1.82 8.35
N GLY A 118 -5.57 2.30 9.59
CA GLY A 118 -4.38 2.12 10.40
C GLY A 118 -3.46 3.33 10.40
N SER A 119 -3.05 3.78 9.20
CA SER A 119 -2.02 4.80 9.03
C SER A 119 -2.53 6.19 9.41
N VAL A 120 -3.86 6.40 9.34
CA VAL A 120 -4.45 7.73 9.21
C VAL A 120 -5.74 7.77 10.05
N ALA A 121 -5.90 8.81 10.86
CA ALA A 121 -6.95 8.87 11.88
C ALA A 121 -8.33 9.18 11.28
N ASN A 122 -9.35 8.51 11.84
CA ASN A 122 -10.74 8.66 11.43
C ASN A 122 -10.95 8.16 10.00
N LYS A 123 -10.03 7.31 9.51
CA LYS A 123 -10.13 6.77 8.17
C LYS A 123 -10.43 5.27 8.28
N PHE A 124 -11.45 4.82 7.54
CA PHE A 124 -11.81 3.42 7.51
C PHE A 124 -11.75 2.93 6.07
N TYR A 125 -11.61 1.60 5.90
CA TYR A 125 -11.89 0.94 4.64
C TYR A 125 -13.02 -0.07 4.86
N VAL A 126 -13.72 -0.38 3.77
CA VAL A 126 -14.71 -1.46 3.74
C VAL A 126 -13.97 -2.79 3.68
N HIS A 127 -14.15 -3.65 4.70
CA HIS A 127 -13.57 -4.97 4.75
C HIS A 127 -14.56 -6.01 4.21
N ASN A 128 -15.85 -5.87 4.56
CA ASN A 128 -16.92 -6.69 3.96
C ASN A 128 -17.97 -5.79 3.30
N ASP A 129 -18.54 -6.25 2.19
CA ASP A 129 -19.63 -5.55 1.52
C ASP A 129 -20.58 -6.61 0.94
N ILE A 130 -21.75 -6.78 1.57
CA ILE A 130 -22.74 -7.76 1.16
C ILE A 130 -24.05 -7.07 0.80
N PHE A 131 -24.53 -7.29 -0.43
CA PHE A 131 -25.77 -6.69 -0.93
C PHE A 131 -26.68 -7.80 -1.46
N ARG A 132 -27.96 -7.80 -1.03
CA ARG A 132 -28.97 -8.71 -1.56
C ARG A 132 -30.31 -7.97 -1.63
N TYR A 133 -30.82 -7.78 -2.85
CA TYR A 133 -32.22 -7.41 -3.08
C TYR A 133 -33.15 -8.47 -2.50
N GLN A 134 -34.26 -8.03 -1.90
CA GLN A 134 -35.16 -8.94 -1.21
C GLN A 134 -36.08 -9.62 -2.24
N ASP A 135 -36.58 -8.85 -3.22
CA ASP A 135 -37.47 -9.39 -4.24
C ASP A 135 -36.90 -10.71 -4.74
N PRO B 6 22.59 -44.56 13.22
CA PRO B 6 22.40 -43.80 11.98
C PRO B 6 23.24 -42.52 12.06
N SER B 7 24.32 -42.50 11.28
CA SER B 7 25.33 -41.43 11.35
C SER B 7 24.66 -40.08 11.51
N PRO B 8 25.19 -39.17 12.34
CA PRO B 8 24.68 -37.80 12.43
C PRO B 8 24.43 -37.14 11.07
N LEU B 9 25.28 -37.46 10.08
CA LEU B 9 25.18 -36.89 8.74
C LEU B 9 23.89 -37.34 8.06
N LEU B 10 23.51 -38.60 8.31
CA LEU B 10 22.29 -39.16 7.76
C LEU B 10 21.09 -38.46 8.38
N VAL B 11 21.09 -38.35 9.72
CA VAL B 11 20.04 -37.65 10.46
C VAL B 11 19.97 -36.22 9.94
N GLY B 12 21.15 -35.62 9.73
CA GLY B 12 21.32 -34.24 9.31
C GLY B 12 20.71 -33.93 7.96
N ARG B 13 21.00 -34.74 6.93
CA ARG B 13 20.60 -34.42 5.56
C ARG B 13 19.12 -34.75 5.35
N GLU B 14 18.65 -35.76 6.08
CA GLU B 14 17.25 -36.15 6.06
C GLU B 14 16.39 -35.02 6.65
N PHE B 15 16.84 -34.48 7.80
CA PHE B 15 16.21 -33.32 8.43
C PHE B 15 16.19 -32.14 7.47
N VAL B 16 17.36 -31.88 6.86
CA VAL B 16 17.55 -30.81 5.88
C VAL B 16 16.60 -30.97 4.70
N ARG B 17 16.48 -32.21 4.21
CA ARG B 17 15.59 -32.56 3.12
C ARG B 17 14.15 -32.13 3.45
N GLN B 18 13.70 -32.40 4.67
CA GLN B 18 12.31 -32.20 5.02
C GLN B 18 12.05 -30.73 5.30
N TYR B 19 12.99 -30.13 6.05
CA TYR B 19 12.90 -28.76 6.52
C TYR B 19 12.64 -27.81 5.36
N TYR B 20 13.49 -27.89 4.35
CA TYR B 20 13.50 -26.92 3.26
C TYR B 20 12.37 -27.22 2.29
N THR B 21 11.93 -28.48 2.24
CA THR B 21 10.76 -28.84 1.47
C THR B 21 9.50 -28.32 2.15
N LEU B 22 9.44 -28.44 3.48
CA LEU B 22 8.35 -27.83 4.23
C LEU B 22 8.38 -26.31 4.12
N LEU B 23 9.56 -25.71 3.94
CA LEU B 23 9.67 -24.27 3.83
C LEU B 23 9.03 -23.82 2.51
N ASN B 24 9.05 -24.75 1.56
CA ASN B 24 8.62 -24.52 0.19
C ASN B 24 7.13 -24.83 0.05
N GLN B 25 6.67 -25.90 0.70
CA GLN B 25 5.34 -26.46 0.53
C GLN B 25 4.43 -26.20 1.72
N ALA B 26 5.00 -26.03 2.91
CA ALA B 26 4.17 -26.04 4.11
C ALA B 26 4.86 -25.34 5.26
N PRO B 27 5.12 -24.01 5.14
CA PRO B 27 5.44 -23.17 6.30
C PRO B 27 4.51 -23.44 7.47
N ASP B 28 3.22 -23.56 7.18
CA ASP B 28 2.19 -23.70 8.20
C ASP B 28 2.35 -25.04 8.94
N MET B 29 3.27 -25.90 8.47
CA MET B 29 3.48 -27.22 9.04
C MET B 29 4.85 -27.32 9.72
N LEU B 30 5.62 -26.22 9.75
CA LEU B 30 7.04 -26.24 10.11
C LEU B 30 7.21 -26.45 11.61
N HIS B 31 6.22 -25.97 12.38
CA HIS B 31 6.24 -25.88 13.83
C HIS B 31 6.28 -27.25 14.52
N ARG B 32 5.74 -28.29 13.86
CA ARG B 32 5.69 -29.62 14.45
C ARG B 32 7.10 -30.13 14.82
N PHE B 33 8.12 -29.63 14.10
CA PHE B 33 9.51 -29.98 14.38
C PHE B 33 9.94 -29.55 15.77
N TYR B 34 9.40 -28.42 16.25
CA TYR B 34 9.97 -27.75 17.41
C TYR B 34 9.25 -28.17 18.69
N GLY B 35 9.99 -28.21 19.80
CA GLY B 35 9.47 -28.57 21.11
C GLY B 35 9.01 -27.34 21.90
N LYS B 36 8.85 -27.50 23.23
CA LYS B 36 8.27 -26.45 24.06
C LYS B 36 9.38 -25.49 24.51
N ASN B 37 10.59 -26.03 24.72
CA ASN B 37 11.76 -25.25 25.10
C ASN B 37 12.51 -24.71 23.89
N SER B 38 12.21 -25.25 22.71
CA SER B 38 12.93 -24.97 21.46
C SER B 38 12.99 -23.46 21.17
N SER B 39 14.08 -23.04 20.50
CA SER B 39 14.30 -21.65 20.15
C SER B 39 14.43 -21.51 18.64
N TYR B 40 13.90 -20.39 18.09
CA TYR B 40 13.92 -20.09 16.67
C TYR B 40 14.32 -18.62 16.51
N VAL B 41 15.47 -18.37 15.85
CA VAL B 41 15.97 -17.03 15.58
C VAL B 41 15.70 -16.69 14.10
N ALA B 52 17.18 -10.10 14.83
CA ALA B 52 16.17 -9.84 15.89
C ALA B 52 16.07 -11.04 16.83
N ASP B 53 15.03 -11.07 17.67
CA ASP B 53 15.02 -11.81 18.92
C ASP B 53 14.47 -13.23 18.76
N ALA B 54 15.02 -14.15 19.55
CA ALA B 54 14.53 -15.52 19.63
C ALA B 54 13.08 -15.57 20.11
N VAL B 55 12.31 -16.51 19.57
CA VAL B 55 10.99 -16.88 20.06
C VAL B 55 11.02 -18.36 20.46
N TYR B 56 10.22 -18.76 21.46
CA TYR B 56 10.24 -20.11 21.97
C TYR B 56 8.85 -20.74 21.95
N GLY B 57 8.78 -22.02 21.55
CA GLY B 57 7.57 -22.84 21.59
C GLY B 57 6.88 -22.87 20.24
N GLN B 58 6.04 -23.91 20.04
CA GLN B 58 5.32 -24.13 18.79
C GLN B 58 4.43 -22.92 18.44
N LYS B 59 3.66 -22.47 19.44
CA LYS B 59 2.70 -21.38 19.32
C LYS B 59 3.37 -20.13 18.74
N GLU B 60 4.51 -19.75 19.34
CA GLU B 60 5.23 -18.53 18.99
C GLU B 60 6.06 -18.74 17.73
N ILE B 61 6.70 -19.91 17.63
CA ILE B 61 7.57 -20.18 16.49
C ILE B 61 6.73 -20.16 15.22
N HIS B 62 5.59 -20.88 15.23
CA HIS B 62 4.59 -20.84 14.17
C HIS B 62 4.17 -19.40 13.84
N ARG B 63 3.94 -18.58 14.87
CA ARG B 63 3.51 -17.20 14.69
C ARG B 63 4.54 -16.49 13.81
N LYS B 64 5.79 -16.51 14.29
CA LYS B 64 6.94 -15.88 13.66
C LYS B 64 7.17 -16.46 12.26
N VAL B 65 7.04 -17.79 12.12
CA VAL B 65 7.20 -18.43 10.83
C VAL B 65 6.25 -17.75 9.82
N MET B 66 4.97 -17.66 10.19
CA MET B 66 3.93 -17.14 9.30
C MET B 66 4.15 -15.67 8.96
N SER B 67 4.63 -14.89 9.94
CA SER B 67 4.74 -13.46 9.78
C SER B 67 5.76 -13.10 8.70
N GLN B 68 6.50 -14.11 8.23
CA GLN B 68 7.61 -13.92 7.31
C GLN B 68 7.17 -13.99 5.85
N ASN B 69 6.01 -14.62 5.60
CA ASN B 69 5.46 -14.81 4.27
C ASN B 69 6.47 -15.50 3.36
N PHE B 70 6.46 -16.85 3.41
CA PHE B 70 7.23 -17.70 2.52
C PHE B 70 6.38 -18.02 1.30
N THR B 71 6.96 -17.96 0.08
CA THR B 71 6.19 -18.14 -1.13
C THR B 71 7.10 -18.21 -2.35
N ASN B 72 6.97 -19.30 -3.12
CA ASN B 72 7.80 -19.60 -4.28
C ASN B 72 9.25 -19.74 -3.81
N CYS B 73 9.39 -20.28 -2.60
CA CYS B 73 10.64 -20.27 -1.84
C CYS B 73 11.54 -21.43 -2.27
N HIS B 74 12.70 -21.10 -2.88
CA HIS B 74 13.63 -22.09 -3.41
C HIS B 74 14.92 -22.09 -2.58
N THR B 75 15.20 -23.20 -1.87
CA THR B 75 16.45 -23.37 -1.15
C THR B 75 17.51 -24.03 -2.03
N LYS B 76 18.74 -23.50 -2.03
CA LYS B 76 19.87 -24.22 -2.62
C LYS B 76 20.84 -24.62 -1.51
N ILE B 77 20.91 -25.94 -1.23
CA ILE B 77 21.82 -26.50 -0.24
C ILE B 77 23.18 -26.75 -0.90
N ARG B 78 24.19 -25.95 -0.50
CA ARG B 78 25.53 -26.04 -1.07
C ARG B 78 26.46 -26.86 -0.16
N HIS B 79 26.24 -26.85 1.17
CA HIS B 79 26.95 -27.78 2.06
C HIS B 79 26.21 -27.99 3.38
N VAL B 80 26.30 -29.21 3.92
CA VAL B 80 25.68 -29.62 5.17
C VAL B 80 26.75 -30.29 6.03
N ASP B 81 27.03 -29.71 7.21
CA ASP B 81 27.87 -30.34 8.21
C ASP B 81 26.99 -30.80 9.38
N ALA B 82 27.13 -32.07 9.78
CA ALA B 82 26.30 -32.71 10.79
C ALA B 82 27.13 -33.65 11.67
N HIS B 83 27.15 -33.36 12.97
CA HIS B 83 28.03 -34.00 13.93
C HIS B 83 27.25 -34.39 15.19
N ALA B 84 27.64 -35.49 15.82
CA ALA B 84 27.20 -35.84 17.16
C ALA B 84 27.53 -34.70 18.12
N THR B 85 26.59 -34.37 19.02
CA THR B 85 26.80 -33.35 20.04
C THR B 85 26.28 -33.85 21.40
N LEU B 86 26.46 -33.06 22.46
CA LEU B 86 26.11 -33.43 23.83
C LEU B 86 24.79 -34.21 23.86
N ASN B 87 24.83 -35.45 24.38
CA ASN B 87 23.66 -36.26 24.68
C ASN B 87 22.90 -36.68 23.42
N ASP B 88 23.53 -37.53 22.60
CA ASP B 88 22.87 -38.16 21.46
C ASP B 88 22.18 -37.12 20.57
N GLY B 89 22.64 -35.86 20.66
CA GLY B 89 22.18 -34.81 19.78
C GLY B 89 22.94 -34.81 18.45
N VAL B 90 22.50 -33.95 17.53
CA VAL B 90 23.15 -33.78 16.24
C VAL B 90 23.16 -32.28 15.92
N VAL B 91 24.36 -31.69 15.79
CA VAL B 91 24.49 -30.29 15.41
C VAL B 91 24.61 -30.23 13.89
N VAL B 92 23.88 -29.31 13.26
CA VAL B 92 23.81 -29.19 11.81
C VAL B 92 24.10 -27.74 11.44
N GLN B 93 25.01 -27.55 10.47
CA GLN B 93 25.28 -26.24 9.91
C GLN B 93 25.11 -26.37 8.40
N VAL B 94 24.07 -25.69 7.89
CA VAL B 94 23.78 -25.62 6.47
C VAL B 94 24.36 -24.33 5.96
N MET B 95 25.07 -24.40 4.84
CA MET B 95 25.42 -23.23 4.04
C MET B 95 24.66 -23.34 2.72
N GLY B 96 24.14 -22.21 2.23
CA GLY B 96 23.29 -22.28 1.05
C GLY B 96 22.91 -20.91 0.52
N LEU B 97 22.07 -20.95 -0.54
CA LEU B 97 21.38 -19.79 -1.10
C LEU B 97 19.86 -20.00 -0.96
N LEU B 98 19.12 -18.89 -0.80
CA LEU B 98 17.69 -18.79 -0.48
CA LEU B 98 17.68 -19.05 -0.96
C LEU B 98 17.04 -17.74 -1.39
N SER B 99 15.86 -17.98 -1.97
CA SER B 99 15.05 -16.97 -2.62
C SER B 99 13.62 -17.11 -2.14
N ASN B 100 13.05 -16.01 -1.61
CA ASN B 100 11.63 -15.87 -1.35
C ASN B 100 11.07 -14.92 -2.41
N ASN B 101 9.81 -15.13 -2.82
CA ASN B 101 9.26 -14.49 -4.01
C ASN B 101 10.27 -14.58 -5.16
N GLN B 103 13.02 -13.15 -5.74
CA GLN B 103 14.09 -12.32 -5.10
C GLN B 103 15.42 -13.06 -5.19
N ALA B 104 16.49 -12.34 -5.56
CA ALA B 104 17.76 -12.94 -5.91
C ALA B 104 18.28 -13.84 -4.79
N LEU B 105 18.87 -14.98 -5.19
CA LEU B 105 19.45 -15.94 -4.28
C LEU B 105 20.55 -15.28 -3.42
N ARG B 106 20.26 -15.04 -2.14
CA ARG B 106 21.21 -14.48 -1.18
C ARG B 106 21.79 -15.60 -0.29
N ARG B 107 23.11 -15.52 -0.04
CA ARG B 107 23.86 -16.52 0.72
C ARG B 107 23.39 -16.53 2.19
N PHE B 108 23.58 -17.67 2.87
CA PHE B 108 23.14 -17.83 4.26
C PHE B 108 23.87 -18.99 4.94
N MET B 109 23.74 -19.07 6.27
CA MET B 109 24.06 -20.26 7.05
C MET B 109 22.87 -20.51 7.98
N GLN B 110 22.65 -21.79 8.36
CA GLN B 110 21.63 -22.09 9.36
C GLN B 110 22.20 -23.12 10.34
N THR B 111 22.25 -22.77 11.63
CA THR B 111 22.70 -23.67 12.69
C THR B 111 21.49 -24.35 13.34
N PHE B 112 21.54 -25.69 13.43
CA PHE B 112 20.48 -26.50 14.01
C PHE B 112 21.08 -27.42 15.08
N VAL B 113 20.35 -27.59 16.18
CA VAL B 113 20.66 -28.62 17.16
C VAL B 113 19.43 -29.51 17.18
N LEU B 114 19.61 -30.80 16.87
CA LEU B 114 18.55 -31.77 16.96
C LEU B 114 18.82 -32.67 18.14
N ALA B 115 17.80 -32.85 18.98
CA ALA B 115 17.86 -33.64 20.20
C ALA B 115 16.98 -34.86 20.03
N PRO B 116 17.23 -35.96 20.78
CA PRO B 116 16.28 -37.07 20.87
C PRO B 116 14.97 -36.69 21.55
N GLU B 117 13.86 -37.22 21.03
CA GLU B 117 12.52 -36.85 21.46
C GLU B 117 12.14 -37.67 22.71
N GLY B 118 12.88 -38.75 22.99
CA GLY B 118 12.80 -39.44 24.27
C GLY B 118 12.07 -40.78 24.18
N SER B 119 10.83 -40.75 23.66
CA SER B 119 9.99 -41.93 23.59
C SER B 119 10.46 -42.82 22.44
N VAL B 120 10.48 -42.25 21.23
CA VAL B 120 10.57 -42.99 19.99
C VAL B 120 12.00 -42.98 19.47
N ALA B 121 12.57 -44.16 19.23
CA ALA B 121 13.89 -44.27 18.62
C ALA B 121 13.94 -43.49 17.30
N ASN B 122 15.13 -42.94 16.99
CA ASN B 122 15.41 -42.25 15.74
C ASN B 122 14.45 -41.08 15.48
N LYS B 123 13.79 -40.54 16.53
CA LYS B 123 13.00 -39.33 16.39
C LYS B 123 13.75 -38.15 17.00
N PHE B 124 13.72 -37.01 16.30
CA PHE B 124 14.42 -35.81 16.71
C PHE B 124 13.49 -34.60 16.58
N TYR B 125 13.60 -33.66 17.53
CA TYR B 125 13.03 -32.32 17.39
C TYR B 125 14.17 -31.30 17.30
N VAL B 126 13.87 -30.17 16.68
CA VAL B 126 14.75 -29.02 16.55
C VAL B 126 14.79 -28.27 17.87
N HIS B 127 15.87 -28.41 18.64
CA HIS B 127 16.03 -27.67 19.87
C HIS B 127 16.41 -26.21 19.57
N ASN B 128 17.29 -26.02 18.57
CA ASN B 128 17.74 -24.68 18.16
C ASN B 128 17.73 -24.54 16.65
N ASP B 129 17.17 -23.43 16.16
CA ASP B 129 17.23 -23.09 14.76
C ASP B 129 17.67 -21.63 14.71
N ILE B 130 18.90 -21.39 14.21
CA ILE B 130 19.46 -20.07 14.05
C ILE B 130 19.80 -19.87 12.57
N PHE B 131 19.26 -18.80 11.98
CA PHE B 131 19.38 -18.53 10.56
C PHE B 131 19.93 -17.13 10.35
N ARG B 132 20.94 -16.94 9.49
CA ARG B 132 21.47 -15.62 9.16
C ARG B 132 21.95 -15.56 7.71
N TYR B 133 21.39 -14.61 6.95
CA TYR B 133 21.90 -14.23 5.64
C TYR B 133 23.25 -13.55 5.81
N GLN B 134 24.03 -13.53 4.71
CA GLN B 134 25.40 -13.01 4.70
C GLN B 134 25.38 -11.51 4.42
N ASP B 135 24.64 -11.10 3.40
CA ASP B 135 24.50 -9.70 2.99
C ASP B 135 24.15 -8.80 4.17
N GLU B 136 23.35 -9.31 5.13
CA GLU B 136 22.93 -8.53 6.30
C GLU B 136 24.06 -8.40 7.33
N VAL B 137 25.28 -8.81 6.96
CA VAL B 137 26.42 -8.93 7.87
C VAL B 137 27.67 -8.33 7.23
N PHE B 138 27.83 -8.48 5.91
CA PHE B 138 28.73 -7.67 5.11
C PHE B 138 28.14 -7.49 3.70
N LYS C 5 0.36 21.79 -36.65
CA LYS C 5 0.07 22.94 -35.75
C LYS C 5 -1.22 22.64 -34.98
N PRO C 6 -1.12 22.22 -33.70
CA PRO C 6 -2.21 21.51 -33.00
C PRO C 6 -3.49 22.32 -32.71
N SER C 7 -4.52 21.62 -32.23
CA SER C 7 -5.86 22.18 -32.18
C SER C 7 -6.15 22.80 -30.82
N PRO C 8 -7.07 23.80 -30.73
CA PRO C 8 -7.68 24.22 -29.45
C PRO C 8 -8.03 23.08 -28.50
N LEU C 9 -8.84 22.13 -28.99
CA LEU C 9 -9.34 21.03 -28.16
C LEU C 9 -8.21 20.05 -27.83
N LEU C 10 -7.16 20.03 -28.66
CA LEU C 10 -6.01 19.18 -28.39
C LEU C 10 -5.20 19.78 -27.25
N VAL C 11 -4.92 21.11 -27.33
CA VAL C 11 -4.12 21.79 -26.32
C VAL C 11 -4.91 21.81 -25.01
N GLY C 12 -6.20 22.18 -25.12
CA GLY C 12 -7.14 22.10 -24.02
C GLY C 12 -7.07 20.79 -23.25
N ARG C 13 -7.33 19.68 -23.96
CA ARG C 13 -7.35 18.34 -23.37
C ARG C 13 -6.00 17.90 -22.79
N GLU C 14 -4.90 18.17 -23.50
CA GLU C 14 -3.60 17.70 -23.04
C GLU C 14 -3.17 18.49 -21.83
N PHE C 15 -3.48 19.80 -21.83
CA PHE C 15 -3.32 20.59 -20.62
C PHE C 15 -4.05 19.89 -19.48
N VAL C 16 -5.37 19.66 -19.66
CA VAL C 16 -6.22 19.21 -18.58
C VAL C 16 -5.60 17.92 -18.06
N ARG C 17 -5.31 17.00 -18.97
CA ARG C 17 -4.64 15.77 -18.61
C ARG C 17 -3.40 16.08 -17.74
N GLN C 18 -2.59 17.06 -18.16
CA GLN C 18 -1.38 17.39 -17.42
C GLN C 18 -1.73 18.03 -16.07
N TYR C 19 -2.45 19.16 -16.11
CA TYR C 19 -2.84 19.92 -14.93
C TYR C 19 -3.27 19.03 -13.76
N TYR C 20 -4.14 18.02 -13.99
CA TYR C 20 -4.78 17.27 -12.91
C TYR C 20 -3.87 16.13 -12.41
N THR C 21 -3.18 15.45 -13.33
CA THR C 21 -2.16 14.48 -12.96
C THR C 21 -1.12 15.14 -12.06
N LEU C 22 -0.66 16.33 -12.48
CA LEU C 22 0.39 17.06 -11.79
C LEU C 22 -0.07 17.46 -10.39
N LEU C 23 -1.37 17.72 -10.23
CA LEU C 23 -1.98 18.01 -8.96
C LEU C 23 -1.99 16.77 -8.07
N ASN C 24 -2.05 15.56 -8.66
CA ASN C 24 -2.04 14.33 -7.89
C ASN C 24 -0.62 13.98 -7.42
N GLN C 25 0.39 14.24 -8.27
CA GLN C 25 1.70 13.62 -8.13
C GLN C 25 2.77 14.61 -7.62
N ALA C 26 2.51 15.91 -7.73
CA ALA C 26 3.55 16.91 -7.54
C ALA C 26 2.93 18.31 -7.53
N PRO C 27 2.12 18.67 -6.51
CA PRO C 27 1.41 19.95 -6.51
C PRO C 27 2.33 21.17 -6.53
N ASP C 28 3.59 20.98 -6.13
CA ASP C 28 4.55 22.07 -5.97
C ASP C 28 5.19 22.44 -7.31
N MET C 29 4.83 21.73 -8.39
CA MET C 29 5.29 22.07 -9.72
C MET C 29 4.15 22.72 -10.51
N LEU C 30 3.07 23.08 -9.82
CA LEU C 30 1.88 23.64 -10.46
C LEU C 30 2.18 25.08 -10.86
N HIS C 31 2.80 25.82 -9.93
CA HIS C 31 3.22 27.20 -10.16
C HIS C 31 3.87 27.37 -11.54
N ARG C 32 4.64 26.35 -11.97
CA ARG C 32 5.39 26.36 -13.22
C ARG C 32 4.50 26.61 -14.43
N PHE C 33 3.17 26.42 -14.29
CA PHE C 33 2.23 26.74 -15.35
C PHE C 33 1.93 28.24 -15.44
N TYR C 34 2.26 29.03 -14.40
CA TYR C 34 1.73 30.38 -14.31
C TYR C 34 2.80 31.43 -14.68
N GLY C 35 2.31 32.55 -15.23
CA GLY C 35 3.11 33.73 -15.52
C GLY C 35 2.96 34.77 -14.41
N LYS C 36 3.42 36.01 -14.65
CA LYS C 36 3.38 37.03 -13.61
C LYS C 36 2.06 37.80 -13.68
N ASN C 37 1.24 37.53 -14.69
CA ASN C 37 -0.07 38.16 -14.81
C ASN C 37 -1.18 37.14 -14.50
N SER C 38 -0.78 35.89 -14.25
CA SER C 38 -1.74 34.80 -14.10
C SER C 38 -2.51 34.97 -12.79
N SER C 39 -3.82 34.65 -12.85
CA SER C 39 -4.79 34.82 -11.80
C SER C 39 -5.29 33.46 -11.30
N TYR C 40 -5.13 33.15 -10.01
CA TYR C 40 -5.56 31.87 -9.46
C TYR C 40 -6.61 32.09 -8.37
N VAL C 41 -7.70 31.31 -8.41
CA VAL C 41 -8.87 31.61 -7.61
C VAL C 41 -9.52 30.32 -7.11
N HIS C 42 -9.26 29.92 -5.86
CA HIS C 42 -9.99 28.85 -5.21
C HIS C 42 -10.93 29.40 -4.12
N ALA C 52 -13.46 34.09 -1.83
CA ALA C 52 -11.98 33.93 -1.81
C ALA C 52 -11.32 34.87 -2.82
N ASP C 53 -10.10 35.32 -2.50
CA ASP C 53 -9.39 36.35 -3.25
C ASP C 53 -8.47 35.70 -4.27
N ALA C 54 -7.85 36.55 -5.10
CA ALA C 54 -7.11 36.11 -6.28
C ALA C 54 -5.61 36.33 -6.09
N VAL C 55 -4.82 35.25 -6.15
CA VAL C 55 -3.37 35.33 -6.04
C VAL C 55 -2.78 35.54 -7.45
N TYR C 56 -1.63 36.23 -7.53
CA TYR C 56 -1.02 36.65 -8.79
C TYR C 56 0.46 36.28 -8.85
N GLY C 57 0.82 35.49 -9.88
CA GLY C 57 2.21 35.25 -10.25
C GLY C 57 2.76 34.00 -9.58
N GLN C 58 3.82 33.40 -10.16
CA GLN C 58 4.29 32.10 -9.72
C GLN C 58 4.48 32.10 -8.20
N LYS C 59 5.04 33.20 -7.67
CA LYS C 59 5.47 33.26 -6.28
C LYS C 59 4.24 33.20 -5.35
N GLU C 60 3.25 34.06 -5.60
CA GLU C 60 2.01 34.05 -4.83
C GLU C 60 1.32 32.70 -5.00
N ILE C 61 1.20 32.27 -6.26
CA ILE C 61 0.39 31.12 -6.61
C ILE C 61 1.00 29.86 -6.00
N HIS C 62 2.34 29.73 -6.06
CA HIS C 62 3.01 28.61 -5.39
C HIS C 62 2.56 28.57 -3.94
N ARG C 63 2.75 29.68 -3.22
CA ARG C 63 2.43 29.75 -1.80
C ARG C 63 1.01 29.24 -1.57
N LYS C 64 0.07 29.70 -2.44
CA LYS C 64 -1.34 29.38 -2.34
C LYS C 64 -1.62 27.87 -2.53
N VAL C 65 -0.97 27.25 -3.52
CA VAL C 65 -1.20 25.85 -3.86
C VAL C 65 -0.69 24.94 -2.75
N MET C 66 0.41 25.33 -2.09
CA MET C 66 0.96 24.52 -1.01
C MET C 66 0.09 24.74 0.22
N SER C 67 -0.51 25.94 0.28
CA SER C 67 -1.51 26.24 1.30
C SER C 67 -2.57 25.13 1.32
N GLN C 68 -3.05 24.73 0.14
CA GLN C 68 -4.24 23.90 0.03
C GLN C 68 -3.97 22.44 0.44
N ASN C 69 -2.74 22.13 0.87
CA ASN C 69 -2.33 20.79 1.29
C ASN C 69 -2.97 19.75 0.37
N PHE C 70 -2.56 19.79 -0.91
CA PHE C 70 -2.95 18.79 -1.88
C PHE C 70 -2.18 17.50 -1.63
N THR C 71 -2.90 16.46 -1.18
CA THR C 71 -2.29 15.18 -0.84
C THR C 71 -3.16 14.05 -1.43
N ASN C 72 -2.59 13.29 -2.37
CA ASN C 72 -3.20 12.11 -2.96
C ASN C 72 -4.44 12.52 -3.78
N CYS C 73 -4.43 13.75 -4.28
CA CYS C 73 -5.60 14.44 -4.83
C CYS C 73 -6.03 13.86 -6.18
N HIS C 74 -7.02 12.95 -6.12
N HIS C 74 -7.01 12.95 -6.16
CA HIS C 74 -7.61 12.23 -7.24
CA HIS C 74 -7.45 12.25 -7.36
C HIS C 74 -8.66 13.09 -7.95
C HIS C 74 -8.67 12.96 -7.97
N THR C 75 -8.65 13.11 -9.29
CA THR C 75 -9.64 13.83 -10.08
C THR C 75 -10.31 12.93 -11.12
N LYS C 76 -11.65 12.80 -11.05
CA LYS C 76 -12.41 12.20 -12.14
C LYS C 76 -13.03 13.30 -12.99
N ILE C 77 -12.62 13.35 -14.28
CA ILE C 77 -13.11 14.34 -15.24
C ILE C 77 -14.31 13.76 -15.97
N ARG C 78 -15.29 14.61 -16.26
CA ARG C 78 -16.55 14.17 -16.83
C ARG C 78 -16.72 14.77 -18.23
N HIS C 79 -16.35 16.02 -18.43
CA HIS C 79 -16.30 16.60 -19.77
C HIS C 79 -15.31 17.76 -19.83
N VAL C 80 -14.74 17.99 -21.03
CA VAL C 80 -13.88 19.14 -21.29
C VAL C 80 -14.40 19.85 -22.54
N ASP C 81 -14.68 21.16 -22.40
CA ASP C 81 -14.86 22.07 -23.53
C ASP C 81 -13.62 22.94 -23.66
N ALA C 82 -13.06 23.06 -24.87
CA ALA C 82 -11.87 23.87 -25.09
C ALA C 82 -11.90 24.54 -26.46
N HIS C 83 -12.12 25.86 -26.43
CA HIS C 83 -12.37 26.68 -27.61
C HIS C 83 -11.23 27.70 -27.78
N ALA C 84 -11.03 28.16 -29.03
CA ALA C 84 -10.17 29.29 -29.30
C ALA C 84 -10.77 30.56 -28.70
N THR C 85 -9.89 31.47 -28.25
CA THR C 85 -10.30 32.79 -27.80
C THR C 85 -9.34 33.80 -28.43
N LEU C 86 -8.95 34.85 -27.70
CA LEU C 86 -8.22 35.96 -28.29
C LEU C 86 -6.72 35.67 -28.20
N ASN C 87 -5.91 36.39 -28.99
CA ASN C 87 -4.45 36.36 -28.93
C ASN C 87 -3.88 34.95 -29.16
N ASP C 88 -4.65 34.07 -29.79
CA ASP C 88 -4.29 32.66 -29.95
C ASP C 88 -4.28 31.98 -28.57
N GLY C 89 -5.22 32.37 -27.71
CA GLY C 89 -5.46 31.67 -26.46
C GLY C 89 -6.56 30.61 -26.61
N VAL C 90 -6.70 29.75 -25.58
CA VAL C 90 -7.72 28.72 -25.49
C VAL C 90 -8.51 28.95 -24.20
N VAL C 91 -9.84 28.78 -24.26
CA VAL C 91 -10.68 28.83 -23.07
C VAL C 91 -11.15 27.41 -22.77
N VAL C 92 -11.14 27.01 -21.49
CA VAL C 92 -11.41 25.63 -21.11
C VAL C 92 -12.37 25.61 -19.93
N GLN C 93 -13.57 25.05 -20.12
CA GLN C 93 -14.40 24.71 -18.98
C GLN C 93 -14.28 23.21 -18.71
N VAL C 94 -13.90 22.86 -17.47
CA VAL C 94 -13.87 21.50 -17.00
C VAL C 94 -15.03 21.28 -16.02
N MET C 95 -15.67 20.13 -16.15
CA MET C 95 -16.63 19.65 -15.18
C MET C 95 -16.15 18.28 -14.70
N GLY C 96 -16.12 18.07 -13.39
CA GLY C 96 -15.57 16.83 -12.85
C GLY C 96 -15.89 16.73 -11.36
N LEU C 97 -15.44 15.62 -10.76
CA LEU C 97 -15.45 15.49 -9.32
C LEU C 97 -14.01 15.44 -8.82
N LEU C 98 -13.73 16.09 -7.67
CA LEU C 98 -12.39 16.04 -7.08
C LEU C 98 -12.46 15.64 -5.61
N SER C 99 -11.62 14.67 -5.24
CA SER C 99 -11.41 14.22 -3.88
C SER C 99 -9.97 14.51 -3.46
N ASN C 100 -9.76 15.51 -2.60
CA ASN C 100 -8.47 15.77 -1.99
C ASN C 100 -8.36 14.96 -0.69
N ASN C 101 -7.41 14.02 -0.65
CA ASN C 101 -7.00 13.37 0.59
C ASN C 101 -8.08 12.38 1.04
N ASN C 102 -8.68 11.67 0.08
CA ASN C 102 -9.66 10.62 0.35
C ASN C 102 -10.90 11.18 1.04
N GLN C 103 -11.15 12.48 0.85
CA GLN C 103 -12.38 13.12 1.31
C GLN C 103 -13.41 13.01 0.20
N ALA C 104 -14.66 13.35 0.52
CA ALA C 104 -15.78 13.18 -0.39
C ALA C 104 -15.39 13.66 -1.78
N LEU C 105 -15.53 12.76 -2.78
CA LEU C 105 -15.44 13.16 -4.16
C LEU C 105 -16.60 14.11 -4.46
N ARG C 106 -16.33 15.30 -4.98
CA ARG C 106 -17.29 16.39 -4.98
C ARG C 106 -17.31 17.09 -6.35
N ARG C 107 -18.50 17.21 -6.95
CA ARG C 107 -18.65 17.93 -8.21
C ARG C 107 -18.02 19.31 -8.14
N PHE C 108 -17.39 19.71 -9.25
CA PHE C 108 -16.73 21.00 -9.33
C PHE C 108 -16.74 21.45 -10.80
N MET C 109 -16.57 22.77 -11.00
CA MET C 109 -16.28 23.33 -12.32
C MET C 109 -14.99 24.11 -12.18
N GLN C 110 -14.20 24.17 -13.26
CA GLN C 110 -12.99 24.97 -13.27
C GLN C 110 -12.84 25.60 -14.64
N THR C 111 -12.64 26.91 -14.64
CA THR C 111 -12.50 27.71 -15.84
C THR C 111 -11.02 28.06 -15.95
N PHE C 112 -10.42 27.79 -17.11
CA PHE C 112 -9.07 28.20 -17.41
C PHE C 112 -9.08 29.14 -18.62
N VAL C 113 -7.93 29.75 -18.89
CA VAL C 113 -7.68 30.53 -20.08
C VAL C 113 -6.20 30.39 -20.43
N LEU C 114 -5.89 29.50 -21.37
CA LEU C 114 -4.51 29.17 -21.68
C LEU C 114 -4.01 30.17 -22.72
N ALA C 115 -2.76 30.62 -22.59
CA ALA C 115 -2.24 31.66 -23.45
C ALA C 115 -0.85 31.28 -23.98
N PRO C 116 -0.53 31.62 -25.25
CA PRO C 116 0.83 31.39 -25.79
C PRO C 116 1.94 32.11 -25.01
N GLU C 117 2.96 31.35 -24.62
CA GLU C 117 4.05 31.86 -23.79
C GLU C 117 4.88 32.88 -24.57
N GLY C 118 4.72 32.91 -25.90
CA GLY C 118 5.37 33.91 -26.75
C GLY C 118 6.59 33.35 -27.46
N SER C 119 7.53 32.79 -26.70
CA SER C 119 8.76 32.25 -27.25
C SER C 119 8.49 30.93 -27.98
N VAL C 120 8.38 29.84 -27.20
CA VAL C 120 8.53 28.48 -27.71
C VAL C 120 7.27 28.07 -28.48
N ALA C 121 7.43 27.09 -29.37
CA ALA C 121 6.35 26.59 -30.22
C ALA C 121 5.36 25.73 -29.42
N ASN C 122 4.08 26.13 -29.47
CA ASN C 122 2.97 25.35 -28.90
C ASN C 122 3.01 25.35 -27.37
N LYS C 123 3.79 26.27 -26.77
CA LYS C 123 3.95 26.41 -25.33
C LYS C 123 2.95 27.43 -24.80
N PHE C 124 2.10 27.03 -23.85
CA PHE C 124 1.03 27.87 -23.32
C PHE C 124 1.17 27.98 -21.82
N TYR C 125 0.62 29.05 -21.24
CA TYR C 125 0.58 29.22 -19.80
C TYR C 125 -0.86 29.49 -19.39
N VAL C 126 -1.17 29.16 -18.12
CA VAL C 126 -2.46 29.45 -17.52
C VAL C 126 -2.49 30.91 -17.13
N HIS C 127 -3.38 31.68 -17.77
CA HIS C 127 -3.51 33.11 -17.51
C HIS C 127 -4.64 33.35 -16.51
N ASN C 128 -5.51 32.34 -16.30
CA ASN C 128 -6.73 32.50 -15.51
C ASN C 128 -7.24 31.17 -14.98
N ASP C 129 -7.14 30.95 -13.66
CA ASP C 129 -7.57 29.69 -13.03
C ASP C 129 -8.66 29.99 -12.00
N ILE C 130 -9.88 29.49 -12.23
CA ILE C 130 -11.01 29.67 -11.30
C ILE C 130 -11.63 28.30 -11.00
N PHE C 131 -11.63 27.91 -9.72
CA PHE C 131 -12.18 26.63 -9.26
C PHE C 131 -13.39 26.91 -8.39
N ARG C 132 -14.43 26.07 -8.49
CA ARG C 132 -15.54 26.17 -7.54
C ARG C 132 -16.21 24.81 -7.33
N TYR C 133 -16.13 24.30 -6.10
CA TYR C 133 -16.97 23.22 -5.63
C TYR C 133 -18.43 23.67 -5.71
N GLN C 134 -19.33 22.85 -6.25
CA GLN C 134 -20.70 23.28 -6.53
C GLN C 134 -21.54 23.24 -5.25
N ASP C 135 -21.42 22.19 -4.44
CA ASP C 135 -22.25 22.03 -3.26
C ASP C 135 -22.16 23.27 -2.38
N GLU C 136 -21.02 23.96 -2.41
CA GLU C 136 -20.86 25.28 -1.81
C GLU C 136 -21.91 26.23 -2.40
N VAL C 137 -21.94 26.31 -3.74
CA VAL C 137 -22.88 27.17 -4.45
C VAL C 137 -24.30 26.73 -4.10
N PHE C 138 -24.63 25.48 -4.45
CA PHE C 138 -25.99 24.96 -4.36
C PHE C 138 -26.16 24.13 -3.08
N MET D 1 -38.34 -24.12 12.46
CA MET D 1 -37.45 -23.32 11.59
C MET D 1 -37.09 -24.08 10.31
N VAL D 2 -37.59 -23.61 9.16
CA VAL D 2 -37.19 -24.13 7.87
C VAL D 2 -35.92 -23.41 7.41
N MET D 3 -34.99 -24.16 6.79
CA MET D 3 -33.83 -23.57 6.14
C MET D 3 -33.60 -24.30 4.81
N GLU D 4 -32.99 -23.61 3.84
CA GLU D 4 -32.75 -24.13 2.49
C GLU D 4 -31.73 -25.26 2.56
N LYS D 5 -31.85 -26.27 1.69
CA LYS D 5 -30.91 -27.39 1.69
C LYS D 5 -29.51 -26.89 1.37
N PRO D 6 -28.46 -27.43 2.03
CA PRO D 6 -27.10 -26.91 1.88
C PRO D 6 -26.53 -27.31 0.53
N SER D 7 -25.58 -26.51 0.04
CA SER D 7 -24.99 -26.71 -1.27
C SER D 7 -24.11 -27.95 -1.23
N PRO D 8 -23.75 -28.54 -2.39
CA PRO D 8 -22.88 -29.72 -2.38
C PRO D 8 -21.48 -29.33 -1.91
N LEU D 9 -21.00 -28.14 -2.31
CA LEU D 9 -19.69 -27.68 -1.90
C LEU D 9 -19.63 -27.47 -0.39
N LEU D 10 -20.72 -26.99 0.21
CA LEU D 10 -20.76 -26.82 1.64
C LEU D 10 -20.70 -28.19 2.34
N VAL D 11 -21.27 -29.24 1.73
CA VAL D 11 -21.23 -30.57 2.31
C VAL D 11 -19.81 -31.10 2.20
N GLY D 12 -19.23 -30.93 1.01
CA GLY D 12 -17.88 -31.41 0.74
C GLY D 12 -16.93 -30.87 1.79
N ARG D 13 -16.87 -29.55 1.87
CA ARG D 13 -15.94 -28.88 2.76
C ARG D 13 -16.14 -29.40 4.18
N GLU D 14 -17.41 -29.48 4.63
CA GLU D 14 -17.70 -29.89 6.00
C GLU D 14 -17.24 -31.33 6.22
N PHE D 15 -17.48 -32.18 5.21
CA PHE D 15 -17.13 -33.60 5.27
C PHE D 15 -15.62 -33.75 5.43
N VAL D 16 -14.90 -33.14 4.50
CA VAL D 16 -13.45 -33.12 4.50
C VAL D 16 -12.96 -32.73 5.91
N ARG D 17 -13.53 -31.65 6.45
CA ARG D 17 -13.11 -31.11 7.74
C ARG D 17 -13.29 -32.14 8.85
N GLN D 18 -14.42 -32.84 8.84
CA GLN D 18 -14.73 -33.81 9.87
C GLN D 18 -13.90 -35.07 9.62
N TYR D 19 -13.70 -35.41 8.34
CA TYR D 19 -12.96 -36.60 7.96
C TYR D 19 -11.53 -36.55 8.49
N TYR D 20 -10.74 -35.54 8.09
CA TYR D 20 -9.33 -35.51 8.45
C TYR D 20 -9.14 -35.22 9.94
N THR D 21 -10.08 -34.48 10.55
CA THR D 21 -10.03 -34.25 11.98
C THR D 21 -10.19 -35.57 12.73
N LEU D 22 -11.01 -36.49 12.19
CA LEU D 22 -11.25 -37.77 12.84
C LEU D 22 -10.03 -38.68 12.64
N LEU D 23 -9.40 -38.59 11.46
CA LEU D 23 -8.14 -39.28 11.19
C LEU D 23 -7.11 -38.95 12.28
N ASN D 24 -7.18 -37.72 12.82
CA ASN D 24 -6.28 -37.28 13.87
C ASN D 24 -6.79 -37.67 15.26
N GLN D 25 -8.03 -37.26 15.57
CA GLN D 25 -8.58 -37.34 16.91
C GLN D 25 -8.98 -38.77 17.27
N ALA D 26 -9.36 -39.59 16.29
CA ALA D 26 -10.08 -40.82 16.60
C ALA D 26 -10.24 -41.69 15.35
N PRO D 27 -9.16 -42.38 14.91
CA PRO D 27 -9.25 -43.35 13.82
C PRO D 27 -10.34 -44.40 13.97
N ASP D 28 -10.51 -44.92 15.20
CA ASP D 28 -11.41 -46.05 15.42
C ASP D 28 -12.83 -45.68 14.98
N MET D 29 -13.21 -44.42 15.26
CA MET D 29 -14.55 -43.91 14.99
C MET D 29 -14.79 -43.59 13.52
N LEU D 30 -13.77 -43.67 12.66
CA LEU D 30 -13.89 -43.21 11.28
C LEU D 30 -14.92 -44.04 10.50
N HIS D 31 -15.00 -45.32 10.84
CA HIS D 31 -15.80 -46.30 10.13
C HIS D 31 -17.31 -46.01 10.23
N ARG D 32 -17.74 -45.14 11.14
CA ARG D 32 -19.15 -44.79 11.26
C ARG D 32 -19.65 -44.03 10.03
N PHE D 33 -18.72 -43.54 9.22
CA PHE D 33 -19.07 -42.77 8.04
C PHE D 33 -19.57 -43.67 6.91
N TYR D 34 -19.34 -44.99 7.03
CA TYR D 34 -19.49 -45.90 5.90
C TYR D 34 -20.73 -46.78 6.06
N GLY D 35 -21.21 -47.29 4.91
CA GLY D 35 -22.40 -48.14 4.85
C GLY D 35 -22.02 -49.62 4.66
N LYS D 36 -23.04 -50.45 4.31
CA LYS D 36 -22.83 -51.87 4.05
C LYS D 36 -22.26 -52.10 2.65
N ASN D 37 -22.49 -51.16 1.72
CA ASN D 37 -21.97 -51.27 0.37
C ASN D 37 -20.98 -50.14 0.06
N SER D 38 -20.19 -49.73 1.07
CA SER D 38 -19.13 -48.75 0.89
C SER D 38 -17.82 -49.46 0.57
N SER D 39 -17.04 -48.90 -0.38
CA SER D 39 -15.71 -49.39 -0.69
C SER D 39 -14.67 -48.41 -0.14
N TYR D 40 -13.45 -48.90 0.15
CA TYR D 40 -12.38 -48.09 0.72
C TYR D 40 -11.01 -48.58 0.23
N VAL D 41 -10.27 -47.70 -0.46
CA VAL D 41 -9.07 -48.10 -1.19
C VAL D 41 -7.91 -47.14 -0.87
N HIS D 42 -6.86 -47.67 -0.22
CA HIS D 42 -5.63 -46.93 0.06
C HIS D 42 -4.45 -47.53 -0.72
N ALA D 52 -3.56 -51.71 -4.31
CA ALA D 52 -4.31 -51.83 -3.03
C ALA D 52 -5.75 -52.27 -3.30
N ASP D 53 -6.12 -53.45 -2.78
CA ASP D 53 -7.44 -54.02 -3.01
C ASP D 53 -8.48 -53.32 -2.13
N ALA D 54 -9.63 -53.02 -2.72
CA ALA D 54 -10.74 -52.41 -2.00
C ALA D 54 -11.17 -53.30 -0.83
N VAL D 55 -11.64 -52.67 0.25
CA VAL D 55 -12.31 -53.33 1.36
C VAL D 55 -13.70 -52.73 1.44
N TYR D 56 -14.66 -53.45 2.04
CA TYR D 56 -16.07 -53.06 1.95
C TYR D 56 -16.78 -53.10 3.31
N GLY D 57 -17.62 -52.09 3.55
CA GLY D 57 -18.54 -52.10 4.66
C GLY D 57 -17.88 -51.71 5.99
N GLN D 58 -18.69 -51.25 6.95
CA GLN D 58 -18.20 -50.74 8.21
C GLN D 58 -17.12 -51.67 8.78
N LYS D 59 -17.48 -52.93 8.99
CA LYS D 59 -16.72 -53.85 9.82
C LYS D 59 -15.31 -54.10 9.26
N GLU D 60 -15.20 -54.36 7.95
CA GLU D 60 -13.92 -54.64 7.32
C GLU D 60 -13.06 -53.39 7.21
N ILE D 61 -13.64 -52.29 6.73
CA ILE D 61 -12.89 -51.06 6.53
C ILE D 61 -12.44 -50.51 7.89
N HIS D 62 -13.20 -50.81 8.94
CA HIS D 62 -12.74 -50.47 10.29
C HIS D 62 -11.44 -51.25 10.55
N ARG D 63 -11.51 -52.57 10.37
CA ARG D 63 -10.39 -53.46 10.65
C ARG D 63 -9.23 -53.16 9.71
N LYS D 64 -9.51 -52.52 8.57
CA LYS D 64 -8.47 -52.06 7.66
C LYS D 64 -7.82 -50.80 8.23
N VAL D 65 -8.62 -49.79 8.58
CA VAL D 65 -8.10 -48.53 9.09
C VAL D 65 -7.20 -48.80 10.30
N MET D 66 -7.69 -49.61 11.24
CA MET D 66 -6.90 -49.95 12.42
C MET D 66 -5.56 -50.57 12.01
N SER D 67 -5.53 -51.29 10.88
CA SER D 67 -4.31 -51.94 10.39
C SER D 67 -3.36 -50.94 9.73
N GLN D 68 -3.78 -49.67 9.63
CA GLN D 68 -2.95 -48.63 9.04
C GLN D 68 -2.18 -47.88 10.14
N ASN D 69 -2.52 -48.16 11.41
CA ASN D 69 -1.81 -47.60 12.56
C ASN D 69 -1.64 -46.09 12.39
N PHE D 70 -2.77 -45.38 12.23
CA PHE D 70 -2.80 -43.92 12.22
C PHE D 70 -2.51 -43.36 13.60
N THR D 71 -1.53 -42.45 13.68
CA THR D 71 -0.92 -42.02 14.95
C THR D 71 -0.50 -40.55 14.85
N ASN D 72 -1.25 -39.65 15.50
CA ASN D 72 -0.99 -38.23 15.44
C ASN D 72 -0.92 -37.81 13.96
N CYS D 73 -1.84 -38.36 13.16
CA CYS D 73 -1.87 -38.13 11.72
C CYS D 73 -2.27 -36.69 11.45
N HIS D 74 -1.43 -35.95 10.72
CA HIS D 74 -1.68 -34.54 10.43
C HIS D 74 -1.91 -34.36 8.93
N THR D 75 -2.93 -33.57 8.60
CA THR D 75 -3.35 -33.34 7.22
C THR D 75 -3.40 -31.84 6.97
N LYS D 76 -2.90 -31.42 5.80
CA LYS D 76 -2.97 -30.03 5.40
C LYS D 76 -3.59 -29.98 4.00
N ILE D 77 -4.82 -29.44 3.93
CA ILE D 77 -5.63 -29.42 2.71
C ILE D 77 -5.18 -28.20 1.88
N ARG D 78 -4.85 -28.39 0.61
CA ARG D 78 -4.50 -27.26 -0.24
C ARG D 78 -5.72 -26.82 -1.05
N HIS D 79 -6.58 -27.79 -1.42
CA HIS D 79 -7.80 -27.50 -2.17
C HIS D 79 -8.80 -28.63 -2.03
N VAL D 80 -10.10 -28.27 -2.10
CA VAL D 80 -11.22 -29.22 -2.06
C VAL D 80 -12.24 -28.86 -3.14
N ASP D 81 -12.54 -29.83 -4.01
CA ASP D 81 -13.55 -29.71 -5.04
C ASP D 81 -14.72 -30.62 -4.67
N ALA D 82 -15.92 -30.06 -4.54
CA ALA D 82 -17.10 -30.86 -4.27
C ALA D 82 -18.22 -30.45 -5.23
N HIS D 83 -18.75 -31.43 -5.99
CA HIS D 83 -19.78 -31.21 -7.00
C HIS D 83 -20.96 -32.14 -6.76
N ALA D 84 -22.14 -31.73 -7.24
CA ALA D 84 -23.31 -32.59 -7.25
C ALA D 84 -23.10 -33.70 -8.28
N THR D 85 -23.36 -34.96 -7.88
CA THR D 85 -23.29 -36.13 -8.76
C THR D 85 -24.59 -36.92 -8.64
N LEU D 86 -24.72 -37.97 -9.47
CA LEU D 86 -25.92 -38.81 -9.56
C LEU D 86 -26.43 -39.22 -8.18
N ASN D 87 -27.75 -39.45 -8.11
CA ASN D 87 -28.43 -40.04 -6.96
C ASN D 87 -28.35 -39.09 -5.77
N ASP D 88 -28.22 -37.78 -6.06
CA ASP D 88 -28.24 -36.72 -5.06
C ASP D 88 -26.97 -36.74 -4.21
N GLY D 89 -25.93 -37.43 -4.70
CA GLY D 89 -24.67 -37.57 -3.96
C GLY D 89 -23.75 -36.39 -4.27
N VAL D 90 -22.57 -36.37 -3.63
CA VAL D 90 -21.55 -35.37 -3.90
C VAL D 90 -20.22 -36.07 -4.21
N VAL D 91 -19.49 -35.59 -5.23
CA VAL D 91 -18.18 -36.13 -5.57
C VAL D 91 -17.09 -35.19 -5.05
N VAL D 92 -16.40 -35.60 -3.97
CA VAL D 92 -15.33 -34.79 -3.41
C VAL D 92 -14.00 -35.32 -3.93
N GLN D 93 -13.16 -34.42 -4.47
CA GLN D 93 -11.72 -34.64 -4.68
C GLN D 93 -10.91 -33.72 -3.77
N VAL D 94 -10.08 -34.29 -2.88
CA VAL D 94 -9.22 -33.53 -1.99
C VAL D 94 -7.77 -33.48 -2.53
N MET D 95 -7.12 -32.31 -2.41
CA MET D 95 -5.70 -32.15 -2.74
C MET D 95 -4.98 -31.55 -1.54
N GLY D 96 -3.93 -32.23 -1.05
CA GLY D 96 -3.20 -31.75 0.13
C GLY D 96 -1.96 -32.57 0.46
N LEU D 97 -1.48 -32.43 1.71
CA LEU D 97 -0.29 -33.09 2.22
C LEU D 97 -0.60 -33.83 3.52
N LEU D 98 -0.15 -35.09 3.62
CA LEU D 98 -0.41 -35.94 4.79
C LEU D 98 0.91 -36.42 5.38
N SER D 99 1.00 -36.41 6.72
CA SER D 99 2.08 -37.01 7.47
C SER D 99 1.53 -37.81 8.65
N ASN D 100 1.83 -39.11 8.67
CA ASN D 100 1.37 -40.00 9.73
C ASN D 100 2.57 -40.47 10.54
N ASN D 101 2.40 -40.53 11.86
CA ASN D 101 3.44 -41.01 12.77
C ASN D 101 4.64 -40.06 12.74
N ASN D 102 4.42 -38.80 12.31
CA ASN D 102 5.46 -37.80 12.19
C ASN D 102 6.50 -38.17 11.13
N GLN D 103 6.10 -39.00 10.15
CA GLN D 103 6.88 -39.21 8.94
C GLN D 103 6.76 -37.98 8.05
N ALA D 104 7.58 -37.94 6.99
CA ALA D 104 7.66 -36.78 6.11
C ALA D 104 6.28 -36.42 5.58
N LEU D 105 6.03 -35.12 5.42
CA LEU D 105 4.74 -34.62 4.96
C LEU D 105 4.71 -34.66 3.44
N ARG D 106 3.86 -35.54 2.89
CA ARG D 106 3.88 -35.95 1.48
C ARG D 106 2.55 -35.66 0.79
N ARG D 107 2.59 -35.18 -0.46
CA ARG D 107 1.38 -34.76 -1.18
C ARG D 107 0.52 -35.99 -1.47
N PHE D 108 -0.81 -35.80 -1.51
CA PHE D 108 -1.75 -36.87 -1.82
C PHE D 108 -2.96 -36.32 -2.57
N MET D 109 -3.74 -37.22 -3.17
CA MET D 109 -5.12 -36.92 -3.53
C MET D 109 -6.02 -37.96 -2.84
N GLN D 110 -7.27 -37.57 -2.60
CA GLN D 110 -8.29 -38.48 -2.09
C GLN D 110 -9.63 -38.17 -2.80
N THR D 111 -10.25 -39.19 -3.36
CA THR D 111 -11.53 -39.08 -4.05
C THR D 111 -12.61 -39.71 -3.17
N PHE D 112 -13.71 -38.99 -2.95
CA PHE D 112 -14.86 -39.51 -2.22
C PHE D 112 -16.12 -39.34 -3.06
N VAL D 113 -17.04 -40.31 -2.96
CA VAL D 113 -18.41 -40.11 -3.41
C VAL D 113 -19.33 -40.27 -2.21
N LEU D 114 -19.98 -39.16 -1.82
CA LEU D 114 -20.83 -39.11 -0.64
C LEU D 114 -22.27 -39.36 -1.08
N ALA D 115 -22.97 -40.22 -0.34
CA ALA D 115 -24.34 -40.60 -0.65
C ALA D 115 -25.28 -40.12 0.45
N PRO D 116 -26.46 -39.53 0.11
CA PRO D 116 -27.51 -39.29 1.09
C PRO D 116 -27.95 -40.59 1.77
N GLU D 117 -28.21 -40.51 3.08
CA GLU D 117 -28.42 -41.69 3.91
C GLU D 117 -29.91 -41.98 4.09
N GLY D 118 -30.77 -40.94 4.00
CA GLY D 118 -32.21 -41.12 3.81
C GLY D 118 -32.99 -41.09 5.13
N SER D 119 -32.64 -42.03 6.01
CA SER D 119 -33.13 -42.07 7.39
C SER D 119 -33.19 -40.66 7.98
N VAL D 120 -32.15 -39.84 7.73
CA VAL D 120 -32.04 -38.51 8.33
C VAL D 120 -31.83 -37.46 7.23
N ALA D 121 -32.25 -36.23 7.51
CA ALA D 121 -32.07 -35.11 6.59
C ALA D 121 -30.69 -34.48 6.76
N ASN D 122 -30.12 -34.04 5.63
CA ASN D 122 -28.76 -33.52 5.56
C ASN D 122 -27.83 -34.43 6.35
N LYS D 123 -27.96 -35.74 6.10
CA LYS D 123 -27.05 -36.74 6.62
C LYS D 123 -26.58 -37.57 5.44
N PHE D 124 -25.26 -37.77 5.34
CA PHE D 124 -24.67 -38.44 4.21
C PHE D 124 -23.73 -39.53 4.73
N TYR D 125 -23.22 -40.34 3.78
CA TYR D 125 -22.25 -41.40 4.08
C TYR D 125 -21.24 -41.54 2.93
N VAL D 126 -20.09 -42.15 3.28
CA VAL D 126 -18.98 -42.41 2.37
C VAL D 126 -19.22 -43.74 1.67
N HIS D 127 -19.54 -43.67 0.38
CA HIS D 127 -19.83 -44.80 -0.47
C HIS D 127 -18.58 -45.20 -1.23
N ASN D 128 -17.70 -44.23 -1.49
CA ASN D 128 -16.40 -44.49 -2.10
C ASN D 128 -15.32 -43.62 -1.45
N ASP D 129 -14.17 -44.23 -1.16
CA ASP D 129 -13.05 -43.53 -0.56
C ASP D 129 -11.76 -44.05 -1.15
N ILE D 130 -11.14 -43.26 -2.04
CA ILE D 130 -10.00 -43.68 -2.85
C ILE D 130 -8.82 -42.75 -2.56
N PHE D 131 -7.74 -43.30 -1.95
CA PHE D 131 -6.60 -42.50 -1.50
C PHE D 131 -5.33 -42.88 -2.25
N ARG D 132 -4.57 -41.87 -2.73
CA ARG D 132 -3.32 -42.12 -3.43
C ARG D 132 -2.29 -41.02 -3.16
N TYR D 133 -1.08 -41.45 -2.76
CA TYR D 133 0.10 -40.60 -2.66
C TYR D 133 0.71 -40.39 -4.05
N GLN D 134 1.03 -39.14 -4.39
CA GLN D 134 1.47 -38.82 -5.73
C GLN D 134 2.89 -39.37 -5.95
N ASP D 135 3.78 -39.12 -4.99
CA ASP D 135 5.20 -39.41 -5.10
C ASP D 135 5.45 -40.85 -5.55
N GLU D 136 4.59 -41.77 -5.08
CA GLU D 136 4.74 -43.21 -5.30
C GLU D 136 4.61 -43.53 -6.79
N VAL D 137 3.88 -42.69 -7.55
CA VAL D 137 3.51 -43.02 -8.93
C VAL D 137 4.41 -42.26 -9.93
N PHE D 138 5.06 -41.17 -9.50
CA PHE D 138 5.88 -40.35 -10.38
C PHE D 138 7.37 -40.59 -10.09
N GLU E 4 -7.54 11.93 -17.68
CA GLU E 4 -6.34 11.10 -17.35
C GLU E 4 -5.77 10.49 -18.64
N LYS E 5 -6.54 9.62 -19.32
CA LYS E 5 -6.07 9.01 -20.55
C LYS E 5 -5.80 10.08 -21.61
N PRO E 6 -4.71 9.97 -22.40
CA PRO E 6 -4.38 10.96 -23.42
C PRO E 6 -5.09 10.62 -24.73
N SER E 7 -5.60 11.66 -25.40
CA SER E 7 -6.47 11.49 -26.54
C SER E 7 -5.73 10.73 -27.63
N PRO E 8 -6.41 9.83 -28.37
CA PRO E 8 -5.79 9.13 -29.49
C PRO E 8 -5.01 10.06 -30.44
N LEU E 9 -5.58 11.23 -30.74
CA LEU E 9 -4.94 12.18 -31.66
C LEU E 9 -3.63 12.69 -31.09
N LEU E 10 -3.59 12.90 -29.77
CA LEU E 10 -2.34 13.32 -29.16
C LEU E 10 -1.34 12.16 -29.31
N VAL E 11 -1.67 10.97 -28.80
CA VAL E 11 -0.81 9.80 -28.94
C VAL E 11 -0.32 9.73 -30.39
N GLY E 12 -1.25 9.92 -31.33
CA GLY E 12 -0.97 9.84 -32.74
C GLY E 12 0.13 10.81 -33.17
N ARG E 13 -0.07 12.10 -32.89
CA ARG E 13 0.89 13.15 -33.21
C ARG E 13 2.18 12.95 -32.42
N GLU E 14 2.07 12.58 -31.15
CA GLU E 14 3.26 12.34 -30.37
C GLU E 14 4.10 11.28 -31.08
N PHE E 15 3.44 10.20 -31.52
CA PHE E 15 4.14 9.12 -32.20
C PHE E 15 4.80 9.59 -33.50
N VAL E 16 4.11 10.45 -34.27
CA VAL E 16 4.53 10.78 -35.63
C VAL E 16 5.76 11.69 -35.60
N ARG E 17 5.74 12.72 -34.75
CA ARG E 17 6.84 13.66 -34.66
C ARG E 17 8.10 12.91 -34.23
N GLN E 18 7.87 11.96 -33.32
CA GLN E 18 8.91 11.10 -32.79
C GLN E 18 9.45 10.18 -33.89
N TYR E 19 8.55 9.52 -34.62
CA TYR E 19 8.93 8.58 -35.66
C TYR E 19 9.86 9.29 -36.64
N TYR E 20 9.39 10.40 -37.23
CA TYR E 20 10.17 11.10 -38.24
C TYR E 20 11.39 11.81 -37.62
N THR E 21 11.33 12.18 -36.33
CA THR E 21 12.53 12.60 -35.62
C THR E 21 13.56 11.49 -35.64
N LEU E 22 13.21 10.32 -35.10
CA LEU E 22 14.14 9.21 -34.94
C LEU E 22 14.57 8.66 -36.29
N LEU E 23 13.76 8.87 -37.35
CA LEU E 23 14.12 8.38 -38.68
C LEU E 23 15.26 9.22 -39.24
N ASN E 24 15.43 10.42 -38.68
CA ASN E 24 16.47 11.33 -39.11
C ASN E 24 17.76 11.02 -38.38
N GLN E 25 17.65 10.64 -37.11
CA GLN E 25 18.77 10.65 -36.18
C GLN E 25 19.32 9.24 -36.01
N ALA E 26 18.43 8.26 -35.79
CA ALA E 26 18.81 6.88 -35.53
C ALA E 26 17.96 5.91 -36.35
N PRO E 27 17.91 6.04 -37.70
CA PRO E 27 17.23 5.04 -38.50
C PRO E 27 17.50 3.67 -37.87
N ASP E 28 18.77 3.39 -37.62
CA ASP E 28 19.20 2.16 -36.96
C ASP E 28 18.46 2.01 -35.63
N LEU E 30 15.04 2.76 -35.01
CA LEU E 30 13.63 2.73 -35.48
C LEU E 30 13.03 1.35 -35.22
N HIS E 31 13.87 0.31 -35.30
CA HIS E 31 13.42 -1.06 -35.14
C HIS E 31 12.89 -1.29 -33.73
N ARG E 32 13.22 -0.39 -32.78
CA ARG E 32 12.87 -0.59 -31.38
C ARG E 32 11.38 -0.35 -31.12
N PHE E 33 10.72 0.35 -32.03
CA PHE E 33 9.28 0.59 -31.93
C PHE E 33 8.46 -0.69 -32.12
N TYR E 34 9.02 -1.69 -32.81
CA TYR E 34 8.24 -2.80 -33.35
C TYR E 34 8.33 -4.02 -32.45
N GLY E 35 7.43 -4.98 -32.66
CA GLY E 35 7.34 -6.19 -31.83
C GLY E 35 7.23 -7.45 -32.68
N LYS E 36 7.02 -8.60 -32.03
CA LYS E 36 7.07 -9.88 -32.74
C LYS E 36 6.01 -9.86 -33.85
N ASN E 37 4.76 -9.59 -33.50
CA ASN E 37 3.64 -9.80 -34.42
C ASN E 37 3.46 -8.62 -35.38
N SER E 38 4.49 -7.78 -35.57
CA SER E 38 4.34 -6.49 -36.22
C SER E 38 4.70 -6.55 -37.71
N SER E 39 3.99 -5.75 -38.53
CA SER E 39 4.23 -5.64 -39.96
C SER E 39 4.88 -4.29 -40.27
N TYR E 40 5.70 -4.26 -41.33
CA TYR E 40 6.43 -3.06 -41.75
C TYR E 40 6.56 -3.04 -43.27
N VAL E 41 6.26 -1.89 -43.89
CA VAL E 41 6.54 -1.71 -45.31
C VAL E 41 6.74 -0.23 -45.61
N HIS E 42 7.86 0.07 -46.30
CA HIS E 42 8.08 1.38 -46.90
C HIS E 42 7.55 1.31 -48.33
N GLY E 43 8.21 1.96 -49.29
CA GLY E 43 7.78 1.83 -50.68
C GLY E 43 8.25 0.51 -51.28
N GLY E 44 8.57 0.54 -52.58
CA GLY E 44 9.44 -0.45 -53.20
C GLY E 44 8.80 -1.12 -54.40
N LEU E 45 9.66 -1.72 -55.25
CA LEU E 45 9.27 -2.35 -56.51
C LEU E 45 9.89 -3.75 -56.66
N ASP E 46 9.55 -4.42 -57.79
CA ASP E 46 9.72 -5.85 -58.08
C ASP E 46 9.05 -6.68 -56.98
N LYS E 50 6.38 -3.81 -59.41
CA LYS E 50 5.07 -3.91 -58.72
C LYS E 50 5.27 -3.70 -57.21
N PRO E 51 4.32 -3.03 -56.52
CA PRO E 51 4.46 -2.70 -55.10
C PRO E 51 5.11 -3.76 -54.23
N ALA E 52 6.17 -3.38 -53.49
CA ALA E 52 6.97 -4.31 -52.71
C ALA E 52 6.14 -4.83 -51.53
N ASP E 53 6.51 -6.04 -51.07
CA ASP E 53 5.84 -6.73 -49.98
C ASP E 53 6.21 -6.19 -48.60
N ALA E 54 5.33 -6.42 -47.63
CA ALA E 54 5.60 -6.21 -46.22
C ALA E 54 6.45 -7.36 -45.68
N VAL E 55 7.16 -7.09 -44.57
CA VAL E 55 7.95 -8.05 -43.80
C VAL E 55 7.48 -7.98 -42.34
N TYR E 56 7.92 -8.91 -41.48
CA TYR E 56 7.39 -9.03 -40.11
C TYR E 56 8.48 -9.42 -39.12
N GLY E 57 8.43 -8.83 -37.91
CA GLY E 57 9.32 -9.14 -36.80
C GLY E 57 10.41 -8.09 -36.62
N GLN E 58 10.95 -7.96 -35.40
CA GLN E 58 11.92 -6.91 -35.13
C GLN E 58 13.15 -7.15 -36.02
N LYS E 59 13.67 -8.39 -35.98
CA LYS E 59 14.88 -8.75 -36.72
C LYS E 59 14.74 -8.37 -38.19
N GLU E 60 13.65 -8.81 -38.83
CA GLU E 60 13.44 -8.55 -40.25
C GLU E 60 13.21 -7.06 -40.49
N ILE E 61 12.34 -6.43 -39.68
CA ILE E 61 12.02 -5.02 -39.87
C ILE E 61 13.32 -4.23 -39.78
N HIS E 62 14.17 -4.61 -38.82
CA HIS E 62 15.52 -4.11 -38.70
C HIS E 62 16.25 -4.22 -40.04
N ARG E 63 16.22 -5.43 -40.61
CA ARG E 63 16.92 -5.74 -41.84
C ARG E 63 16.38 -4.86 -42.96
N LYS E 64 15.06 -4.62 -42.95
CA LYS E 64 14.40 -3.88 -44.03
C LYS E 64 14.69 -2.39 -43.91
N VAL E 65 14.51 -1.84 -42.70
CA VAL E 65 14.74 -0.43 -42.42
C VAL E 65 16.14 -0.04 -42.89
N MET E 66 17.14 -0.87 -42.53
CA MET E 66 18.54 -0.63 -42.85
C MET E 66 18.78 -0.61 -44.36
N SER E 67 18.21 -1.59 -45.08
CA SER E 67 18.54 -1.79 -46.49
C SER E 67 18.17 -0.57 -47.36
N GLN E 68 17.44 0.42 -46.79
CA GLN E 68 16.95 1.55 -47.56
C GLN E 68 17.70 2.84 -47.22
N ASN E 69 18.75 2.71 -46.41
CA ASN E 69 19.74 3.75 -46.14
C ASN E 69 19.07 5.12 -46.07
N PHE E 70 18.31 5.33 -44.98
CA PHE E 70 17.84 6.64 -44.59
C PHE E 70 19.01 7.47 -44.06
N THR E 71 19.37 8.53 -44.79
CA THR E 71 20.38 9.49 -44.34
C THR E 71 19.91 10.90 -44.66
N ASN E 72 20.00 11.80 -43.67
CA ASN E 72 19.52 13.18 -43.79
C ASN E 72 18.04 13.18 -44.18
N CYS E 73 17.21 12.43 -43.45
CA CYS E 73 15.82 12.16 -43.83
C CYS E 73 14.90 13.27 -43.31
N HIS E 74 14.24 13.97 -44.25
CA HIS E 74 13.36 15.08 -43.90
C HIS E 74 11.93 14.79 -44.39
N THR E 75 10.99 14.87 -43.43
CA THR E 75 9.58 14.54 -43.63
C THR E 75 8.73 15.77 -43.35
N LYS E 76 7.90 16.16 -44.32
CA LYS E 76 6.82 17.12 -44.10
C LYS E 76 5.53 16.34 -43.83
N ILE E 77 4.70 16.86 -42.92
CA ILE E 77 3.44 16.24 -42.55
C ILE E 77 2.30 17.19 -42.94
N ARG E 78 1.49 16.80 -43.92
CA ARG E 78 0.37 17.62 -44.37
C ARG E 78 -0.93 17.16 -43.70
N HIS E 79 -0.90 15.98 -43.05
CA HIS E 79 -2.11 15.40 -42.49
C HIS E 79 -1.74 14.26 -41.55
N VAL E 80 -2.33 14.31 -40.35
CA VAL E 80 -2.19 13.28 -39.33
C VAL E 80 -3.48 13.25 -38.51
N ASP E 81 -4.32 12.24 -38.74
CA ASP E 81 -5.49 12.01 -37.92
C ASP E 81 -5.30 10.66 -37.22
N ALA E 82 -5.90 10.53 -36.03
CA ALA E 82 -5.71 9.35 -35.21
C ALA E 82 -6.97 9.10 -34.40
N HIS E 83 -7.21 7.83 -34.04
CA HIS E 83 -8.49 7.39 -33.52
C HIS E 83 -8.30 6.12 -32.70
N ALA E 84 -9.13 5.96 -31.65
CA ALA E 84 -9.16 4.75 -30.85
C ALA E 84 -9.73 3.59 -31.68
N THR E 85 -9.20 2.39 -31.41
CA THR E 85 -9.55 1.20 -32.17
C THR E 85 -9.53 0.00 -31.24
N LEU E 86 -9.92 -1.17 -31.77
CA LEU E 86 -10.02 -2.38 -30.97
C LEU E 86 -8.86 -2.47 -29.98
N ASN E 87 -9.23 -2.40 -28.69
CA ASN E 87 -8.40 -2.81 -27.57
C ASN E 87 -7.38 -1.72 -27.22
N ASP E 88 -7.92 -0.55 -26.87
CA ASP E 88 -7.17 0.54 -26.26
C ASP E 88 -5.98 0.93 -27.13
N GLY E 89 -6.09 0.68 -28.44
CA GLY E 89 -5.05 1.02 -29.41
C GLY E 89 -5.37 2.30 -30.17
N VAL E 90 -4.45 2.70 -31.06
CA VAL E 90 -4.66 3.87 -31.90
C VAL E 90 -4.29 3.52 -33.34
N VAL E 91 -5.25 3.66 -34.25
CA VAL E 91 -4.97 3.73 -35.67
C VAL E 91 -4.59 5.17 -35.99
N VAL E 92 -3.50 5.33 -36.75
CA VAL E 92 -3.02 6.65 -37.17
C VAL E 92 -2.91 6.70 -38.70
N GLN E 93 -3.40 7.80 -39.29
CA GLN E 93 -3.30 8.03 -40.72
C GLN E 93 -2.42 9.24 -40.97
N VAL E 94 -1.43 9.08 -41.85
CA VAL E 94 -0.49 10.14 -42.19
C VAL E 94 -0.50 10.35 -43.71
N MET E 95 -0.32 11.60 -44.13
CA MET E 95 0.06 11.95 -45.49
C MET E 95 1.12 13.05 -45.42
N GLY E 96 2.13 12.99 -46.30
CA GLY E 96 3.20 13.97 -46.29
C GLY E 96 4.11 13.86 -47.52
N LEU E 97 5.27 14.53 -47.45
CA LEU E 97 6.34 14.35 -48.40
C LEU E 97 7.61 13.97 -47.63
N LEU E 98 8.33 12.97 -48.15
CA LEU E 98 9.61 12.55 -47.59
C LEU E 98 10.72 12.67 -48.64
N SER E 99 11.88 13.17 -48.20
CA SER E 99 13.10 13.24 -48.99
C SER E 99 14.21 12.46 -48.28
N ASN E 100 14.73 11.44 -48.95
CA ASN E 100 15.85 10.67 -48.43
C ASN E 100 17.14 11.29 -48.99
N ASN E 101 18.17 11.38 -48.13
CA ASN E 101 19.51 11.75 -48.56
C ASN E 101 19.48 13.01 -49.43
N ASN E 102 18.56 13.93 -49.09
CA ASN E 102 18.48 15.22 -49.75
C ASN E 102 18.04 15.07 -51.20
N GLN E 103 17.33 13.98 -51.52
CA GLN E 103 16.75 13.81 -52.86
C GLN E 103 15.42 14.55 -52.92
N ALA E 104 14.71 14.43 -54.05
CA ALA E 104 13.41 15.09 -54.20
C ALA E 104 12.40 14.50 -53.20
N LEU E 105 11.65 15.40 -52.52
CA LEU E 105 10.52 15.04 -51.67
C LEU E 105 9.59 14.09 -52.43
N ARG E 106 8.92 13.18 -51.70
CA ARG E 106 8.01 12.23 -52.30
C ARG E 106 6.74 12.09 -51.48
N ARG E 107 5.59 12.23 -52.15
CA ARG E 107 4.26 12.14 -51.56
C ARG E 107 4.00 10.72 -51.06
N PHE E 108 3.86 10.55 -49.75
CA PHE E 108 3.53 9.26 -49.19
C PHE E 108 2.11 9.26 -48.58
N MET E 109 1.54 8.06 -48.46
CA MET E 109 0.32 7.79 -47.72
C MET E 109 0.62 6.68 -46.71
N GLN E 110 0.42 6.91 -45.41
CA GLN E 110 0.84 5.95 -44.40
C GLN E 110 -0.24 5.74 -43.35
N THR E 111 -0.20 4.54 -42.74
CA THR E 111 -1.12 4.15 -41.68
C THR E 111 -0.35 3.42 -40.58
N PHE E 112 -0.55 3.80 -39.32
CA PHE E 112 0.00 3.03 -38.21
C PHE E 112 -1.14 2.45 -37.38
N VAL E 113 -0.81 1.37 -36.66
CA VAL E 113 -1.65 0.84 -35.60
C VAL E 113 -0.78 0.65 -34.37
N LEU E 114 -0.98 1.50 -33.36
CA LEU E 114 -0.25 1.45 -32.11
C LEU E 114 -1.05 0.60 -31.11
N ALA E 115 -0.39 -0.38 -30.50
CA ALA E 115 -0.98 -1.12 -29.39
C ALA E 115 -0.32 -0.70 -28.07
N PRO E 116 -1.09 -0.70 -26.95
CA PRO E 116 -0.49 -0.69 -25.62
C PRO E 116 0.52 -1.81 -25.45
N GLU E 117 1.67 -1.51 -24.84
CA GLU E 117 2.64 -2.51 -24.43
C GLU E 117 2.11 -3.25 -23.19
N GLY E 118 1.07 -2.68 -22.56
CA GLY E 118 0.24 -3.40 -21.60
C GLY E 118 0.82 -3.43 -20.19
N SER E 119 2.05 -2.91 -20.03
CA SER E 119 2.80 -3.03 -18.78
C SER E 119 3.13 -1.65 -18.20
N VAL E 120 3.74 -0.79 -19.02
CA VAL E 120 4.01 0.59 -18.63
C VAL E 120 2.80 1.43 -19.05
N ALA E 121 2.47 2.45 -18.23
CA ALA E 121 1.36 3.36 -18.52
C ALA E 121 1.71 4.24 -19.72
N ASN E 122 0.76 4.38 -20.65
CA ASN E 122 0.92 5.26 -21.79
C ASN E 122 2.09 4.84 -22.68
N LYS E 123 2.52 3.57 -22.57
CA LYS E 123 3.49 3.02 -23.52
C LYS E 123 2.74 2.26 -24.61
N PHE E 124 3.22 2.44 -25.84
CA PHE E 124 2.62 1.86 -27.03
C PHE E 124 3.75 1.35 -27.93
N TYR E 125 3.44 0.36 -28.79
CA TYR E 125 4.33 -0.06 -29.86
C TYR E 125 3.56 -0.10 -31.19
N VAL E 126 4.33 -0.07 -32.29
CA VAL E 126 3.80 -0.20 -33.65
C VAL E 126 3.51 -1.67 -33.97
N HIS E 127 2.21 -2.02 -33.98
CA HIS E 127 1.72 -3.31 -34.45
C HIS E 127 1.76 -3.36 -35.98
N ASN E 128 1.53 -2.19 -36.64
CA ASN E 128 1.51 -2.08 -38.09
C ASN E 128 2.05 -0.73 -38.56
N ASP E 129 3.05 -0.76 -39.47
CA ASP E 129 3.54 0.40 -40.19
C ASP E 129 3.35 0.13 -41.68
N ILE E 130 2.28 0.68 -42.26
CA ILE E 130 2.02 0.55 -43.70
C ILE E 130 2.36 1.90 -44.33
N PHE E 131 3.44 1.93 -45.11
CA PHE E 131 3.88 3.14 -45.80
C PHE E 131 3.90 2.87 -47.31
N ARG E 132 3.43 3.83 -48.11
CA ARG E 132 3.50 3.72 -49.57
C ARG E 132 3.84 5.07 -50.19
N TYR E 133 4.85 5.10 -51.08
CA TYR E 133 5.12 6.28 -51.90
C TYR E 133 4.08 6.32 -53.00
N GLN E 134 3.51 7.51 -53.27
CA GLN E 134 2.42 7.64 -54.21
C GLN E 134 2.88 7.30 -55.64
N ASP E 135 4.07 7.78 -56.01
CA ASP E 135 4.61 7.65 -57.36
C ASP E 135 4.65 6.19 -57.80
N GLU E 136 5.12 5.32 -56.90
CA GLU E 136 5.28 3.89 -57.16
C GLU E 136 3.95 3.19 -57.37
N VAL E 137 2.82 3.85 -57.02
CA VAL E 137 1.49 3.25 -57.06
C VAL E 137 0.61 3.92 -58.11
N PHE E 138 0.86 5.19 -58.45
CA PHE E 138 0.04 5.90 -59.42
C PHE E 138 0.86 6.22 -60.68
N MET F 3 47.75 -10.63 -10.15
CA MET F 3 46.89 -9.44 -9.87
C MET F 3 46.66 -8.67 -11.17
N GLU F 4 45.40 -8.24 -11.39
CA GLU F 4 45.03 -7.43 -12.54
C GLU F 4 43.94 -6.44 -12.12
N LYS F 5 44.03 -5.20 -12.59
CA LYS F 5 43.19 -4.13 -12.11
C LYS F 5 41.77 -4.32 -12.65
N PRO F 6 40.73 -3.95 -11.88
CA PRO F 6 39.37 -4.13 -12.34
C PRO F 6 39.00 -2.94 -13.22
N SER F 7 38.46 -3.23 -14.41
CA SER F 7 37.96 -2.20 -15.29
C SER F 7 37.24 -1.12 -14.50
N PRO F 8 37.46 0.17 -14.81
CA PRO F 8 36.62 1.23 -14.25
C PRO F 8 35.14 0.95 -14.45
N LEU F 9 34.78 0.52 -15.66
CA LEU F 9 33.38 0.28 -16.00
C LEU F 9 32.84 -0.91 -15.24
N LEU F 10 33.69 -1.86 -14.88
CA LEU F 10 33.26 -2.94 -13.99
C LEU F 10 33.02 -2.35 -12.61
N VAL F 11 34.00 -1.59 -12.11
CA VAL F 11 33.88 -0.92 -10.83
C VAL F 11 32.51 -0.25 -10.76
N GLY F 12 32.21 0.61 -11.76
CA GLY F 12 31.01 1.45 -11.77
C GLY F 12 29.73 0.62 -11.76
N ARG F 13 29.63 -0.34 -12.69
N ARG F 13 29.62 -0.34 -12.67
CA ARG F 13 28.48 -1.23 -12.83
CA ARG F 13 28.45 -1.19 -12.81
C ARG F 13 28.23 -1.96 -11.52
C ARG F 13 28.22 -1.99 -11.53
N GLU F 14 29.29 -2.56 -10.97
CA GLU F 14 29.22 -3.33 -9.73
C GLU F 14 28.70 -2.47 -8.59
N PHE F 15 29.29 -1.28 -8.45
CA PHE F 15 28.89 -0.33 -7.42
C PHE F 15 27.41 0.04 -7.57
N VAL F 16 26.99 0.34 -8.80
CA VAL F 16 25.62 0.78 -9.02
C VAL F 16 24.67 -0.37 -8.69
N ARG F 17 25.03 -1.60 -9.10
CA ARG F 17 24.36 -2.81 -8.64
C ARG F 17 24.23 -2.79 -7.12
N GLN F 18 25.35 -2.52 -6.42
CA GLN F 18 25.41 -2.71 -4.99
C GLN F 18 24.63 -1.57 -4.29
N TYR F 19 24.63 -0.39 -4.90
CA TYR F 19 24.13 0.83 -4.28
C TYR F 19 22.60 0.86 -4.35
N TYR F 20 22.06 0.63 -5.55
CA TYR F 20 20.63 0.76 -5.76
C TYR F 20 19.94 -0.45 -5.15
N THR F 21 20.73 -1.49 -4.84
CA THR F 21 20.29 -2.62 -4.05
C THR F 21 20.07 -2.15 -2.60
N LEU F 22 21.17 -1.77 -1.93
CA LEU F 22 21.13 -1.41 -0.52
C LEU F 22 20.07 -0.35 -0.24
N LEU F 23 19.69 0.43 -1.27
CA LEU F 23 18.59 1.36 -1.21
C LEU F 23 17.25 0.63 -1.19
N ASN F 24 17.27 -0.67 -0.83
CA ASN F 24 16.07 -1.47 -0.65
C ASN F 24 16.25 -2.39 0.56
N GLN F 25 17.41 -3.06 0.64
CA GLN F 25 17.77 -3.91 1.77
C GLN F 25 17.86 -3.09 3.05
N ALA F 26 18.64 -1.99 3.04
CA ALA F 26 18.87 -1.22 4.26
C ALA F 26 19.31 0.22 3.97
N PRO F 27 18.44 1.09 3.42
CA PRO F 27 18.72 2.53 3.32
C PRO F 27 19.42 3.11 4.55
N ASP F 28 19.01 2.64 5.73
CA ASP F 28 19.63 2.98 7.01
C ASP F 28 21.16 2.86 6.92
N MET F 29 21.62 1.77 6.28
CA MET F 29 23.02 1.36 6.36
C MET F 29 23.87 2.01 5.26
N LEU F 30 23.25 2.89 4.45
CA LEU F 30 23.85 3.42 3.24
C LEU F 30 25.10 4.27 3.56
N HIS F 31 25.06 5.03 4.65
CA HIS F 31 26.04 6.06 4.96
C HIS F 31 27.50 5.57 4.84
N ARG F 32 27.75 4.29 5.18
CA ARG F 32 29.08 3.69 5.24
C ARG F 32 29.82 3.85 3.90
N PHE F 33 29.07 3.91 2.79
CA PHE F 33 29.62 4.13 1.46
C PHE F 33 30.46 5.41 1.42
N TYR F 34 30.00 6.45 2.14
CA TYR F 34 30.61 7.76 2.10
C TYR F 34 31.57 7.93 3.28
N GLY F 35 32.53 8.87 3.12
CA GLY F 35 33.49 9.22 4.15
C GLY F 35 33.25 10.63 4.71
N LYS F 36 34.36 11.34 5.02
CA LYS F 36 34.33 12.59 5.77
C LYS F 36 34.25 13.80 4.83
N ASN F 37 34.93 13.73 3.69
CA ASN F 37 34.92 14.80 2.69
C ASN F 37 33.80 14.56 1.68
N SER F 38 33.03 13.47 1.86
CA SER F 38 32.03 13.03 0.89
C SER F 38 30.96 14.10 0.68
N SER F 39 30.17 13.94 -0.39
CA SER F 39 29.13 14.88 -0.77
C SER F 39 27.96 14.17 -1.44
N TYR F 40 26.74 14.32 -0.88
CA TYR F 40 25.56 13.57 -1.30
C TYR F 40 24.41 14.52 -1.63
N VAL F 41 23.58 14.19 -2.62
CA VAL F 41 22.31 14.88 -2.81
C VAL F 41 21.36 14.05 -3.68
N HIS F 42 20.04 14.30 -3.55
CA HIS F 42 19.00 13.46 -4.14
C HIS F 42 17.69 14.25 -4.29
N ASP F 46 14.57 19.45 -4.28
CA ASP F 46 13.99 20.78 -4.65
C ASP F 46 13.86 21.68 -3.44
N SER F 47 13.10 21.23 -2.44
CA SER F 47 12.88 21.99 -1.21
C SER F 47 12.28 23.36 -1.53
N ASN F 48 13.15 24.39 -1.60
CA ASN F 48 12.70 25.70 -2.02
C ASN F 48 13.80 26.34 -2.87
N GLY F 49 13.38 27.08 -3.92
CA GLY F 49 14.29 27.77 -4.81
C GLY F 49 14.76 26.92 -5.99
N LYS F 50 14.10 25.77 -6.19
CA LYS F 50 14.53 24.81 -7.20
C LYS F 50 15.74 24.06 -6.64
N PRO F 51 16.44 23.22 -7.45
CA PRO F 51 17.45 22.30 -6.94
C PRO F 51 17.98 22.55 -5.53
N ALA F 52 17.66 21.63 -4.63
CA ALA F 52 18.12 21.64 -3.25
C ALA F 52 19.63 21.54 -3.17
N ASP F 53 20.21 22.05 -2.07
CA ASP F 53 21.65 21.97 -1.83
C ASP F 53 22.02 20.57 -1.35
N ALA F 54 23.34 20.34 -1.25
CA ALA F 54 23.87 19.04 -0.89
C ALA F 54 24.60 19.09 0.45
N VAL F 55 24.30 18.12 1.31
CA VAL F 55 25.02 17.89 2.56
C VAL F 55 26.44 17.41 2.27
N TYR F 56 27.19 17.09 3.33
CA TYR F 56 28.57 16.62 3.27
C TYR F 56 28.90 15.87 4.55
N GLY F 57 29.81 14.88 4.47
CA GLY F 57 30.22 14.09 5.63
C GLY F 57 29.19 13.03 6.02
N GLN F 58 29.68 11.88 6.52
CA GLN F 58 28.84 10.70 6.77
C GLN F 58 27.61 11.06 7.60
N LYS F 59 27.84 11.60 8.81
CA LYS F 59 26.78 11.85 9.79
C LYS F 59 25.63 12.62 9.15
N GLU F 60 25.99 13.71 8.46
CA GLU F 60 25.03 14.61 7.83
C GLU F 60 24.29 13.90 6.68
N ILE F 61 24.97 12.94 6.01
CA ILE F 61 24.43 12.21 4.87
C ILE F 61 23.35 11.24 5.34
N HIS F 62 23.57 10.56 6.49
CA HIS F 62 22.61 9.61 7.01
C HIS F 62 21.26 10.30 7.22
N ARG F 63 21.30 11.40 7.98
CA ARG F 63 20.12 12.20 8.28
C ARG F 63 19.33 12.44 6.99
N LYS F 64 20.02 12.85 5.92
CA LYS F 64 19.38 13.28 4.68
C LYS F 64 18.81 12.07 3.92
N VAL F 65 19.43 10.89 4.10
CA VAL F 65 18.98 9.67 3.46
C VAL F 65 17.70 9.18 4.14
N MET F 66 17.69 9.18 5.48
CA MET F 66 16.53 8.74 6.25
C MET F 66 15.38 9.74 6.04
N SER F 67 15.70 10.98 5.66
CA SER F 67 14.70 12.01 5.44
C SER F 67 13.91 11.77 4.15
N GLN F 68 14.16 10.63 3.46
CA GLN F 68 13.31 10.18 2.37
C GLN F 68 12.84 8.76 2.68
N PHE F 70 13.62 5.67 2.62
CA PHE F 70 13.15 5.58 1.21
C PHE F 70 11.85 4.76 1.16
N ASN F 72 10.64 1.16 -0.10
CA ASN F 72 10.71 -0.09 -0.90
C ASN F 72 11.02 0.30 -2.34
N CYS F 73 12.26 0.81 -2.55
CA CYS F 73 12.67 1.47 -3.79
C CYS F 73 12.98 0.43 -4.86
N HIS F 74 12.78 0.82 -6.14
CA HIS F 74 13.04 -0.04 -7.29
C HIS F 74 13.63 0.81 -8.43
N THR F 75 14.88 0.52 -8.80
CA THR F 75 15.65 1.33 -9.76
C THR F 75 15.73 0.65 -11.13
N LYS F 76 15.57 1.42 -12.21
CA LYS F 76 15.82 0.93 -13.56
C LYS F 76 16.92 1.75 -14.23
N ILE F 77 18.12 1.16 -14.31
CA ILE F 77 19.33 1.80 -14.80
C ILE F 77 19.42 1.60 -16.33
N ARG F 78 19.26 2.70 -17.10
CA ARG F 78 19.25 2.64 -18.56
C ARG F 78 20.63 2.96 -19.15
N HIS F 79 21.56 3.49 -18.34
CA HIS F 79 22.84 3.99 -18.83
C HIS F 79 23.81 4.05 -17.65
N VAL F 80 24.98 3.45 -17.83
CA VAL F 80 26.08 3.43 -16.87
C VAL F 80 27.37 3.57 -17.67
N ASP F 81 28.08 4.69 -17.50
CA ASP F 81 29.42 4.83 -18.05
C ASP F 81 30.34 5.16 -16.89
N ALA F 82 31.61 4.79 -17.04
CA ALA F 82 32.53 4.70 -15.92
C ALA F 82 33.96 4.77 -16.44
N HIS F 83 34.78 5.59 -15.80
CA HIS F 83 36.11 5.87 -16.33
C HIS F 83 37.08 6.18 -15.20
N ALA F 84 38.38 5.95 -15.48
CA ALA F 84 39.48 6.32 -14.62
C ALA F 84 39.54 7.85 -14.47
N THR F 85 39.76 8.30 -13.22
CA THR F 85 39.94 9.70 -12.87
C THR F 85 41.23 9.84 -12.05
N LEU F 86 41.38 10.96 -11.33
CA LEU F 86 42.53 11.23 -10.47
C LEU F 86 42.61 10.21 -9.32
N ASN F 87 43.83 10.04 -8.79
CA ASN F 87 44.16 9.25 -7.60
C ASN F 87 43.53 7.87 -7.64
N ASP F 88 43.62 7.21 -8.81
CA ASP F 88 43.10 5.86 -9.00
C ASP F 88 41.61 5.76 -8.66
N GLY F 89 40.85 6.85 -8.87
CA GLY F 89 39.42 6.85 -8.60
C GLY F 89 38.61 6.54 -9.86
N VAL F 90 37.29 6.47 -9.74
CA VAL F 90 36.43 6.22 -10.89
C VAL F 90 35.28 7.23 -10.87
N VAL F 91 35.11 7.97 -11.96
CA VAL F 91 33.92 8.78 -12.19
C VAL F 91 32.91 7.94 -12.97
N VAL F 92 31.71 7.78 -12.39
CA VAL F 92 30.65 6.99 -12.97
C VAL F 92 29.49 7.90 -13.35
N GLN F 93 28.94 7.77 -14.56
CA GLN F 93 27.78 8.54 -14.99
C GLN F 93 26.58 7.60 -15.14
N VAL F 94 25.61 7.75 -14.21
CA VAL F 94 24.41 6.91 -14.14
C VAL F 94 23.21 7.72 -14.64
N MET F 95 22.23 7.01 -15.21
CA MET F 95 21.08 7.67 -15.84
C MET F 95 19.94 6.67 -16.04
N GLY F 96 18.76 6.97 -15.47
CA GLY F 96 17.57 6.13 -15.65
C GLY F 96 16.40 6.55 -14.76
N LEU F 97 15.82 5.58 -14.03
CA LEU F 97 14.51 5.71 -13.40
C LEU F 97 14.50 5.16 -11.97
N LEU F 98 13.77 5.82 -11.08
CA LEU F 98 13.54 5.51 -9.66
CA LEU F 98 13.33 5.09 -9.90
C LEU F 98 12.05 5.67 -9.36
N SER F 99 11.46 4.83 -8.51
CA SER F 99 10.18 5.09 -7.86
C SER F 99 10.32 4.71 -6.39
N ASN F 100 10.01 5.66 -5.49
CA ASN F 100 10.06 5.38 -4.07
C ASN F 100 8.71 4.80 -3.68
N ASN F 101 8.69 4.13 -2.51
CA ASN F 101 7.47 3.58 -1.93
C ASN F 101 6.37 3.45 -2.98
N ASN F 102 6.64 2.63 -4.01
CA ASN F 102 5.66 2.23 -5.01
C ASN F 102 4.94 3.46 -5.57
N GLN F 103 5.70 4.37 -6.19
CA GLN F 103 5.12 5.54 -6.83
C GLN F 103 5.46 5.53 -8.33
N ALA F 104 5.15 6.61 -9.05
CA ALA F 104 5.59 6.83 -10.42
C ALA F 104 7.12 6.72 -10.56
N LEU F 105 7.58 5.97 -11.57
CA LEU F 105 8.96 5.96 -12.04
C LEU F 105 9.41 7.39 -12.39
N ARG F 106 10.57 7.78 -11.85
CA ARG F 106 11.15 9.10 -12.07
C ARG F 106 12.46 9.00 -12.85
N ARG F 107 12.55 9.77 -13.96
CA ARG F 107 13.78 10.00 -14.71
C ARG F 107 14.82 10.76 -13.88
N PHE F 108 16.11 10.34 -13.97
CA PHE F 108 17.17 10.93 -13.16
C PHE F 108 18.52 10.89 -13.86
N MET F 109 19.43 11.78 -13.41
CA MET F 109 20.76 12.01 -13.97
C MET F 109 21.78 12.14 -12.82
N GLN F 110 22.63 11.11 -12.62
CA GLN F 110 23.50 11.00 -11.46
C GLN F 110 24.99 10.95 -11.85
N THR F 111 25.87 11.32 -10.91
CA THR F 111 27.30 11.28 -11.12
C THR F 111 28.03 10.88 -9.85
N PHE F 112 28.59 9.67 -9.81
CA PHE F 112 29.45 9.28 -8.70
C PHE F 112 30.92 9.52 -9.09
N VAL F 113 31.70 10.07 -8.15
CA VAL F 113 33.15 9.92 -8.15
C VAL F 113 33.52 8.95 -7.03
N LEU F 114 34.02 7.75 -7.39
CA LEU F 114 34.45 6.76 -6.43
C LEU F 114 35.96 6.88 -6.24
N ALA F 115 36.45 6.60 -5.02
CA ALA F 115 37.89 6.66 -4.75
C ALA F 115 38.37 5.43 -3.98
N PRO F 116 39.65 5.06 -4.11
CA PRO F 116 40.24 4.00 -3.27
C PRO F 116 40.13 4.28 -1.77
N GLU F 117 39.97 3.22 -0.97
CA GLU F 117 39.90 3.30 0.49
C GLU F 117 41.29 3.21 1.11
N GLY F 118 42.19 2.43 0.49
CA GLY F 118 43.59 2.36 0.90
C GLY F 118 43.76 1.61 2.22
N VAL F 120 42.67 -1.53 1.96
CA VAL F 120 42.07 -2.72 1.31
C VAL F 120 41.99 -2.47 -0.22
N ALA F 121 42.71 -3.30 -1.00
CA ALA F 121 42.65 -3.25 -2.46
C ALA F 121 41.23 -3.52 -2.95
N ASN F 122 40.90 -2.99 -4.13
CA ASN F 122 39.60 -3.19 -4.76
C ASN F 122 38.47 -2.62 -3.90
N LYS F 123 38.79 -2.01 -2.75
CA LYS F 123 37.79 -1.37 -1.91
C LYS F 123 37.75 0.12 -2.24
N PHE F 124 36.54 0.66 -2.49
CA PHE F 124 36.34 2.06 -2.82
C PHE F 124 35.24 2.67 -1.97
N TYR F 125 35.24 4.02 -1.85
CA TYR F 125 34.19 4.79 -1.19
C TYR F 125 33.70 5.88 -2.15
N VAL F 126 32.53 6.47 -1.81
CA VAL F 126 31.91 7.54 -2.57
C VAL F 126 32.40 8.90 -2.08
N HIS F 127 33.19 9.61 -2.88
CA HIS F 127 33.58 10.98 -2.58
C HIS F 127 32.50 11.95 -3.03
N ASN F 128 31.67 11.57 -4.02
CA ASN F 128 30.62 12.45 -4.52
C ASN F 128 29.43 11.62 -5.01
N ASP F 129 28.24 11.91 -4.49
CA ASP F 129 26.97 11.42 -5.01
C ASP F 129 26.10 12.61 -5.41
N ILE F 130 26.07 12.91 -6.71
CA ILE F 130 25.21 13.95 -7.25
C ILE F 130 24.02 13.29 -7.92
N PHE F 131 22.89 13.22 -7.23
CA PHE F 131 21.65 12.71 -7.80
C PHE F 131 20.67 13.85 -8.05
N ARG F 132 19.98 13.81 -9.19
CA ARG F 132 18.91 14.74 -9.50
C ARG F 132 17.80 14.04 -10.27
N TYR F 133 16.54 14.16 -9.81
CA TYR F 133 15.38 13.85 -10.64
C TYR F 133 15.28 14.91 -11.75
N GLN F 134 14.84 14.48 -12.93
CA GLN F 134 14.74 15.36 -14.08
C GLN F 134 13.54 16.28 -13.97
N ASP F 135 12.39 15.73 -13.51
CA ASP F 135 11.13 16.48 -13.47
C ASP F 135 11.33 17.77 -12.67
N GLU F 136 12.01 17.67 -11.52
CA GLU F 136 12.30 18.80 -10.65
C GLU F 136 13.28 19.79 -11.29
N VAL F 137 13.72 19.55 -12.52
CA VAL F 137 14.79 20.35 -13.12
C VAL F 137 14.39 20.82 -14.51
N PHE F 138 13.67 19.98 -15.26
CA PHE F 138 13.21 20.32 -16.61
C PHE F 138 11.70 20.49 -16.62
N MET G 3 -23.74 -62.87 -19.84
CA MET G 3 -22.27 -62.66 -19.65
C MET G 3 -22.07 -61.62 -18.56
N GLU G 4 -21.53 -62.04 -17.41
CA GLU G 4 -21.24 -61.15 -16.30
C GLU G 4 -20.68 -59.84 -16.86
N LYS G 5 -21.22 -58.71 -16.36
CA LYS G 5 -20.98 -57.37 -16.90
C LYS G 5 -19.49 -57.03 -16.80
N PRO G 6 -18.95 -56.13 -17.65
CA PRO G 6 -17.53 -55.81 -17.61
C PRO G 6 -17.18 -55.08 -16.32
N SER G 7 -15.95 -55.32 -15.80
CA SER G 7 -15.54 -54.85 -14.48
C SER G 7 -15.21 -53.36 -14.52
N PRO G 8 -15.59 -52.59 -13.47
CA PRO G 8 -15.28 -51.15 -13.42
C PRO G 8 -13.86 -50.80 -13.84
N LEU G 9 -12.86 -51.52 -13.30
CA LEU G 9 -11.46 -51.20 -13.57
C LEU G 9 -11.19 -51.16 -15.07
N LEU G 10 -11.92 -51.98 -15.84
CA LEU G 10 -11.71 -52.11 -17.27
C LEU G 10 -12.41 -50.96 -17.99
N VAL G 11 -13.66 -50.72 -17.60
CA VAL G 11 -14.47 -49.61 -18.08
C VAL G 11 -13.68 -48.30 -17.96
N GLY G 12 -13.31 -47.94 -16.73
CA GLY G 12 -12.60 -46.71 -16.45
C GLY G 12 -11.29 -46.56 -17.23
N ARG G 13 -10.58 -47.67 -17.47
CA ARG G 13 -9.30 -47.66 -18.17
C ARG G 13 -9.53 -47.38 -19.67
N GLU G 14 -10.66 -47.82 -20.22
CA GLU G 14 -10.96 -47.57 -21.61
C GLU G 14 -11.32 -46.09 -21.78
N PHE G 15 -12.20 -45.62 -20.89
CA PHE G 15 -12.67 -44.25 -20.89
C PHE G 15 -11.50 -43.28 -20.76
N VAL G 16 -10.54 -43.61 -19.90
CA VAL G 16 -9.37 -42.76 -19.76
C VAL G 16 -8.72 -42.66 -21.14
N ARG G 17 -8.57 -43.78 -21.84
CA ARG G 17 -7.78 -43.77 -23.06
C ARG G 17 -8.58 -43.19 -24.23
N GLN G 18 -9.92 -43.31 -24.23
CA GLN G 18 -10.72 -42.54 -25.17
C GLN G 18 -10.52 -41.05 -24.88
N TYR G 19 -10.98 -40.62 -23.67
CA TYR G 19 -11.02 -39.23 -23.24
C TYR G 19 -9.79 -38.47 -23.70
N TYR G 20 -8.61 -39.03 -23.42
CA TYR G 20 -7.35 -38.35 -23.64
C TYR G 20 -6.89 -38.47 -25.10
N THR G 21 -7.28 -39.54 -25.81
CA THR G 21 -6.92 -39.64 -27.22
C THR G 21 -7.65 -38.53 -27.97
N LEU G 22 -8.93 -38.32 -27.60
CA LEU G 22 -9.73 -37.26 -28.19
C LEU G 22 -9.07 -35.90 -27.97
N LEU G 23 -8.42 -35.71 -26.82
CA LEU G 23 -7.81 -34.43 -26.47
C LEU G 23 -6.56 -34.17 -27.33
N ASN G 24 -6.11 -35.20 -28.08
CA ASN G 24 -5.07 -35.05 -29.09
C ASN G 24 -5.71 -34.99 -30.48
N GLN G 25 -6.64 -35.91 -30.77
CA GLN G 25 -7.31 -35.94 -32.06
C GLN G 25 -8.13 -34.66 -32.24
N ALA G 26 -9.19 -34.50 -31.44
CA ALA G 26 -10.21 -33.48 -31.69
C ALA G 26 -10.86 -33.01 -30.39
N PRO G 27 -10.26 -32.06 -29.64
CA PRO G 27 -10.92 -31.46 -28.48
C PRO G 27 -12.34 -30.99 -28.81
N ASP G 28 -12.52 -30.44 -30.01
CA ASP G 28 -13.84 -30.11 -30.53
C ASP G 28 -14.82 -31.22 -30.14
N LEU G 30 -14.91 -33.37 -27.47
CA LEU G 30 -14.83 -33.80 -26.04
C LEU G 30 -16.18 -33.58 -25.34
N HIS G 31 -16.90 -32.53 -25.73
CA HIS G 31 -18.18 -32.17 -25.15
C HIS G 31 -19.22 -33.27 -25.35
N ARG G 32 -18.96 -34.15 -26.33
CA ARG G 32 -19.86 -35.25 -26.64
C ARG G 32 -20.00 -36.17 -25.43
N PHE G 33 -18.98 -36.17 -24.56
CA PHE G 33 -18.95 -37.00 -23.36
C PHE G 33 -19.90 -36.53 -22.25
N TYR G 34 -20.43 -35.30 -22.34
CA TYR G 34 -21.00 -34.58 -21.20
C TYR G 34 -22.46 -34.18 -21.43
N GLY G 35 -23.31 -34.39 -20.41
CA GLY G 35 -24.74 -34.15 -20.49
C GLY G 35 -25.16 -32.77 -19.98
N LYS G 36 -26.41 -32.67 -19.47
CA LYS G 36 -27.01 -31.41 -19.08
C LYS G 36 -26.48 -30.98 -17.70
N ASN G 37 -26.24 -31.98 -16.85
CA ASN G 37 -25.83 -31.78 -15.47
C ASN G 37 -24.33 -32.04 -15.29
N SER G 38 -23.61 -32.25 -16.40
CA SER G 38 -22.18 -32.54 -16.32
C SER G 38 -21.44 -31.35 -15.70
N SER G 39 -20.37 -31.64 -14.93
CA SER G 39 -19.52 -30.64 -14.33
C SER G 39 -18.12 -30.73 -14.94
N TYR G 40 -17.49 -29.59 -15.25
CA TYR G 40 -16.15 -29.53 -15.85
C TYR G 40 -15.32 -28.42 -15.21
N VAL G 41 -14.06 -28.74 -14.85
CA VAL G 41 -13.03 -27.77 -14.53
C VAL G 41 -11.67 -28.33 -14.94
N HIS G 42 -10.72 -27.46 -15.33
CA HIS G 42 -9.41 -27.89 -15.79
C HIS G 42 -8.31 -26.93 -15.31
N GLY G 43 -8.06 -26.94 -14.00
CA GLY G 43 -7.05 -26.07 -13.41
C GLY G 43 -7.40 -24.59 -13.63
N GLY G 44 -6.39 -23.73 -13.43
CA GLY G 44 -6.53 -22.31 -13.66
C GLY G 44 -6.72 -21.51 -12.38
N LEU G 45 -6.31 -20.23 -12.42
CA LEU G 45 -6.30 -19.33 -11.27
C LEU G 45 -7.06 -18.05 -11.60
N ASP G 46 -8.20 -17.85 -10.94
CA ASP G 46 -9.01 -16.64 -11.05
C ASP G 46 -8.53 -15.63 -10.00
N LYS G 50 -5.67 -18.62 -6.86
CA LYS G 50 -6.97 -19.16 -6.37
C LYS G 50 -7.62 -20.07 -7.42
N PRO G 51 -7.79 -21.38 -7.14
CA PRO G 51 -8.34 -22.32 -8.13
C PRO G 51 -9.63 -21.87 -8.81
N ALA G 52 -9.72 -22.06 -10.15
CA ALA G 52 -10.81 -21.55 -10.99
C ALA G 52 -12.06 -22.40 -10.86
N ASP G 53 -13.24 -21.81 -11.11
CA ASP G 53 -14.52 -22.47 -10.81
C ASP G 53 -14.90 -23.44 -11.92
N ALA G 54 -15.71 -24.44 -11.54
CA ALA G 54 -16.23 -25.44 -12.44
C ALA G 54 -17.44 -24.89 -13.21
N VAL G 55 -17.47 -25.11 -14.54
CA VAL G 55 -18.64 -24.82 -15.37
C VAL G 55 -19.53 -26.06 -15.42
N TYR G 56 -20.79 -25.88 -15.86
CA TYR G 56 -21.78 -26.94 -15.95
C TYR G 56 -22.47 -26.93 -17.33
N GLY G 57 -23.04 -28.08 -17.73
CA GLY G 57 -23.80 -28.21 -18.97
C GLY G 57 -22.90 -28.36 -20.19
N GLN G 58 -23.48 -28.82 -21.31
CA GLN G 58 -22.74 -29.21 -22.50
C GLN G 58 -22.17 -28.00 -23.25
N LYS G 59 -22.89 -26.86 -23.25
CA LYS G 59 -22.52 -25.71 -24.07
C LYS G 59 -21.35 -24.95 -23.45
N GLU G 60 -21.39 -24.77 -22.12
CA GLU G 60 -20.33 -24.05 -21.44
C GLU G 60 -19.11 -24.96 -21.33
N ILE G 61 -19.34 -26.22 -20.95
CA ILE G 61 -18.27 -27.20 -20.86
C ILE G 61 -17.48 -27.15 -22.17
N HIS G 62 -18.19 -27.03 -23.30
CA HIS G 62 -17.56 -26.85 -24.59
C HIS G 62 -16.79 -25.52 -24.65
N ARG G 63 -17.48 -24.42 -24.28
CA ARG G 63 -16.86 -23.10 -24.26
C ARG G 63 -15.52 -23.15 -23.52
N LYS G 64 -15.47 -23.91 -22.43
CA LYS G 64 -14.29 -23.96 -21.57
C LYS G 64 -13.21 -24.85 -22.20
N VAL G 65 -13.64 -25.97 -22.80
CA VAL G 65 -12.74 -26.85 -23.53
C VAL G 65 -11.96 -26.01 -24.53
N MET G 66 -12.70 -25.39 -25.45
CA MET G 66 -12.11 -24.58 -26.51
C MET G 66 -11.20 -23.51 -25.90
N SER G 67 -11.77 -22.66 -25.03
CA SER G 67 -11.05 -21.50 -24.49
C SER G 67 -9.71 -21.91 -23.90
N GLN G 68 -9.52 -23.21 -23.62
CA GLN G 68 -8.28 -23.72 -23.06
C GLN G 68 -7.18 -23.81 -24.13
N ASN G 69 -7.57 -23.86 -25.39
CA ASN G 69 -6.66 -23.84 -26.53
C ASN G 69 -5.79 -25.10 -26.52
N PHE G 70 -6.45 -26.27 -26.45
CA PHE G 70 -5.77 -27.56 -26.51
C PHE G 70 -5.10 -27.74 -27.88
N THR G 71 -3.81 -28.04 -27.88
CA THR G 71 -3.07 -28.19 -29.14
C THR G 71 -1.79 -28.99 -28.89
N ASN G 72 -1.79 -30.24 -29.37
CA ASN G 72 -0.67 -31.17 -29.18
C ASN G 72 -0.61 -31.55 -27.71
N CYS G 73 -1.67 -32.22 -27.24
CA CYS G 73 -1.87 -32.47 -25.82
C CYS G 73 -1.25 -33.81 -25.43
N HIS G 74 0.07 -33.79 -25.17
CA HIS G 74 0.82 -34.99 -24.82
C HIS G 74 0.54 -35.37 -23.37
N THR G 75 -0.40 -36.31 -23.17
CA THR G 75 -0.68 -36.87 -21.85
C THR G 75 0.23 -38.09 -21.61
N LYS G 76 0.62 -38.33 -20.35
CA LYS G 76 1.31 -39.55 -19.96
C LYS G 76 0.79 -39.98 -18.59
N ILE G 77 -0.08 -41.01 -18.58
CA ILE G 77 -0.74 -41.48 -17.38
C ILE G 77 0.25 -42.23 -16.49
N ARG G 78 -0.07 -42.33 -15.19
CA ARG G 78 0.78 -42.95 -14.19
C ARG G 78 -0.01 -43.58 -13.04
N HIS G 79 -1.32 -43.28 -12.92
CA HIS G 79 -2.20 -43.95 -11.97
C HIS G 79 -3.64 -43.89 -12.47
N VAL G 80 -4.36 -45.00 -12.38
CA VAL G 80 -5.77 -45.08 -12.74
C VAL G 80 -6.41 -46.16 -11.87
N ASP G 81 -7.38 -45.79 -11.04
CA ASP G 81 -8.21 -46.79 -10.38
C ASP G 81 -9.68 -46.40 -10.59
N ALA G 82 -10.55 -47.41 -10.72
CA ALA G 82 -11.98 -47.20 -10.90
C ALA G 82 -12.76 -48.12 -9.97
N HIS G 83 -13.98 -47.69 -9.61
CA HIS G 83 -14.83 -48.42 -8.69
C HIS G 83 -16.29 -48.12 -8.99
N ALA G 84 -17.14 -49.14 -8.87
CA ALA G 84 -18.58 -48.92 -8.91
C ALA G 84 -18.97 -47.92 -7.82
N THR G 85 -19.85 -46.97 -8.17
CA THR G 85 -20.31 -45.93 -7.26
C THR G 85 -21.84 -45.87 -7.27
N LEU G 86 -22.42 -44.73 -6.84
CA LEU G 86 -23.86 -44.68 -6.63
C LEU G 86 -24.59 -45.20 -7.87
N ASN G 87 -25.70 -45.89 -7.59
CA ASN G 87 -26.43 -46.77 -8.52
C ASN G 87 -25.41 -47.61 -9.29
N ASP G 88 -25.33 -47.48 -10.62
CA ASP G 88 -24.43 -48.31 -11.41
C ASP G 88 -23.50 -47.43 -12.25
N GLY G 89 -22.98 -46.34 -11.65
CA GLY G 89 -21.99 -45.48 -12.28
C GLY G 89 -20.60 -45.81 -11.75
N VAL G 90 -19.54 -45.37 -12.45
CA VAL G 90 -18.17 -45.75 -12.10
C VAL G 90 -17.36 -44.50 -11.75
N VAL G 91 -16.69 -44.54 -10.60
CA VAL G 91 -15.82 -43.45 -10.17
C VAL G 91 -14.38 -43.80 -10.52
N VAL G 92 -13.70 -42.89 -11.27
CA VAL G 92 -12.33 -43.09 -11.69
C VAL G 92 -11.44 -42.02 -11.07
N GLN G 93 -10.30 -42.43 -10.50
CA GLN G 93 -9.24 -41.55 -10.05
C GLN G 93 -8.03 -41.66 -10.97
N VAL G 94 -7.38 -40.53 -11.29
CA VAL G 94 -6.38 -40.47 -12.35
C VAL G 94 -5.21 -39.60 -11.89
N MET G 95 -3.99 -39.93 -12.36
CA MET G 95 -2.79 -39.16 -12.06
C MET G 95 -1.78 -39.35 -13.18
N GLY G 96 -1.41 -38.24 -13.84
CA GLY G 96 -0.57 -38.29 -15.03
C GLY G 96 0.25 -37.01 -15.17
N LEU G 97 0.91 -36.86 -16.33
CA LEU G 97 1.49 -35.59 -16.72
C LEU G 97 0.86 -35.16 -18.05
N LEU G 98 0.71 -33.83 -18.22
CA LEU G 98 0.07 -33.27 -19.41
C LEU G 98 0.88 -32.08 -19.92
N SER G 99 0.89 -31.91 -21.26
CA SER G 99 1.71 -30.94 -21.97
C SER G 99 0.94 -30.38 -23.17
N ASN G 100 0.63 -29.07 -23.13
CA ASN G 100 -0.19 -28.44 -24.15
C ASN G 100 0.67 -27.51 -25.01
N ASN G 101 0.34 -27.42 -26.31
CA ASN G 101 1.09 -26.63 -27.27
C ASN G 101 2.58 -26.89 -27.08
N ASN G 102 2.92 -28.19 -26.99
CA ASN G 102 4.29 -28.66 -26.81
C ASN G 102 5.02 -27.76 -25.80
N GLN G 103 4.69 -27.91 -24.52
CA GLN G 103 5.37 -27.20 -23.43
C GLN G 103 5.84 -28.20 -22.37
N ALA G 104 6.43 -27.66 -21.29
CA ALA G 104 6.92 -28.47 -20.18
C ALA G 104 5.79 -29.34 -19.61
N LEU G 105 6.16 -30.54 -19.13
CA LEU G 105 5.21 -31.50 -18.59
C LEU G 105 4.80 -31.10 -17.17
N ARG G 106 3.48 -30.92 -16.96
CA ARG G 106 2.91 -30.51 -15.68
C ARG G 106 2.09 -31.66 -15.09
N ARG G 107 2.34 -32.00 -13.81
CA ARG G 107 1.56 -33.04 -13.13
C ARG G 107 0.11 -32.59 -12.87
N PHE G 108 -0.78 -33.57 -12.65
CA PHE G 108 -2.18 -33.28 -12.39
C PHE G 108 -2.85 -34.40 -11.59
N MET G 109 -4.01 -34.07 -11.00
CA MET G 109 -4.85 -34.99 -10.25
C MET G 109 -6.29 -34.80 -10.72
N GLN G 110 -7.00 -35.88 -11.03
CA GLN G 110 -8.27 -35.80 -11.73
C GLN G 110 -9.23 -36.87 -11.23
N THR G 111 -10.51 -36.51 -11.10
CA THR G 111 -11.58 -37.41 -10.70
C THR G 111 -12.76 -37.30 -11.68
N PHE G 112 -13.11 -38.45 -12.30
CA PHE G 112 -14.29 -38.60 -13.16
C PHE G 112 -15.42 -39.28 -12.39
N VAL G 113 -16.68 -39.00 -12.78
CA VAL G 113 -17.82 -39.86 -12.48
C VAL G 113 -18.62 -40.17 -13.76
N LEU G 114 -18.92 -41.46 -13.96
CA LEU G 114 -19.52 -42.01 -15.16
C LEU G 114 -20.88 -42.59 -14.78
N ALA G 115 -21.92 -42.20 -15.50
CA ALA G 115 -23.25 -42.76 -15.27
C ALA G 115 -23.65 -43.64 -16.45
N PRO G 116 -24.14 -44.88 -16.19
CA PRO G 116 -24.18 -45.95 -17.19
C PRO G 116 -24.03 -45.59 -18.67
N PHE G 124 -21.00 -44.93 -22.07
CA PHE G 124 -20.72 -44.22 -20.79
C PHE G 124 -20.45 -42.73 -21.04
N TYR G 125 -21.07 -41.86 -20.22
CA TYR G 125 -20.93 -40.41 -20.31
C TYR G 125 -20.49 -39.86 -18.96
N VAL G 126 -19.94 -38.64 -19.00
CA VAL G 126 -19.22 -38.04 -17.88
C VAL G 126 -20.14 -37.11 -17.09
N HIS G 127 -20.65 -37.61 -15.96
CA HIS G 127 -21.45 -36.79 -15.06
C HIS G 127 -20.56 -35.72 -14.41
N ASN G 128 -19.29 -36.06 -14.12
CA ASN G 128 -18.38 -35.16 -13.44
C ASN G 128 -16.96 -35.28 -13.99
N ASP G 129 -16.31 -34.13 -14.22
CA ASP G 129 -14.90 -34.07 -14.57
C ASP G 129 -14.21 -33.01 -13.69
N ILE G 130 -13.39 -33.47 -12.74
CA ILE G 130 -12.56 -32.59 -11.94
C ILE G 130 -11.09 -32.79 -12.35
N PHE G 131 -10.45 -31.74 -12.89
CA PHE G 131 -9.02 -31.78 -13.22
C PHE G 131 -8.29 -30.57 -12.64
N ARG G 132 -7.19 -30.81 -11.92
CA ARG G 132 -6.38 -29.77 -11.30
C ARG G 132 -4.88 -30.07 -11.53
N TYR G 133 -4.12 -29.04 -11.94
CA TYR G 133 -2.68 -29.14 -12.04
C TYR G 133 -2.08 -28.85 -10.66
N GLN G 134 -1.34 -29.83 -10.12
CA GLN G 134 -0.63 -29.72 -8.83
C GLN G 134 0.02 -28.34 -8.70
N ASP G 135 0.79 -27.94 -9.71
CA ASP G 135 1.55 -26.70 -9.66
C ASP G 135 0.66 -25.60 -9.11
N GLU G 136 -0.54 -25.45 -9.67
CA GLU G 136 -1.44 -24.35 -9.36
C GLU G 136 -2.20 -24.56 -8.06
N VAL G 137 -1.76 -25.50 -7.21
CA VAL G 137 -2.45 -25.80 -5.96
C VAL G 137 -1.43 -25.95 -4.84
N PHE G 138 -0.44 -26.83 -5.03
CA PHE G 138 0.62 -27.01 -4.04
C PHE G 138 1.64 -25.87 -4.16
N LYS H 5 19.51 22.36 38.68
CA LYS H 5 19.31 23.29 39.82
C LYS H 5 18.06 22.88 40.61
N PRO H 6 16.88 22.68 39.99
CA PRO H 6 15.72 22.11 40.69
C PRO H 6 16.06 20.79 41.40
N SER H 7 15.74 20.72 42.69
CA SER H 7 16.07 19.59 43.54
C SER H 7 15.60 18.28 42.89
N PRO H 8 16.53 17.35 42.54
CA PRO H 8 16.14 16.11 41.87
C PRO H 8 14.99 15.40 42.59
N LEU H 9 15.00 15.43 43.93
CA LEU H 9 13.93 14.76 44.64
C LEU H 9 12.61 15.33 44.14
N LEU H 10 12.53 16.67 44.12
CA LEU H 10 11.35 17.41 43.71
C LEU H 10 11.05 17.09 42.24
N VAL H 11 12.09 17.19 41.41
CA VAL H 11 11.96 16.85 40.01
C VAL H 11 11.25 15.50 39.92
N GLY H 12 11.81 14.50 40.63
CA GLY H 12 11.24 13.16 40.69
C GLY H 12 9.83 13.11 41.29
N ARG H 13 9.57 13.97 42.28
CA ARG H 13 8.30 13.95 43.01
C ARG H 13 7.23 14.75 42.27
N GLU H 14 7.63 15.61 41.32
CA GLU H 14 6.66 16.33 40.50
C GLU H 14 6.31 15.51 39.26
N PHE H 15 7.26 14.71 38.76
CA PHE H 15 7.00 13.84 37.62
C PHE H 15 6.05 12.72 38.02
N VAL H 16 6.39 12.04 39.11
CA VAL H 16 5.57 10.97 39.64
C VAL H 16 4.14 11.51 39.78
N ARG H 17 4.00 12.62 40.51
CA ARG H 17 2.72 13.22 40.86
C ARG H 17 1.80 13.27 39.64
N GLN H 18 2.34 13.84 38.54
CA GLN H 18 1.56 14.15 37.35
C GLN H 18 1.34 12.89 36.51
N TYR H 19 2.36 12.04 36.40
CA TYR H 19 2.30 10.79 35.67
C TYR H 19 1.08 9.96 36.07
N TYR H 20 0.94 9.68 37.37
CA TYR H 20 -0.17 8.87 37.87
C TYR H 20 -1.42 9.72 38.10
N THR H 21 -1.44 10.91 37.51
CA THR H 21 -2.62 11.76 37.44
C THR H 21 -3.14 11.71 36.01
N LEU H 22 -2.27 12.04 35.04
CA LEU H 22 -2.60 12.04 33.62
C LEU H 22 -3.12 10.68 33.15
N LEU H 23 -2.45 9.59 33.56
CA LEU H 23 -2.82 8.24 33.18
C LEU H 23 -4.30 7.97 33.49
N ASN H 24 -4.77 8.49 34.63
CA ASN H 24 -6.14 8.32 35.08
C ASN H 24 -7.11 8.93 34.07
N GLN H 25 -6.82 10.14 33.62
CA GLN H 25 -7.75 10.87 32.76
C GLN H 25 -7.33 10.72 31.30
N ALA H 26 -6.11 11.19 30.96
CA ALA H 26 -5.67 11.28 29.57
C ALA H 26 -4.43 10.41 29.33
N PRO H 27 -4.56 9.06 29.30
CA PRO H 27 -3.45 8.19 28.93
C PRO H 27 -3.18 8.08 27.43
N ASP H 28 -3.55 9.14 26.67
CA ASP H 28 -3.46 9.12 25.22
C ASP H 28 -2.73 10.37 24.73
N LEU H 30 -0.64 10.33 26.92
CA LEU H 30 0.45 10.25 27.92
C LEU H 30 1.80 9.92 27.28
N HIS H 31 1.88 9.95 25.95
CA HIS H 31 3.10 9.64 25.23
C HIS H 31 4.00 10.88 25.12
N ARG H 32 3.44 12.05 25.45
CA ARG H 32 4.08 13.33 25.21
C ARG H 32 5.34 13.47 26.07
N PHE H 33 5.45 12.67 27.14
CA PHE H 33 6.64 12.67 27.98
C PHE H 33 7.82 12.02 27.24
N TYR H 34 7.54 10.94 26.49
CA TYR H 34 8.56 10.04 25.96
C TYR H 34 9.03 10.47 24.57
N GLY H 35 10.31 10.23 24.27
CA GLY H 35 10.95 10.74 23.06
C GLY H 35 11.18 9.67 22.00
N LYS H 36 12.34 9.75 21.33
CA LYS H 36 12.62 8.98 20.12
C LYS H 36 13.67 7.90 20.39
N ASN H 37 14.30 7.96 21.57
CA ASN H 37 15.23 6.96 22.05
C ASN H 37 14.73 6.48 23.41
N SER H 38 13.42 6.27 23.51
CA SER H 38 12.77 6.05 24.79
C SER H 38 12.27 4.61 24.90
N SER H 39 12.55 3.95 26.03
CA SER H 39 11.92 2.68 26.38
C SER H 39 10.71 2.91 27.27
N TYR H 40 9.72 2.04 27.14
CA TYR H 40 8.56 2.00 28.01
C TYR H 40 8.13 0.54 28.15
N VAL H 41 7.65 0.15 29.33
CA VAL H 41 7.23 -1.24 29.51
C VAL H 41 5.81 -1.27 30.07
N HIS H 42 5.66 -1.27 31.40
CA HIS H 42 4.40 -1.60 32.03
C HIS H 42 4.07 -3.08 31.75
N GLY H 43 5.04 -3.95 32.05
CA GLY H 43 5.09 -5.28 31.43
C GLY H 43 4.05 -6.27 31.95
N GLY H 44 3.60 -7.14 31.05
CA GLY H 44 2.98 -8.41 31.40
C GLY H 44 3.69 -9.58 30.71
N LEU H 45 2.98 -10.70 30.51
CA LEU H 45 3.62 -11.96 30.21
C LEU H 45 3.38 -12.39 28.76
N ASP H 46 4.43 -12.98 28.14
CA ASP H 46 4.34 -13.82 26.96
C ASP H 46 3.39 -15.00 27.20
N SER H 47 3.18 -15.82 26.15
CA SER H 47 2.52 -17.11 26.27
C SER H 47 3.37 -18.09 27.08
N ASN H 48 4.65 -17.73 27.26
CA ASN H 48 5.61 -18.54 27.99
C ASN H 48 5.66 -18.12 29.47
N GLY H 49 5.01 -17.00 29.82
CA GLY H 49 5.13 -16.42 31.15
C GLY H 49 6.39 -15.57 31.34
N LYS H 50 7.00 -15.13 30.24
CA LYS H 50 8.17 -14.26 30.35
C LYS H 50 7.64 -12.82 30.45
N PRO H 51 8.25 -11.93 31.26
CA PRO H 51 7.91 -10.51 31.22
C PRO H 51 7.92 -9.94 29.79
N ALA H 52 6.95 -9.06 29.49
CA ALA H 52 6.80 -8.47 28.17
C ALA H 52 8.05 -7.68 27.81
N ASP H 53 8.32 -7.54 26.51
CA ASP H 53 9.48 -6.82 26.05
C ASP H 53 9.24 -5.32 26.15
N ALA H 54 10.32 -4.54 26.09
CA ALA H 54 10.29 -3.09 26.09
C ALA H 54 10.18 -2.59 24.65
N VAL H 55 9.22 -1.71 24.41
CA VAL H 55 9.08 -1.06 23.11
C VAL H 55 9.89 0.24 23.12
N TYR H 56 10.60 0.52 22.02
CA TYR H 56 11.42 1.73 21.90
C TYR H 56 10.84 2.63 20.81
N GLY H 57 10.86 3.95 21.06
CA GLY H 57 10.23 4.95 20.20
C GLY H 57 8.90 5.44 20.79
N GLN H 58 8.34 6.50 20.19
CA GLN H 58 7.15 7.15 20.73
C GLN H 58 5.88 6.54 20.14
N LYS H 59 5.90 6.24 18.83
CA LYS H 59 4.75 5.67 18.14
C LYS H 59 4.36 4.34 18.79
N GLU H 60 5.37 3.47 19.00
CA GLU H 60 5.16 2.16 19.59
C GLU H 60 4.74 2.32 21.05
N ILE H 61 5.35 3.28 21.77
CA ILE H 61 5.05 3.56 23.17
C ILE H 61 3.57 3.88 23.31
N HIS H 62 3.11 4.85 22.51
CA HIS H 62 1.73 5.30 22.51
C HIS H 62 0.79 4.11 22.32
N ARG H 63 1.07 3.30 21.29
CA ARG H 63 0.28 2.11 20.99
C ARG H 63 0.21 1.19 22.22
N LYS H 64 1.36 0.96 22.86
CA LYS H 64 1.44 0.00 23.95
C LYS H 64 0.60 0.50 25.13
N VAL H 65 0.69 1.81 25.40
CA VAL H 65 -0.05 2.42 26.50
C VAL H 65 -1.55 2.20 26.29
N MET H 66 -1.97 2.33 25.02
CA MET H 66 -3.37 2.18 24.64
C MET H 66 -3.78 0.71 24.65
N SER H 67 -2.81 -0.18 24.39
CA SER H 67 -3.05 -1.62 24.44
C SER H 67 -3.24 -2.10 25.88
N GLN H 68 -2.74 -1.35 26.87
CA GLN H 68 -2.92 -1.70 28.27
C GLN H 68 -4.29 -1.24 28.77
N ASN H 69 -4.92 -0.26 28.09
CA ASN H 69 -6.32 0.12 28.32
C ASN H 69 -6.54 0.65 29.73
N PHE H 70 -5.95 1.80 30.07
CA PHE H 70 -6.10 2.38 31.40
C PHE H 70 -7.47 3.05 31.54
N THR H 71 -8.17 2.71 32.63
CA THR H 71 -9.49 3.25 32.92
C THR H 71 -9.92 2.78 34.32
N CYS H 73 -7.76 4.52 37.16
CA CYS H 73 -6.28 4.37 37.17
C CYS H 73 -5.72 4.74 38.54
N HIS H 74 -6.27 4.14 39.60
CA HIS H 74 -6.04 4.59 40.97
C HIS H 74 -4.69 4.12 41.51
N THR H 75 -3.68 5.01 41.49
CA THR H 75 -2.35 4.68 41.98
C THR H 75 -2.20 5.08 43.45
N LYS H 76 -1.45 4.27 44.19
CA LYS H 76 -1.23 4.46 45.62
C LYS H 76 0.27 4.45 45.89
N ILE H 77 0.92 5.63 45.84
CA ILE H 77 2.38 5.77 45.84
C ILE H 77 2.92 5.64 47.27
N ARG H 78 3.67 4.55 47.53
CA ARG H 78 4.08 4.15 48.86
C ARG H 78 5.55 4.45 49.14
N HIS H 79 6.34 4.71 48.10
CA HIS H 79 7.77 5.01 48.20
C HIS H 79 8.22 5.76 46.95
N VAL H 80 9.05 6.78 47.14
CA VAL H 80 9.70 7.45 46.02
C VAL H 80 11.14 7.74 46.44
N ASP H 81 12.02 7.81 45.44
CA ASP H 81 13.39 8.28 45.62
C ASP H 81 13.90 8.70 44.24
N ALA H 82 14.49 9.89 44.18
CA ALA H 82 14.92 10.47 42.92
C ALA H 82 16.27 11.15 43.11
N HIS H 83 17.19 11.01 42.15
CA HIS H 83 18.55 11.49 42.31
C HIS H 83 19.09 12.04 40.98
N ALA H 84 20.00 13.01 41.08
CA ALA H 84 20.81 13.43 39.95
C ALA H 84 21.38 12.18 39.27
N THR H 85 21.51 12.23 37.94
CA THR H 85 22.43 11.39 37.20
C THR H 85 23.11 12.22 36.12
N LEU H 86 24.17 11.63 35.53
CA LEU H 86 25.08 12.28 34.60
C LEU H 86 24.35 13.18 33.60
N ASN H 87 24.87 14.42 33.48
CA ASN H 87 24.33 15.44 32.59
C ASN H 87 22.90 15.77 32.98
N ASP H 88 22.70 15.88 34.31
CA ASP H 88 21.65 16.70 34.89
C ASP H 88 20.29 16.01 34.73
N GLY H 89 20.29 14.70 34.52
CA GLY H 89 19.06 13.91 34.52
C GLY H 89 18.67 13.47 35.94
N VAL H 90 17.51 12.83 36.05
CA VAL H 90 16.96 12.39 37.33
C VAL H 90 16.50 10.93 37.24
N VAL H 91 17.33 10.00 37.70
CA VAL H 91 16.85 8.65 37.95
C VAL H 91 15.90 8.71 39.16
N VAL H 92 14.61 8.43 38.90
CA VAL H 92 13.58 8.27 39.91
C VAL H 92 13.52 6.78 40.24
N GLN H 93 12.75 6.41 41.28
CA GLN H 93 12.40 5.04 41.61
C GLN H 93 11.14 5.08 42.44
N VAL H 94 10.16 4.22 42.14
CA VAL H 94 8.86 4.26 42.78
C VAL H 94 8.41 2.85 43.14
N MET H 95 7.59 2.80 44.20
CA MET H 95 6.86 1.59 44.57
C MET H 95 5.52 1.97 45.18
N GLY H 96 4.46 1.32 44.69
CA GLY H 96 3.13 1.51 45.21
C GLY H 96 2.18 0.43 44.71
N LEU H 97 0.91 0.78 44.56
CA LEU H 97 -0.07 -0.12 43.97
C LEU H 97 -0.84 0.63 42.89
N LEU H 98 -1.34 -0.12 41.91
CA LEU H 98 -2.09 0.40 40.79
C LEU H 98 -3.34 -0.45 40.59
N SER H 99 -4.42 0.21 40.12
CA SER H 99 -5.66 -0.42 39.70
C SER H 99 -5.98 0.08 38.29
N ASN H 100 -6.63 -0.79 37.49
CA ASN H 100 -7.16 -0.42 36.19
C ASN H 100 -8.54 -1.08 36.04
N GLN H 103 -9.45 -2.42 38.87
CA GLN H 103 -9.98 -3.62 39.59
C GLN H 103 -9.30 -3.69 40.96
N ALA H 104 -8.73 -4.85 41.31
CA ALA H 104 -8.00 -5.02 42.57
C ALA H 104 -6.63 -4.36 42.48
N LEU H 105 -6.20 -3.78 43.61
CA LEU H 105 -4.89 -3.17 43.82
C LEU H 105 -3.75 -4.17 43.56
N ARG H 106 -2.80 -3.79 42.69
CA ARG H 106 -1.66 -4.63 42.33
C ARG H 106 -0.33 -3.89 42.52
N ARG H 107 0.51 -4.46 43.41
CA ARG H 107 1.79 -3.92 43.87
C ARG H 107 2.75 -3.81 42.68
N PHE H 108 3.59 -2.77 42.65
CA PHE H 108 4.53 -2.62 41.53
C PHE H 108 5.87 -2.05 41.99
N MET H 109 6.88 -2.25 41.12
CA MET H 109 8.21 -1.68 41.26
C MET H 109 8.53 -1.00 39.94
N GLN H 110 9.01 0.26 39.97
CA GLN H 110 9.23 1.02 38.74
C GLN H 110 10.46 1.92 38.86
N THR H 111 11.11 2.13 37.71
CA THR H 111 12.24 3.03 37.56
C THR H 111 11.91 4.04 36.46
N PHE H 112 12.42 5.28 36.57
CA PHE H 112 12.32 6.29 35.52
C PHE H 112 13.69 6.94 35.33
N VAL H 113 14.03 7.28 34.08
CA VAL H 113 15.15 8.18 33.83
C VAL H 113 14.65 9.42 33.09
N LEU H 114 14.33 10.47 33.87
CA LEU H 114 13.98 11.82 33.39
C LEU H 114 15.25 12.52 32.88
N ALA H 115 15.15 13.20 31.73
CA ALA H 115 16.31 13.82 31.10
C ALA H 115 16.00 15.25 30.63
N PRO H 116 17.04 16.12 30.47
CA PRO H 116 16.85 17.53 30.12
C PRO H 116 16.70 17.84 28.62
N GLU H 117 15.64 18.60 28.29
CA GLU H 117 15.22 18.93 26.93
C GLU H 117 16.37 19.54 26.12
N GLY H 118 17.21 20.35 26.76
CA GLY H 118 18.39 20.92 26.13
C GLY H 118 18.05 21.93 25.04
N VAL H 120 15.12 24.97 26.62
CA VAL H 120 14.32 25.27 27.84
C VAL H 120 15.14 24.87 29.08
N ALA H 121 14.64 25.20 30.27
CA ALA H 121 15.18 24.67 31.51
C ALA H 121 14.02 24.27 32.44
N ASN H 122 14.30 23.29 33.31
CA ASN H 122 13.36 22.76 34.29
C ASN H 122 12.17 22.07 33.61
N LYS H 123 12.40 21.48 32.44
CA LYS H 123 11.40 20.66 31.76
C LYS H 123 12.11 19.44 31.18
N PHE H 124 11.67 18.25 31.62
CA PHE H 124 12.39 17.00 31.39
C PHE H 124 11.49 16.01 30.65
N TYR H 125 12.11 15.10 29.88
CA TYR H 125 11.43 14.06 29.13
C TYR H 125 11.90 12.69 29.61
N VAL H 126 11.19 11.65 29.15
CA VAL H 126 11.41 10.27 29.58
C VAL H 126 12.27 9.54 28.54
N HIS H 127 13.49 9.16 28.96
CA HIS H 127 14.39 8.35 28.16
C HIS H 127 14.12 6.86 28.42
N ASN H 128 13.63 6.55 29.64
CA ASN H 128 13.43 5.18 30.10
C ASN H 128 12.26 5.15 31.09
N ASP H 129 11.31 4.21 30.93
CA ASP H 129 10.26 3.99 31.91
C ASP H 129 10.04 2.48 32.10
N ILE H 130 10.59 1.94 33.21
CA ILE H 130 10.58 0.51 33.50
C ILE H 130 9.58 0.25 34.63
N PHE H 131 8.34 -0.12 34.28
CA PHE H 131 7.34 -0.51 35.28
C PHE H 131 7.17 -2.03 35.29
N ARG H 132 6.87 -2.60 36.46
CA ARG H 132 6.64 -4.03 36.60
C ARG H 132 5.76 -4.29 37.82
N TYR H 133 4.63 -4.97 37.57
CA TYR H 133 3.73 -5.55 38.57
C TYR H 133 4.42 -6.76 39.21
N GLN H 134 4.43 -6.82 40.55
CA GLN H 134 5.28 -7.77 41.24
C GLN H 134 4.78 -9.18 40.99
N ASP H 135 3.46 -9.41 41.10
CA ASP H 135 2.88 -10.73 40.94
C ASP H 135 3.44 -11.43 39.68
N GLU H 136 3.47 -10.72 38.56
CA GLU H 136 3.98 -11.21 37.29
C GLU H 136 5.47 -11.54 37.35
N VAL H 137 6.14 -11.29 38.49
CA VAL H 137 7.56 -11.62 38.61
C VAL H 137 7.79 -12.59 39.77
N PHE H 138 7.20 -12.33 40.93
CA PHE H 138 7.21 -13.26 42.06
C PHE H 138 5.83 -13.91 42.19
N MET I 1 -29.77 10.70 -6.31
CA MET I 1 -30.13 11.34 -5.01
C MET I 1 -30.00 10.32 -3.87
N VAL I 2 -29.92 10.86 -2.64
CA VAL I 2 -29.82 10.08 -1.40
C VAL I 2 -30.65 10.85 -0.35
N MET I 3 -31.46 10.14 0.46
CA MET I 3 -32.32 10.79 1.47
C MET I 3 -32.13 10.16 2.85
N GLU I 4 -32.20 10.99 3.93
CA GLU I 4 -31.97 10.57 5.32
C GLU I 4 -31.71 11.78 6.23
N LYS I 5 -32.34 11.86 7.43
CA LYS I 5 -32.37 13.10 8.21
C LYS I 5 -31.74 12.96 9.61
N PRO I 6 -30.77 13.81 10.04
CA PRO I 6 -29.92 13.52 11.20
C PRO I 6 -30.47 13.82 12.60
N SER I 7 -30.19 12.89 13.52
CA SER I 7 -30.63 12.93 14.90
C SER I 7 -30.00 14.11 15.64
N PRO I 8 -30.67 14.70 16.65
CA PRO I 8 -30.03 15.73 17.48
C PRO I 8 -28.88 15.16 18.30
N LEU I 9 -29.04 13.92 18.80
CA LEU I 9 -27.98 13.23 19.52
C LEU I 9 -26.76 13.07 18.61
N LEU I 10 -27.02 12.81 17.33
CA LEU I 10 -25.97 12.58 16.37
C LEU I 10 -25.21 13.88 16.05
N VAL I 11 -25.94 15.00 15.82
CA VAL I 11 -25.33 16.29 15.51
C VAL I 11 -24.46 16.74 16.68
N GLY I 12 -25.01 16.54 17.89
CA GLY I 12 -24.34 16.92 19.12
C GLY I 12 -22.99 16.25 19.25
N ARG I 13 -23.02 14.90 19.30
CA ARG I 13 -21.85 14.06 19.53
C ARG I 13 -20.69 14.52 18.64
N GLU I 14 -20.99 14.82 17.38
CA GLU I 14 -19.96 15.21 16.42
C GLU I 14 -19.43 16.60 16.78
N PHE I 15 -20.32 17.61 16.75
CA PHE I 15 -19.97 18.97 17.15
C PHE I 15 -19.01 18.93 18.35
N VAL I 16 -19.44 18.26 19.42
CA VAL I 16 -18.63 18.15 20.61
C VAL I 16 -17.24 17.72 20.18
N ARG I 17 -17.16 16.55 19.55
CA ARG I 17 -15.89 15.95 19.14
C ARG I 17 -15.04 17.01 18.45
N GLN I 18 -15.58 17.65 17.41
CA GLN I 18 -14.85 18.62 16.60
C GLN I 18 -14.44 19.84 17.43
N TYR I 19 -15.28 20.27 18.38
CA TYR I 19 -15.09 21.50 19.13
C TYR I 19 -13.82 21.43 19.97
N TYR I 20 -13.73 20.38 20.80
CA TYR I 20 -12.64 20.19 21.73
C TYR I 20 -11.37 19.79 20.97
N THR I 21 -11.51 19.63 19.66
CA THR I 21 -10.43 19.20 18.79
C THR I 21 -9.87 20.41 18.05
N LEU I 22 -10.74 21.36 17.66
CA LEU I 22 -10.32 22.54 16.93
C LEU I 22 -9.52 23.51 17.80
N LEU I 23 -9.39 23.24 19.11
CA LEU I 23 -8.74 24.17 20.02
C LEU I 23 -7.31 23.73 20.36
N ASN I 24 -7.05 22.42 20.32
CA ASN I 24 -5.70 21.87 20.38
C ASN I 24 -5.16 21.74 18.95
N GLN I 25 -5.60 22.67 18.08
CA GLN I 25 -5.33 22.64 16.65
C GLN I 25 -6.30 23.60 15.96
N LEU I 30 -11.74 27.77 15.60
CA LEU I 30 -12.83 27.68 16.60
C LEU I 30 -13.79 28.85 16.45
N HIS I 31 -13.24 30.05 16.25
CA HIS I 31 -14.02 31.26 16.05
C HIS I 31 -15.08 31.11 14.96
N ARG I 32 -14.84 30.17 14.01
CA ARG I 32 -15.67 29.97 12.84
C ARG I 32 -17.01 29.30 13.21
N PHE I 33 -17.07 28.71 14.41
CA PHE I 33 -18.28 28.06 14.91
C PHE I 33 -19.45 29.04 15.07
N TYR I 34 -19.17 30.33 15.33
CA TYR I 34 -20.16 31.28 15.84
C TYR I 34 -20.53 32.32 14.77
N GLY I 35 -21.65 33.03 15.01
CA GLY I 35 -22.10 34.14 14.19
C GLY I 35 -22.09 35.47 14.95
N LYS I 36 -23.03 36.37 14.62
CA LYS I 36 -23.14 37.68 15.27
C LYS I 36 -23.96 37.52 16.56
N ASN I 37 -25.17 36.99 16.41
CA ASN I 37 -26.08 36.74 17.52
C ASN I 37 -25.45 35.80 18.55
N SER I 38 -24.34 35.15 18.18
CA SER I 38 -23.69 34.17 19.02
C SER I 38 -23.22 34.78 20.34
N SER I 39 -22.84 33.93 21.32
CA SER I 39 -22.26 34.45 22.55
CA SER I 39 -22.46 34.32 22.67
C SER I 39 -21.36 33.39 23.17
N TYR I 40 -20.65 33.80 24.24
CA TYR I 40 -19.53 33.03 24.77
C TYR I 40 -19.26 33.36 26.25
N VAL I 41 -18.97 32.32 27.05
CA VAL I 41 -18.69 32.41 28.47
C VAL I 41 -17.65 31.34 28.84
N ALA I 54 -19.07 38.25 29.31
CA ALA I 54 -20.00 37.42 28.51
C ALA I 54 -20.00 37.89 27.06
N VAL I 55 -19.01 37.38 26.30
CA VAL I 55 -18.62 37.93 25.01
C VAL I 55 -19.70 37.65 23.97
N TYR I 56 -19.98 38.63 23.09
CA TYR I 56 -20.87 38.44 21.96
C TYR I 56 -20.09 38.63 20.65
N GLY I 57 -20.63 38.12 19.53
CA GLY I 57 -20.10 38.36 18.19
C GLY I 57 -19.16 37.25 17.71
N GLN I 58 -18.88 37.23 16.40
CA GLN I 58 -17.77 36.46 15.85
C GLN I 58 -16.48 37.26 15.99
N LYS I 59 -16.56 38.58 15.72
CA LYS I 59 -15.46 39.52 15.90
C LYS I 59 -14.96 39.50 17.34
N GLU I 60 -15.85 39.79 18.30
CA GLU I 60 -15.48 39.90 19.71
C GLU I 60 -15.25 38.50 20.30
N ILE I 61 -15.84 37.47 19.67
CA ILE I 61 -15.68 36.09 20.08
C ILE I 61 -14.23 35.65 19.86
N HIS I 62 -13.77 35.78 18.60
CA HIS I 62 -12.42 35.43 18.18
C HIS I 62 -11.42 35.86 19.26
N ARG I 63 -11.51 37.15 19.63
CA ARG I 63 -10.59 37.79 20.55
C ARG I 63 -10.63 37.12 21.92
N LYS I 64 -11.83 36.70 22.36
CA LYS I 64 -12.05 36.19 23.70
C LYS I 64 -11.64 34.73 23.82
N VAL I 65 -11.52 34.04 22.67
CA VAL I 65 -11.01 32.67 22.63
C VAL I 65 -9.49 32.73 22.46
N MET I 66 -9.02 33.65 21.61
CA MET I 66 -7.62 33.93 21.43
C MET I 66 -7.00 34.38 22.74
N SER I 67 -7.69 35.30 23.43
CA SER I 67 -7.19 35.91 24.66
C SER I 67 -7.22 34.94 25.84
N GLN I 68 -7.70 33.71 25.63
CA GLN I 68 -7.51 32.64 26.59
C GLN I 68 -6.07 32.12 26.49
N ASN I 69 -5.40 32.43 25.38
CA ASN I 69 -3.98 32.13 25.18
C ASN I 69 -3.78 30.61 25.30
N PHE I 70 -4.47 29.87 24.41
CA PHE I 70 -4.49 28.42 24.43
C PHE I 70 -3.09 27.86 24.13
N THR I 71 -2.47 27.25 25.16
CA THR I 71 -1.20 26.56 25.00
C THR I 71 -1.43 25.04 25.06
N ASN I 72 -2.08 24.51 24.02
CA ASN I 72 -2.26 23.08 23.78
C ASN I 72 -3.27 22.50 24.77
N CYS I 73 -4.49 22.23 24.28
CA CYS I 73 -5.62 21.79 25.08
C CYS I 73 -6.02 20.36 24.77
N HIS I 74 -5.78 19.45 25.74
CA HIS I 74 -6.39 18.13 25.74
C HIS I 74 -7.67 18.18 26.58
N THR I 75 -8.73 17.56 26.06
CA THR I 75 -10.02 17.49 26.73
C THR I 75 -10.50 16.04 26.82
N LYS I 76 -10.75 15.56 28.05
CA LYS I 76 -11.48 14.32 28.25
C LYS I 76 -12.95 14.65 28.50
N ILE I 77 -13.76 14.45 27.45
CA ILE I 77 -15.20 14.45 27.57
C ILE I 77 -15.61 13.14 28.24
N ARG I 78 -16.61 13.21 29.13
CA ARG I 78 -16.97 12.09 29.98
C ARG I 78 -18.45 11.74 29.80
N HIS I 79 -19.26 12.74 29.40
CA HIS I 79 -20.61 12.48 28.93
C HIS I 79 -21.11 13.68 28.12
N VAL I 80 -22.15 13.44 27.32
CA VAL I 80 -22.80 14.42 26.48
C VAL I 80 -24.25 13.99 26.27
N ASP I 81 -25.20 14.88 26.59
CA ASP I 81 -26.56 14.79 26.08
C ASP I 81 -26.71 15.73 24.88
N ALA I 82 -27.74 15.49 24.05
CA ALA I 82 -28.10 16.40 22.98
C ALA I 82 -29.54 16.13 22.57
N HIS I 83 -30.35 17.17 22.57
CA HIS I 83 -31.79 17.07 22.37
C HIS I 83 -32.24 18.20 21.44
N ALA I 84 -33.26 17.92 20.64
CA ALA I 84 -33.81 18.93 19.75
C ALA I 84 -34.46 20.01 20.60
N THR I 85 -34.28 21.26 20.17
CA THR I 85 -34.88 22.40 20.85
C THR I 85 -35.46 23.34 19.80
N LEU I 86 -36.04 24.45 20.27
CA LEU I 86 -36.79 25.39 19.45
C LEU I 86 -36.06 25.66 18.12
N ASN I 87 -36.86 25.79 17.06
CA ASN I 87 -36.40 26.26 15.76
C ASN I 87 -35.38 25.26 15.19
N ASP I 88 -35.78 23.99 15.09
CA ASP I 88 -35.01 22.92 14.47
C ASP I 88 -33.55 22.97 14.93
N GLY I 89 -33.32 23.23 16.22
CA GLY I 89 -32.00 23.34 16.79
C GLY I 89 -31.75 22.27 17.86
N VAL I 90 -30.50 22.18 18.34
CA VAL I 90 -30.04 21.16 19.26
C VAL I 90 -29.47 21.82 20.52
N VAL I 91 -29.97 21.44 21.70
CA VAL I 91 -29.33 21.86 22.95
C VAL I 91 -28.40 20.74 23.43
N VAL I 92 -27.14 21.11 23.73
CA VAL I 92 -26.07 20.20 24.13
C VAL I 92 -25.58 20.57 25.54
N GLN I 93 -25.26 19.55 26.37
CA GLN I 93 -24.60 19.72 27.67
C GLN I 93 -23.47 18.70 27.85
N VAL I 94 -22.21 19.21 27.81
CA VAL I 94 -21.00 18.42 28.00
C VAL I 94 -20.65 18.38 29.49
N MET I 95 -19.96 17.32 29.92
CA MET I 95 -19.46 17.18 31.27
C MET I 95 -18.11 16.45 31.22
N GLY I 96 -17.01 17.13 31.60
CA GLY I 96 -15.67 16.57 31.42
C GLY I 96 -14.56 17.42 32.04
N LEU I 97 -13.32 17.22 31.57
CA LEU I 97 -12.13 17.88 32.11
C LEU I 97 -11.31 18.49 30.96
N LEU I 98 -10.64 19.63 31.24
CA LEU I 98 -9.83 20.33 30.24
C LEU I 98 -8.45 20.67 30.83
N SER I 99 -7.44 20.82 29.96
CA SER I 99 -6.06 21.06 30.35
C SER I 99 -5.37 22.04 29.39
N ASN I 100 -4.94 23.19 29.93
CA ASN I 100 -4.42 24.33 29.17
C ASN I 100 -2.95 24.57 29.54
N ASN I 101 -2.71 25.07 30.76
CA ASN I 101 -1.37 25.17 31.33
C ASN I 101 -1.42 24.83 32.82
N ALA I 104 -2.88 20.98 34.64
CA ALA I 104 -3.85 20.07 35.32
C ALA I 104 -5.23 20.20 34.68
N LEU I 105 -6.03 19.13 34.82
CA LEU I 105 -7.37 19.03 34.26
C LEU I 105 -8.39 19.34 35.37
N ARG I 106 -9.46 20.07 35.03
CA ARG I 106 -10.48 20.42 36.00
C ARG I 106 -11.87 19.98 35.49
N ARG I 107 -12.77 19.63 36.44
CA ARG I 107 -14.14 19.19 36.16
C ARG I 107 -14.97 20.37 35.67
N PHE I 108 -15.40 20.33 34.39
CA PHE I 108 -16.13 21.43 33.77
C PHE I 108 -17.49 20.95 33.26
N MET I 109 -18.21 21.87 32.61
CA MET I 109 -19.54 21.67 32.07
C MET I 109 -19.83 22.78 31.06
N GLN I 110 -20.26 22.39 29.86
CA GLN I 110 -20.48 23.34 28.79
C GLN I 110 -21.88 23.13 28.22
N THR I 111 -22.73 24.18 28.31
CA THR I 111 -24.08 24.21 27.77
C THR I 111 -24.08 24.85 26.38
N PHE I 112 -24.27 24.05 25.33
CA PHE I 112 -24.31 24.58 23.97
C PHE I 112 -25.75 24.60 23.42
N VAL I 113 -26.07 25.64 22.64
CA VAL I 113 -27.25 25.65 21.79
C VAL I 113 -26.78 25.73 20.34
N LEU I 114 -27.29 24.83 19.49
CA LEU I 114 -26.92 24.79 18.08
C LEU I 114 -28.15 25.12 17.25
N ALA I 115 -27.98 26.10 16.36
CA ALA I 115 -29.03 26.59 15.49
C ALA I 115 -28.69 26.20 14.05
N PRO I 116 -29.69 26.00 13.18
CA PRO I 116 -29.43 25.90 11.74
C PRO I 116 -28.84 27.18 11.17
N GLU I 117 -27.81 27.04 10.33
CA GLU I 117 -27.08 28.13 9.71
C GLU I 117 -27.88 28.73 8.55
N GLY I 118 -28.87 27.99 8.02
CA GLY I 118 -29.88 28.55 7.14
C GLY I 118 -29.64 28.24 5.65
N SER I 119 -28.51 28.75 5.14
CA SER I 119 -28.21 28.72 3.71
C SER I 119 -27.80 27.32 3.24
N VAL I 120 -27.33 26.47 4.17
CA VAL I 120 -26.85 25.14 3.88
C VAL I 120 -27.40 24.18 4.94
N ALA I 121 -27.93 23.04 4.50
CA ALA I 121 -28.56 22.07 5.40
C ALA I 121 -27.47 21.28 6.12
N ASN I 122 -27.88 20.67 7.24
CA ASN I 122 -26.98 19.97 8.15
C ASN I 122 -25.75 20.84 8.40
N LYS I 123 -25.97 22.16 8.46
CA LYS I 123 -24.99 23.12 8.95
C LYS I 123 -25.57 23.76 10.21
N PHE I 124 -24.76 23.86 11.26
CA PHE I 124 -25.18 24.44 12.53
C PHE I 124 -24.05 25.29 13.11
N TYR I 125 -24.40 26.42 13.73
CA TYR I 125 -23.41 27.28 14.38
C TYR I 125 -23.70 27.29 15.87
N VAL I 126 -22.74 27.79 16.67
CA VAL I 126 -22.92 27.88 18.11
C VAL I 126 -23.50 29.24 18.45
N HIS I 127 -24.74 29.22 18.95
CA HIS I 127 -25.48 30.43 19.31
C HIS I 127 -25.14 30.83 20.74
N ASN I 128 -25.23 29.88 21.67
CA ASN I 128 -24.84 30.07 23.06
C ASN I 128 -23.79 29.02 23.43
N ASP I 129 -22.80 29.44 24.25
CA ASP I 129 -21.64 28.65 24.66
C ASP I 129 -21.31 28.97 26.11
N ILE I 130 -22.09 28.45 27.06
CA ILE I 130 -21.86 28.71 28.48
C ILE I 130 -20.82 27.71 29.02
N PHE I 131 -19.71 28.20 29.59
CA PHE I 131 -18.65 27.40 30.21
C PHE I 131 -18.51 27.73 31.70
N ARG I 132 -18.66 26.72 32.58
CA ARG I 132 -18.39 26.87 34.01
C ARG I 132 -17.73 25.60 34.58
N TYR I 133 -17.12 25.68 35.77
CA TYR I 133 -16.37 24.59 36.39
C TYR I 133 -17.09 24.08 37.64
N GLN I 134 -16.36 23.29 38.45
CA GLN I 134 -16.78 22.94 39.80
C GLN I 134 -15.88 23.66 40.80
N GLU I 136 -14.85 26.60 40.79
CA GLU I 136 -15.28 28.02 40.73
C GLU I 136 -16.62 28.23 41.46
N VAL I 137 -17.55 27.27 41.36
CA VAL I 137 -18.89 27.45 41.89
C VAL I 137 -19.03 26.79 43.27
N PHE I 138 -18.45 25.60 43.44
CA PHE I 138 -18.57 24.84 44.69
C PHE I 138 -17.33 25.13 45.56
N MET J 1 8.00 71.50 9.39
CA MET J 1 7.49 72.07 8.11
C MET J 1 8.43 71.69 6.96
N VAL J 2 9.69 72.15 7.02
CA VAL J 2 10.75 71.70 6.14
C VAL J 2 11.99 71.45 7.00
N MET J 3 12.44 70.20 6.98
CA MET J 3 13.35 69.67 7.99
C MET J 3 14.16 68.54 7.35
N GLU J 4 15.43 68.41 7.74
CA GLU J 4 16.35 67.49 7.08
C GLU J 4 15.86 66.06 7.26
N LYS J 5 16.10 65.22 6.24
CA LYS J 5 15.96 63.77 6.35
C LYS J 5 16.69 63.30 7.61
N PRO J 6 16.16 62.32 8.37
CA PRO J 6 16.87 61.80 9.54
C PRO J 6 18.24 61.26 9.14
N SER J 7 19.15 61.25 10.11
CA SER J 7 20.43 60.56 9.99
C SER J 7 20.18 59.07 9.76
N PRO J 8 20.97 58.37 8.92
CA PRO J 8 20.94 56.90 8.89
C PRO J 8 21.29 56.29 10.26
N LEU J 9 22.23 56.92 10.96
CA LEU J 9 22.60 56.44 12.28
C LEU J 9 21.48 56.67 13.30
N LEU J 10 20.65 57.70 13.10
CA LEU J 10 19.53 57.93 14.00
C LEU J 10 18.51 56.80 13.86
N VAL J 11 18.30 56.32 12.61
CA VAL J 11 17.37 55.24 12.30
C VAL J 11 17.97 53.90 12.76
N GLY J 12 19.27 53.72 12.54
CA GLY J 12 19.96 52.50 12.94
C GLY J 12 19.85 52.22 14.44
N ARG J 13 20.26 53.20 15.25
CA ARG J 13 20.36 53.09 16.70
C ARG J 13 18.98 52.86 17.31
N GLU J 14 17.96 53.58 16.81
CA GLU J 14 16.60 53.40 17.30
C GLU J 14 16.18 51.95 17.02
N PHE J 15 16.13 51.58 15.74
CA PHE J 15 15.71 50.25 15.34
C PHE J 15 16.53 49.22 16.10
N VAL J 16 17.86 49.37 16.14
CA VAL J 16 18.73 48.42 16.84
C VAL J 16 18.29 48.26 18.28
N ARG J 17 17.73 49.33 18.86
CA ARG J 17 17.26 49.35 20.24
C ARG J 17 15.83 48.80 20.32
N GLN J 18 15.04 49.04 19.27
CA GLN J 18 13.67 48.53 19.15
C GLN J 18 13.71 47.01 19.01
N TYR J 19 14.66 46.51 18.20
CA TYR J 19 15.06 45.10 18.15
C TYR J 19 15.36 44.67 19.59
N TYR J 20 16.48 43.99 19.83
N TYR J 20 16.68 44.55 19.87
CA TYR J 20 16.56 43.06 20.95
CA TYR J 20 17.30 44.49 21.19
C TYR J 20 16.12 43.74 22.26
C TYR J 20 16.33 44.19 22.33
N THR J 21 15.06 44.55 22.16
CA THR J 21 14.15 44.86 23.26
C THR J 21 12.89 44.00 23.13
N LEU J 22 12.46 43.73 21.89
CA LEU J 22 11.25 42.94 21.63
C LEU J 22 11.58 41.44 21.55
N LEU J 23 12.84 41.09 21.23
CA LEU J 23 13.28 39.70 21.18
C LEU J 23 13.26 39.08 22.57
N ASN J 24 13.98 39.72 23.51
CA ASN J 24 14.13 39.25 24.87
C ASN J 24 12.78 39.29 25.62
N GLN J 25 11.81 40.09 25.14
CA GLN J 25 10.56 40.33 25.86
C GLN J 25 9.35 39.72 25.17
N ALA J 26 8.90 40.33 24.05
CA ALA J 26 7.54 40.12 23.54
C ALA J 26 7.53 39.74 22.05
N PRO J 27 8.25 38.69 21.60
CA PRO J 27 8.25 38.29 20.19
C PRO J 27 6.84 37.97 19.67
N PHE J 33 6.37 44.04 10.95
CA PHE J 33 7.49 43.11 11.25
C PHE J 33 8.38 43.05 10.00
N TYR J 34 9.13 41.95 9.84
CA TYR J 34 9.97 41.71 8.67
C TYR J 34 9.11 41.58 7.41
N GLY J 35 9.76 41.64 6.24
CA GLY J 35 9.13 41.39 4.95
C GLY J 35 9.32 39.95 4.47
N LYS J 36 8.63 39.60 3.37
CA LYS J 36 8.62 38.24 2.84
C LYS J 36 9.88 37.95 2.01
N ASN J 37 10.68 38.98 1.72
CA ASN J 37 11.85 38.86 0.88
C ASN J 37 13.12 39.06 1.70
N SER J 38 13.06 38.67 2.98
CA SER J 38 14.03 39.04 4.00
C SER J 38 14.82 37.81 4.47
N SER J 39 16.10 38.00 4.83
CA SER J 39 17.00 36.94 5.29
C SER J 39 16.94 36.75 6.81
N TYR J 40 17.58 35.68 7.33
CA TYR J 40 17.78 35.53 8.78
C TYR J 40 18.84 34.45 9.08
N VAL J 41 19.50 34.56 10.25
CA VAL J 41 20.38 33.54 10.79
C VAL J 41 20.90 33.98 12.17
N HIS J 42 21.05 33.01 13.09
CA HIS J 42 21.49 33.25 14.46
C HIS J 42 22.77 32.45 14.76
N GLY J 43 22.61 31.19 15.17
CA GLY J 43 23.73 30.31 15.45
C GLY J 43 24.16 29.53 14.21
N GLY J 44 25.06 28.56 14.41
CA GLY J 44 25.58 27.70 13.35
C GLY J 44 25.54 26.23 13.77
N LEU J 45 26.60 25.48 13.43
CA LEU J 45 26.75 24.10 13.84
C LEU J 45 28.22 23.85 14.20
N ALA J 52 23.59 26.60 10.65
CA ALA J 52 24.03 27.80 9.90
C ALA J 52 23.08 28.08 8.74
N ASP J 53 23.56 27.98 7.49
CA ASP J 53 22.90 28.59 6.34
C ASP J 53 21.95 29.70 6.83
N ALA J 54 20.64 29.61 6.55
CA ALA J 54 19.72 30.70 6.88
C ALA J 54 18.26 30.23 6.76
N VAL J 55 17.36 31.19 6.45
CA VAL J 55 15.92 30.96 6.38
C VAL J 55 15.29 32.23 5.83
N TYR J 56 14.52 32.10 4.75
CA TYR J 56 13.96 33.24 4.06
C TYR J 56 12.48 33.40 4.45
N GLY J 57 11.93 34.59 4.16
CA GLY J 57 10.61 34.98 4.65
C GLY J 57 10.64 35.23 6.16
N HIS J 74 19.28 39.43 27.32
CA HIS J 74 20.36 40.28 27.89
C HIS J 74 21.44 40.43 26.81
N THR J 75 21.67 41.67 26.37
CA THR J 75 22.60 41.94 25.27
C THR J 75 23.20 43.35 25.42
N LYS J 76 24.52 43.40 25.67
CA LYS J 76 25.28 44.64 25.81
C LYS J 76 25.85 45.05 24.45
N ILE J 77 25.44 46.21 23.93
CA ILE J 77 25.96 46.77 22.68
C ILE J 77 27.30 47.44 22.97
N ARG J 78 28.21 47.42 21.98
CA ARG J 78 29.53 48.02 22.12
C ARG J 78 29.87 48.91 20.92
N HIS J 79 29.20 48.67 19.79
CA HIS J 79 29.38 49.46 18.57
C HIS J 79 28.10 49.28 17.75
N VAL J 80 27.65 50.37 17.11
CA VAL J 80 26.55 50.35 16.17
C VAL J 80 26.77 51.50 15.21
N ASP J 81 27.29 51.22 14.01
CA ASP J 81 27.47 52.27 13.02
C ASP J 81 26.59 51.90 11.83
N ALA J 82 26.19 52.93 11.05
CA ALA J 82 25.06 52.82 10.14
C ALA J 82 25.18 53.87 9.05
N HIS J 83 24.88 53.47 7.80
CA HIS J 83 25.17 54.29 6.63
C HIS J 83 24.11 54.04 5.57
N ALA J 84 23.90 55.03 4.68
CA ALA J 84 22.92 54.92 3.61
C ALA J 84 23.37 53.91 2.58
N THR J 85 22.45 53.08 2.11
CA THR J 85 22.74 52.14 1.03
C THR J 85 21.81 52.43 -0.15
N LEU J 86 21.77 51.51 -1.12
CA LEU J 86 21.01 51.70 -2.35
C LEU J 86 19.59 52.17 -2.03
N ASN J 87 19.03 52.99 -2.93
CA ASN J 87 17.64 53.42 -2.87
C ASN J 87 17.22 53.85 -1.46
N ASP J 88 18.01 54.73 -0.83
CA ASP J 88 17.63 55.36 0.44
C ASP J 88 17.59 54.34 1.59
N GLY J 89 18.02 53.09 1.35
CA GLY J 89 18.06 52.08 2.40
C GLY J 89 19.11 52.39 3.45
N VAL J 90 19.16 51.58 4.49
CA VAL J 90 20.13 51.74 5.57
C VAL J 90 20.66 50.36 5.97
N VAL J 91 21.93 50.31 6.38
CA VAL J 91 22.59 49.07 6.75
C VAL J 91 23.39 49.32 8.03
N VAL J 92 23.24 48.43 9.02
CA VAL J 92 23.80 48.59 10.36
C VAL J 92 24.79 47.46 10.66
N GLN J 93 26.09 47.79 10.82
CA GLN J 93 27.08 46.85 11.34
C GLN J 93 27.08 46.87 12.87
N VAL J 94 26.38 45.92 13.47
CA VAL J 94 26.17 45.83 14.91
C VAL J 94 27.22 44.90 15.52
N MET J 95 27.83 45.34 16.64
CA MET J 95 28.64 44.51 17.53
C MET J 95 27.88 44.36 18.84
N GLY J 96 28.51 43.73 19.85
CA GLY J 96 27.93 43.59 21.18
C GLY J 96 28.19 42.20 21.77
N LEU J 97 27.38 41.84 22.79
CA LEU J 97 27.53 40.60 23.53
C LEU J 97 26.15 39.99 23.85
N LEU J 105 27.82 34.73 28.11
CA LEU J 105 27.86 36.12 27.57
C LEU J 105 28.85 36.18 26.42
N ARG J 106 28.36 35.86 25.20
CA ARG J 106 29.18 35.63 24.03
C ARG J 106 29.21 36.88 23.13
N ARG J 107 30.44 37.29 22.76
CA ARG J 107 30.69 38.27 21.71
C ARG J 107 29.98 37.87 20.40
N PHE J 108 29.52 38.87 19.64
CA PHE J 108 28.83 38.62 18.39
C PHE J 108 29.03 39.76 17.38
N MET J 109 28.86 39.39 16.10
CA MET J 109 28.87 40.31 14.97
C MET J 109 27.49 40.25 14.29
N GLN J 110 27.03 41.34 13.67
CA GLN J 110 25.68 41.39 13.08
C GLN J 110 25.61 42.41 11.93
N THR J 111 24.59 42.22 11.06
CA THR J 111 24.32 43.13 9.95
C THR J 111 22.82 43.11 9.59
N PHE J 112 22.20 44.29 9.62
CA PHE J 112 20.83 44.51 9.15
C PHE J 112 20.84 45.36 7.89
N VAL J 113 19.87 45.11 6.99
CA VAL J 113 19.51 46.04 5.93
C VAL J 113 18.04 46.42 6.12
N LEU J 114 17.83 47.69 6.50
CA LEU J 114 16.51 48.29 6.55
C LEU J 114 16.24 48.93 5.19
N ALA J 115 15.29 48.39 4.44
CA ALA J 115 14.86 49.04 3.21
C ALA J 115 13.60 49.85 3.49
N PRO J 116 13.40 50.98 2.77
CA PRO J 116 12.11 51.68 2.72
C PRO J 116 10.89 50.79 2.46
N GLU J 117 9.77 51.05 3.16
CA GLU J 117 8.49 50.44 2.85
C GLU J 117 7.76 51.33 1.84
N GLY J 118 8.35 51.43 0.64
CA GLY J 118 7.99 52.41 -0.37
C GLY J 118 6.55 52.25 -0.87
N ALA J 121 6.20 57.09 3.68
CA ALA J 121 7.39 57.97 3.77
C ALA J 121 8.11 57.75 5.10
N ASN J 122 9.43 57.53 5.02
CA ASN J 122 10.33 57.37 6.17
C ASN J 122 9.81 56.32 7.15
N LYS J 123 9.35 55.17 6.62
CA LYS J 123 9.22 53.95 7.39
C LYS J 123 10.05 52.88 6.69
N PHE J 124 10.58 51.90 7.44
CA PHE J 124 11.51 50.91 6.91
C PHE J 124 11.11 49.50 7.37
N TYR J 125 11.49 48.48 6.58
CA TYR J 125 11.38 47.09 7.02
C TYR J 125 12.78 46.46 6.93
N VAL J 126 12.99 45.42 7.76
CA VAL J 126 14.25 44.69 7.78
C VAL J 126 14.25 43.72 6.60
N HIS J 127 15.32 43.77 5.80
CA HIS J 127 15.47 42.98 4.59
C HIS J 127 16.60 41.97 4.76
N ASN J 128 17.32 41.99 5.89
CA ASN J 128 18.48 41.12 6.06
C ASN J 128 18.98 41.11 7.51
N ASP J 129 18.71 40.03 8.25
CA ASP J 129 19.25 39.80 9.58
C ASP J 129 20.42 38.82 9.45
N ILE J 130 21.59 39.14 10.04
CA ILE J 130 22.74 38.24 9.99
C ILE J 130 23.51 38.32 11.32
N PHE J 131 23.30 37.31 12.19
CA PHE J 131 23.96 37.21 13.47
C PHE J 131 24.99 36.07 13.47
N ARG J 132 26.21 36.33 13.97
CA ARG J 132 27.27 35.34 14.09
C ARG J 132 28.18 35.61 15.29
N TYR J 133 28.36 34.60 16.16
CA TYR J 133 29.24 34.68 17.33
C TYR J 133 30.68 34.32 16.95
N GLN J 134 31.64 35.06 17.52
CA GLN J 134 33.06 34.89 17.20
C GLN J 134 33.50 33.44 17.46
N ASP J 135 32.96 32.83 18.53
CA ASP J 135 33.40 31.53 19.03
C ASP J 135 33.31 30.45 17.94
N GLU J 136 32.25 30.52 17.12
CA GLU J 136 32.08 29.65 15.96
C GLU J 136 32.82 30.28 14.77
N VAL J 137 34.14 30.05 14.71
CA VAL J 137 35.02 30.56 13.63
C VAL J 137 36.48 30.24 13.97
N PHE J 138 36.87 30.42 15.24
CA PHE J 138 38.14 29.90 15.74
C PHE J 138 37.93 29.39 17.16
N ALA K 12 -8.58 16.85 9.40
CA ALA K 12 -7.95 15.93 10.38
C ALA K 12 -9.02 15.12 11.12
N LEU K 13 -10.08 15.81 11.58
CA LEU K 13 -11.20 15.17 12.27
C LEU K 13 -12.29 14.74 11.30
N ARG K 14 -12.07 14.96 9.99
CA ARG K 14 -12.94 14.45 8.94
C ARG K 14 -12.85 12.93 8.91
N ILE K 15 -14.00 12.27 9.06
CA ILE K 15 -14.15 10.84 8.75
C ILE K 15 -13.97 10.67 7.24
N THR K 16 -13.02 9.79 6.84
CA THR K 16 -12.65 9.52 5.45
C THR K 16 -12.51 8.03 5.16
N PHE K 17 -12.46 7.69 3.87
CA PHE K 17 -12.48 6.30 3.42
C PHE K 17 -11.49 6.10 2.28
N GLY K 18 -10.77 4.98 2.35
CA GLY K 18 -9.80 4.57 1.35
C GLY K 18 -9.08 3.31 1.81
N GLY K 19 -8.56 2.52 0.84
CA GLY K 19 -7.92 1.25 1.12
C GLY K 19 -6.51 1.42 1.71
N PRO K 20 -6.00 0.47 2.54
CA PRO K 20 -4.63 0.58 3.07
C PRO K 20 -3.59 0.25 1.99
N ALA L 12 42.46 -9.96 -3.89
CA ALA L 12 41.09 -10.40 -3.55
C ALA L 12 40.15 -10.14 -4.74
N LEU L 13 39.34 -11.14 -5.04
CA LEU L 13 38.43 -11.10 -6.17
C LEU L 13 37.29 -10.12 -5.93
N ARG L 14 36.99 -9.81 -4.66
CA ARG L 14 35.80 -9.04 -4.35
C ARG L 14 36.10 -7.55 -4.51
N ILE L 15 35.31 -6.87 -5.35
CA ILE L 15 35.18 -5.42 -5.35
C ILE L 15 34.27 -5.01 -4.20
N THR L 16 34.79 -4.19 -3.28
CA THR L 16 34.16 -3.94 -2.00
C THR L 16 33.85 -2.46 -1.82
N PHE L 17 32.79 -2.15 -1.06
CA PHE L 17 32.46 -0.79 -0.66
C PHE L 17 31.99 -0.77 0.80
N LEU M 13 12.63 -47.23 13.68
CA LEU M 13 12.87 -47.80 12.33
C LEU M 13 13.53 -46.75 11.43
N ARG M 14 12.73 -45.76 10.99
CA ARG M 14 13.15 -44.71 10.06
C ARG M 14 13.34 -43.40 10.83
N ILE M 15 14.10 -42.45 10.26
CA ILE M 15 14.41 -41.18 10.92
C ILE M 15 13.24 -40.22 10.76
N THR M 16 12.57 -39.89 11.87
CA THR M 16 11.39 -39.02 11.86
C THR M 16 11.61 -37.81 12.80
N PHE M 17 10.82 -36.75 12.61
CA PHE M 17 10.95 -35.52 13.39
C PHE M 17 9.59 -35.11 13.98
N GLY M 18 9.56 -34.90 15.30
CA GLY M 18 8.48 -34.20 15.97
C GLY M 18 8.85 -33.86 17.41
N GLY M 19 8.15 -32.88 17.99
CA GLY M 19 8.41 -32.40 19.34
C GLY M 19 8.04 -33.41 20.43
N PRO M 20 8.56 -33.26 21.67
CA PRO M 20 8.15 -34.09 22.81
C PRO M 20 6.73 -33.85 23.35
N ALA N 12 8.57 21.10 -35.41
CA ALA N 12 7.31 20.45 -34.97
C ALA N 12 7.43 20.09 -33.48
N LEU N 13 7.32 21.10 -32.63
CA LEU N 13 7.49 20.93 -31.20
C LEU N 13 6.23 20.29 -30.60
N ARG N 14 6.36 19.73 -29.41
CA ARG N 14 5.23 19.13 -28.71
C ARG N 14 4.50 20.21 -27.90
N ILE N 15 3.30 19.89 -27.40
CA ILE N 15 2.59 20.74 -26.46
C ILE N 15 3.34 20.64 -25.13
N THR N 16 3.53 21.78 -24.44
CA THR N 16 4.52 21.86 -23.38
C THR N 16 3.91 22.39 -22.08
N PHE N 17 3.39 23.63 -22.11
CA PHE N 17 2.84 24.33 -20.94
C PHE N 17 3.94 24.81 -19.99
N GLY N 18 3.83 26.08 -19.60
CA GLY N 18 4.73 26.71 -18.65
C GLY N 18 5.41 27.94 -19.26
N GLY N 19 6.47 28.40 -18.60
CA GLY N 19 7.31 29.47 -19.12
C GLY N 19 6.74 30.85 -18.83
N PRO N 20 7.55 31.92 -18.97
CA PRO N 20 7.06 33.29 -18.81
C PRO N 20 6.30 33.77 -20.07
N ALA O 12 4.84 8.86 -14.77
CA ALA O 12 3.84 8.34 -15.74
C ALA O 12 2.86 9.45 -16.14
N LEU O 13 3.38 10.45 -16.86
CA LEU O 13 2.61 11.52 -17.48
C LEU O 13 3.08 11.68 -18.91
N ARG O 14 3.78 10.65 -19.42
CA ARG O 14 4.59 10.78 -20.62
C ARG O 14 4.30 9.59 -21.56
N ILE O 15 4.02 9.92 -22.82
CA ILE O 15 3.66 8.95 -23.84
C ILE O 15 4.93 8.36 -24.42
N THR O 16 5.20 7.11 -24.02
CA THR O 16 6.44 6.40 -24.27
C THR O 16 6.22 5.39 -25.40
N PHE O 17 7.25 5.21 -26.25
CA PHE O 17 7.13 4.31 -27.39
C PHE O 17 8.25 3.28 -27.35
N GLY O 18 7.89 2.00 -27.15
CA GLY O 18 8.84 0.89 -27.27
C GLY O 18 8.14 -0.47 -27.30
N GLY O 19 8.70 -1.42 -28.08
CA GLY O 19 8.13 -2.75 -28.23
C GLY O 19 7.97 -3.50 -26.91
N PRO O 20 7.20 -4.60 -26.86
CA PRO O 20 7.07 -5.41 -25.63
C PRO O 20 8.13 -6.52 -25.52
N LEU P 13 -25.12 17.99 2.60
CA LEU P 13 -25.57 16.66 3.11
C LEU P 13 -24.73 16.23 4.32
N ARG P 14 -23.42 16.49 4.28
CA ARG P 14 -22.51 16.21 5.38
C ARG P 14 -22.74 17.25 6.48
N ILE P 15 -22.61 16.84 7.76
CA ILE P 15 -22.73 17.77 8.88
C ILE P 15 -21.50 18.69 8.90
N THR P 16 -21.74 19.99 8.66
CA THR P 16 -20.68 20.98 8.68
C THR P 16 -20.97 21.97 9.81
N PHE P 17 -19.94 22.76 10.19
CA PHE P 17 -20.03 23.72 11.28
C PHE P 17 -19.38 25.04 10.89
N GLY P 18 -20.23 26.08 10.83
CA GLY P 18 -19.83 27.44 10.55
C GLY P 18 -21.00 28.40 10.80
N GLY P 19 -20.67 29.68 11.05
CA GLY P 19 -21.67 30.72 11.20
C GLY P 19 -22.18 31.23 9.85
N PRO P 20 -23.27 32.02 9.81
CA PRO P 20 -23.63 32.83 8.64
C PRO P 20 -23.24 34.31 8.82
N ALA Q 12 -34.00 -26.92 8.94
CA ALA Q 12 -33.04 -27.96 8.49
C ALA Q 12 -32.28 -28.53 9.68
N LEU Q 13 -31.67 -29.72 9.46
CA LEU Q 13 -31.13 -30.50 10.54
C LEU Q 13 -29.72 -30.02 10.84
N ARG Q 14 -28.68 -30.53 10.16
CA ARG Q 14 -27.31 -30.21 10.55
C ARG Q 14 -26.30 -30.88 9.63
N ILE Q 15 -25.03 -30.87 10.09
CA ILE Q 15 -23.90 -31.47 9.40
C ILE Q 15 -24.19 -32.94 9.11
N THR Q 16 -24.25 -33.75 10.18
CA THR Q 16 -24.60 -35.16 10.19
C THR Q 16 -23.87 -35.95 9.09
N PHE Q 17 -22.92 -36.82 9.51
CA PHE Q 17 -22.32 -37.78 8.61
C PHE Q 17 -22.42 -39.19 9.19
N GLY Q 18 -22.84 -40.15 8.35
CA GLY Q 18 -22.60 -41.56 8.60
C GLY Q 18 -23.73 -42.48 8.12
N GLY Q 19 -23.68 -43.72 8.62
CA GLY Q 19 -24.83 -44.61 8.67
C GLY Q 19 -25.05 -45.39 7.39
N PRO Q 20 -26.27 -45.95 7.19
CA PRO Q 20 -26.54 -46.72 5.98
C PRO Q 20 -27.84 -46.25 5.32
#